data_8WV3
#
_entry.id   8WV3
#
_cell.length_a   76.828
_cell.length_b   96.884
_cell.length_c   103.987
_cell.angle_alpha   90.00
_cell.angle_beta   98.15
_cell.angle_gamma   90.00
#
_symmetry.space_group_name_H-M   'P 1 21 1'
#
loop_
_entity.id
_entity.type
_entity.pdbx_description
1 polymer 'ADP-ribose pyrophosphatase'
2 non-polymer DI(HYDROXYETHYL)ETHER
3 non-polymer 'HEXAETHYLENE GLYCOL'
4 water water
#
_entity_poly.entity_id   1
_entity_poly.type   'polypeptide(L)'
_entity_poly.pdbx_seq_one_letter_code
;MGKLFEEKTIKTEQIFSGRVVKLQVDDVELPNGQTSKREIVRHPGAVAVIAITNENKIVMVEQYRKPLEKSIVEIPAGKL
EKGEDPRITALRELEEETGYECEQMEWLISFATSPGFADEIIHIYVAKGLSKKENAAGLDEDEFVDLIELTLDEALQYIK
EQRIYDSKTVIAVQYLQLQEALKNKLE
;
_entity_poly.pdbx_strand_id   A,B,C,D,E,F,G,H
#
loop_
_chem_comp.id
_chem_comp.type
_chem_comp.name
_chem_comp.formula
P6G non-polymer 'HEXAETHYLENE GLYCOL' 'C12 H26 O7'
PEG non-polymer DI(HYDROXYETHYL)ETHER 'C4 H10 O3'
#
# COMPACT_ATOMS: atom_id res chain seq x y z
N PHE A 5 3.91 42.48 -5.58
CA PHE A 5 3.05 41.41 -6.08
C PHE A 5 2.58 40.49 -4.96
N GLU A 6 1.47 39.80 -5.18
CA GLU A 6 0.89 38.94 -4.16
C GLU A 6 -0.28 38.15 -4.77
N GLU A 7 -0.56 36.99 -4.19
CA GLU A 7 -1.75 36.21 -4.50
C GLU A 7 -2.55 36.12 -3.20
N LYS A 8 -3.40 37.11 -2.96
CA LYS A 8 -4.12 37.20 -1.69
C LYS A 8 -5.05 36.01 -1.52
N THR A 9 -5.08 35.48 -0.30
CA THR A 9 -5.96 34.37 0.06
C THR A 9 -7.37 34.88 0.32
N ILE A 10 -8.34 34.39 -0.45
CA ILE A 10 -9.73 34.75 -0.21
C ILE A 10 -10.50 33.69 0.58
N LYS A 11 -9.92 32.50 0.76
CA LYS A 11 -10.59 31.39 1.44
C LYS A 11 -9.61 30.24 1.62
N THR A 12 -9.61 29.63 2.80
CA THR A 12 -8.73 28.49 3.07
C THR A 12 -9.56 27.30 3.50
N GLU A 13 -9.11 26.11 3.10
CA GLU A 13 -9.69 24.87 3.57
C GLU A 13 -8.55 24.00 4.09
N GLN A 14 -8.66 23.58 5.35
CA GLN A 14 -7.64 22.77 5.99
C GLN A 14 -7.88 21.31 5.64
N ILE A 15 -6.87 20.66 5.07
CA ILE A 15 -7.00 19.30 4.58
C ILE A 15 -6.52 18.28 5.61
N PHE A 16 -5.45 18.60 6.32
CA PHE A 16 -4.78 17.60 7.13
C PHE A 16 -3.90 18.33 8.15
N SER A 17 -3.89 17.83 9.37
CA SER A 17 -3.05 18.39 10.43
C SER A 17 -2.36 17.23 11.13
N GLY A 18 -1.09 17.00 10.80
CA GLY A 18 -0.37 15.85 11.29
C GLY A 18 0.68 16.21 12.33
N ARG A 19 1.51 15.22 12.63
CA ARG A 19 2.60 15.45 13.57
C ARG A 19 3.73 16.25 12.91
N VAL A 20 3.95 16.08 11.62
CA VAL A 20 5.01 16.77 10.89
C VAL A 20 4.46 17.86 9.98
N VAL A 21 3.49 17.49 9.13
CA VAL A 21 3.02 18.42 8.10
C VAL A 21 1.56 18.74 8.33
N LYS A 22 1.21 19.94 7.92
CA LYS A 22 -0.16 20.42 7.82
C LYS A 22 -0.35 20.80 6.36
N LEU A 23 -1.53 20.50 5.82
CA LEU A 23 -1.82 20.78 4.43
C LEU A 23 -3.12 21.56 4.32
N GLN A 24 -3.10 22.63 3.54
CA GLN A 24 -4.27 23.44 3.29
C GLN A 24 -4.32 23.75 1.81
N VAL A 25 -5.50 24.18 1.36
CA VAL A 25 -5.68 24.63 -0.02
C VAL A 25 -6.27 26.03 0.03
N ASP A 26 -5.55 26.99 -0.52
CA ASP A 26 -5.97 28.38 -0.52
C ASP A 26 -6.59 28.69 -1.87
N ASP A 27 -7.74 29.37 -1.86
CA ASP A 27 -8.22 30.05 -3.04
C ASP A 27 -7.61 31.45 -3.05
N VAL A 28 -6.96 31.81 -4.15
CA VAL A 28 -6.20 33.04 -4.20
C VAL A 28 -6.71 33.95 -5.32
N GLU A 29 -6.43 35.24 -5.17
CA GLU A 29 -6.79 36.25 -6.14
C GLU A 29 -5.66 36.45 -7.14
N LEU A 30 -5.96 36.24 -8.43
CA LEU A 30 -5.02 36.53 -9.51
C LEU A 30 -5.44 37.80 -10.27
N PRO A 31 -4.53 38.36 -11.07
CA PRO A 31 -4.85 39.61 -11.78
C PRO A 31 -5.98 39.43 -12.78
N ASN A 32 -6.73 40.52 -12.99
CA ASN A 32 -7.87 40.57 -13.92
C ASN A 32 -9.03 39.71 -13.43
N GLY A 33 -9.41 39.92 -12.18
CA GLY A 33 -10.54 39.23 -11.62
C GLY A 33 -10.42 37.73 -11.77
N GLN A 34 -9.19 37.24 -11.77
CA GLN A 34 -8.95 35.82 -11.87
C GLN A 34 -8.83 35.21 -10.47
N THR A 35 -9.12 33.90 -10.39
CA THR A 35 -9.02 33.15 -9.14
C THR A 35 -8.25 31.87 -9.41
N SER A 36 -7.65 31.31 -8.36
CA SER A 36 -6.96 30.01 -8.45
C SER A 36 -6.95 29.34 -7.09
N LYS A 37 -6.45 28.10 -7.08
CA LYS A 37 -6.27 27.36 -5.84
C LYS A 37 -4.78 27.08 -5.65
N ARG A 38 -4.30 27.23 -4.42
CA ARG A 38 -2.91 26.96 -4.08
C ARG A 38 -2.86 25.90 -3.00
N GLU A 39 -2.18 24.79 -3.29
CA GLU A 39 -1.91 23.75 -2.30
C GLU A 39 -0.66 24.14 -1.53
N ILE A 40 -0.77 24.14 -0.22
CA ILE A 40 0.29 24.67 0.65
C ILE A 40 0.52 23.68 1.79
N VAL A 41 1.73 23.14 1.86
CA VAL A 41 2.16 22.37 3.02
C VAL A 41 2.83 23.31 4.01
N ARG A 42 2.36 23.29 5.24
CA ARG A 42 2.91 24.14 6.29
C ARG A 42 3.75 23.26 7.21
N HIS A 43 4.92 23.78 7.58
CA HIS A 43 5.91 23.03 8.31
C HIS A 43 6.58 24.03 9.24
N PRO A 44 6.90 23.63 10.47
CA PRO A 44 7.41 24.61 11.45
C PRO A 44 8.76 25.22 11.08
N GLY A 45 9.53 24.58 10.21
CA GLY A 45 10.91 25.01 10.03
C GLY A 45 11.87 24.10 10.77
N ALA A 46 13.14 24.17 10.41
CA ALA A 46 14.16 23.33 11.02
C ALA A 46 15.44 24.13 11.20
N VAL A 47 16.26 23.69 12.14
CA VAL A 47 17.60 24.22 12.32
C VAL A 47 18.55 23.06 12.04
N ALA A 48 19.59 23.32 11.28
CA ALA A 48 20.63 22.33 11.00
C ALA A 48 21.99 22.90 11.39
N VAL A 49 22.92 22.03 11.74
CA VAL A 49 24.18 22.47 12.34
C VAL A 49 25.34 21.90 11.53
N ILE A 50 26.25 22.77 11.11
CA ILE A 50 27.53 22.38 10.57
C ILE A 50 28.51 22.39 11.74
N ALA A 51 28.96 21.22 12.16
CA ALA A 51 29.87 21.11 13.30
C ALA A 51 31.15 20.43 12.84
N ILE A 52 32.29 21.07 13.13
CA ILE A 52 33.60 20.55 12.76
C ILE A 52 34.34 20.12 14.03
N THR A 53 34.82 18.86 14.04
CA THR A 53 35.50 18.30 15.20
C THR A 53 36.93 18.84 15.30
N ASN A 54 37.64 18.42 16.35
CA ASN A 54 39.06 18.75 16.52
C ASN A 54 39.92 18.12 15.43
N GLU A 55 39.51 16.96 14.93
CA GLU A 55 40.20 16.32 13.81
C GLU A 55 39.85 16.96 12.50
N ASN A 56 39.05 18.04 12.53
CA ASN A 56 38.66 18.73 11.32
C ASN A 56 37.74 17.84 10.47
N LYS A 57 36.89 17.06 11.13
CA LYS A 57 35.89 16.23 10.47
C LYS A 57 34.49 16.82 10.65
N ILE A 58 33.63 16.61 9.67
CA ILE A 58 32.24 17.10 9.74
C ILE A 58 31.38 16.05 10.43
N VAL A 59 30.59 16.49 11.42
CA VAL A 59 29.67 15.61 12.12
C VAL A 59 28.39 15.42 11.29
N MET A 60 28.04 14.16 11.00
CA MET A 60 26.76 13.89 10.32
C MET A 60 26.09 12.68 10.94
N VAL A 61 24.85 12.43 10.52
CA VAL A 61 24.04 11.31 11.00
C VAL A 61 23.47 10.58 9.80
N GLU A 62 23.37 9.25 9.90
CA GLU A 62 22.62 8.45 8.93
C GLU A 62 21.34 7.94 9.55
N GLN A 63 20.26 8.01 8.77
CA GLN A 63 18.95 7.57 9.24
C GLN A 63 18.09 7.27 8.02
N TYR A 64 17.07 6.42 8.23
CA TYR A 64 16.14 6.09 7.16
C TYR A 64 15.17 7.27 6.98
N ARG A 65 14.91 7.63 5.72
CA ARG A 65 13.95 8.68 5.39
C ARG A 65 12.86 8.02 4.57
N LYS A 66 11.73 7.75 5.21
CA LYS A 66 10.66 6.97 4.58
C LYS A 66 10.24 7.54 3.23
N PRO A 67 10.01 8.84 3.09
CA PRO A 67 9.60 9.37 1.77
C PRO A 67 10.55 8.97 0.65
N LEU A 68 11.85 8.80 0.94
CA LEU A 68 12.81 8.41 -0.08
C LEU A 68 12.98 6.92 -0.22
N GLU A 69 12.45 6.13 0.73
CA GLU A 69 12.73 4.69 0.82
C GLU A 69 14.24 4.44 0.74
N LYS A 70 14.99 5.20 1.54
CA LYS A 70 16.44 5.17 1.48
C LYS A 70 16.98 5.78 2.78
N SER A 71 18.11 5.28 3.25
CA SER A 71 18.78 5.96 4.35
C SER A 71 19.80 6.92 3.75
N ILE A 72 19.92 8.11 4.33
CA ILE A 72 20.89 9.09 3.84
C ILE A 72 21.69 9.68 4.99
N VAL A 73 22.82 10.25 4.62
CA VAL A 73 23.76 10.87 5.55
C VAL A 73 23.53 12.38 5.49
N GLU A 74 23.24 12.99 6.64
CA GLU A 74 22.84 14.39 6.69
C GLU A 74 23.61 15.12 7.79
N ILE A 75 23.70 16.45 7.68
CA ILE A 75 24.11 17.20 8.87
C ILE A 75 23.00 17.09 9.92
N PRO A 76 23.32 17.19 11.22
CA PRO A 76 22.29 17.08 12.26
C PRO A 76 21.29 18.22 12.14
N ALA A 77 20.02 17.93 12.43
CA ALA A 77 18.99 18.95 12.25
C ALA A 77 17.80 18.56 13.11
N GLY A 78 16.96 19.55 13.42
CA GLY A 78 15.72 19.24 14.13
C GLY A 78 14.71 20.35 13.98
N LYS A 79 13.47 20.02 14.33
CA LYS A 79 12.38 20.96 14.10
C LYS A 79 12.55 22.20 14.97
N LEU A 80 12.09 23.32 14.45
CA LEU A 80 12.15 24.60 15.14
C LEU A 80 10.77 24.90 15.72
N GLU A 81 10.72 25.15 17.03
CA GLU A 81 9.45 25.39 17.71
C GLU A 81 8.92 26.80 17.45
N LYS A 82 7.61 26.92 17.46
CA LYS A 82 6.95 28.18 17.12
C LYS A 82 7.42 29.30 18.05
N GLY A 83 7.97 30.36 17.47
CA GLY A 83 8.53 31.45 18.26
C GLY A 83 9.69 31.07 19.15
N GLU A 84 10.39 29.97 18.86
CA GLU A 84 11.57 29.57 19.64
C GLU A 84 12.83 30.09 18.98
N ASP A 85 13.77 30.56 19.81
CA ASP A 85 15.04 31.06 19.32
C ASP A 85 15.74 29.96 18.54
N PRO A 86 16.06 30.17 17.25
CA PRO A 86 16.69 29.09 16.48
C PRO A 86 18.06 28.69 17.02
N ARG A 87 18.84 29.64 17.55
CA ARG A 87 20.15 29.32 18.09
C ARG A 87 20.06 28.37 19.27
N ILE A 88 19.11 28.62 20.18
CA ILE A 88 18.86 27.73 21.30
C ILE A 88 18.55 26.32 20.79
N THR A 89 17.69 26.24 19.77
CA THR A 89 17.32 24.95 19.21
C THR A 89 18.51 24.25 18.58
N ALA A 90 19.38 25.01 17.90
CA ALA A 90 20.55 24.42 17.27
C ALA A 90 21.45 23.78 18.31
N LEU A 91 21.61 24.43 19.47
CA LEU A 91 22.47 23.88 20.52
C LEU A 91 21.90 22.60 21.09
N ARG A 92 20.59 22.60 21.39
CA ARG A 92 19.98 21.39 21.90
C ARG A 92 20.04 20.27 20.87
N GLU A 93 19.72 20.59 19.62
CA GLU A 93 19.70 19.56 18.58
C GLU A 93 21.07 18.92 18.43
N LEU A 94 22.12 19.74 18.39
CA LEU A 94 23.46 19.18 18.27
C LEU A 94 23.75 18.24 19.44
N GLU A 95 23.53 18.70 20.65
CA GLU A 95 23.81 17.86 21.80
C GLU A 95 22.97 16.59 21.75
N GLU A 96 21.66 16.76 21.54
CA GLU A 96 20.74 15.62 21.58
C GLU A 96 21.09 14.58 20.53
N GLU A 97 21.51 15.01 19.34
CA GLU A 97 21.65 14.06 18.25
C GLU A 97 23.05 13.48 18.12
N THR A 98 24.05 14.20 18.62
CA THR A 98 25.44 13.81 18.43
C THR A 98 26.22 13.74 19.74
N GLY A 99 25.69 14.26 20.84
CA GLY A 99 26.43 14.31 22.09
C GLY A 99 27.40 15.46 22.24
N TYR A 100 27.60 16.28 21.19
CA TYR A 100 28.57 17.36 21.25
C TYR A 100 27.92 18.62 21.82
N GLU A 101 28.65 19.30 22.70
CA GLU A 101 28.39 20.71 22.98
C GLU A 101 29.41 21.57 22.26
N CYS A 102 29.18 22.87 22.25
CA CYS A 102 30.08 23.73 21.50
C CYS A 102 30.25 25.05 22.24
N GLU A 103 31.36 25.72 21.95
CA GLU A 103 31.57 27.03 22.52
C GLU A 103 30.97 28.13 21.66
N GLN A 104 30.89 27.91 20.35
CA GLN A 104 30.41 28.89 19.38
C GLN A 104 29.35 28.26 18.48
N MET A 105 28.23 28.98 18.33
CA MET A 105 27.12 28.64 17.42
C MET A 105 26.63 29.90 16.71
N GLU A 106 26.90 30.01 15.40
CA GLU A 106 26.65 31.23 14.63
C GLU A 106 25.79 30.91 13.41
N TRP A 107 24.73 31.71 13.21
CA TRP A 107 23.89 31.57 12.03
C TRP A 107 24.71 31.76 10.75
N LEU A 108 24.43 30.94 9.74
CA LEU A 108 25.08 31.05 8.44
C LEU A 108 24.15 31.48 7.33
N ILE A 109 23.00 30.82 7.18
CA ILE A 109 22.12 31.04 6.02
C ILE A 109 20.77 30.39 6.29
N SER A 110 19.70 30.96 5.73
CA SER A 110 18.36 30.37 5.78
C SER A 110 17.81 30.25 4.36
N PHE A 111 16.97 29.24 4.12
CA PHE A 111 16.41 29.07 2.79
C PHE A 111 15.19 28.17 2.86
N ALA A 112 14.30 28.34 1.90
CA ALA A 112 13.17 27.42 1.76
C ALA A 112 13.65 26.16 1.04
N THR A 113 13.07 25.02 1.41
CA THR A 113 13.46 23.78 0.74
C THR A 113 12.70 23.52 -0.54
N SER A 114 11.37 23.72 -0.57
CA SER A 114 10.53 23.45 -1.74
C SER A 114 9.47 24.54 -1.83
N PRO A 115 9.85 25.72 -2.30
CA PRO A 115 8.92 26.86 -2.22
C PRO A 115 7.72 26.70 -3.14
N GLY A 116 7.74 25.71 -4.03
CA GLY A 116 6.60 25.43 -4.89
C GLY A 116 5.36 24.94 -4.14
N PHE A 117 5.53 24.36 -2.95
CA PHE A 117 4.38 23.81 -2.25
C PHE A 117 4.49 23.85 -0.74
N ALA A 118 5.67 24.17 -0.19
CA ALA A 118 5.91 24.10 1.26
C ALA A 118 6.46 25.41 1.78
N ASP A 119 6.08 25.79 3.01
CA ASP A 119 6.66 27.00 3.55
C ASP A 119 7.87 26.69 4.42
N GLU A 120 8.40 25.47 4.33
CA GLU A 120 9.46 25.05 5.25
C GLU A 120 10.72 25.85 5.00
N ILE A 121 11.32 26.38 6.09
CA ILE A 121 12.57 27.14 6.03
C ILE A 121 13.59 26.41 6.90
N ILE A 122 14.81 26.24 6.39
CA ILE A 122 15.92 25.68 7.16
C ILE A 122 16.85 26.81 7.56
N HIS A 123 17.27 26.81 8.82
CA HIS A 123 18.27 27.74 9.31
C HIS A 123 19.52 26.94 9.62
N ILE A 124 20.59 27.20 8.87
CA ILE A 124 21.85 26.52 9.09
C ILE A 124 22.71 27.37 10.01
N TYR A 125 23.27 26.74 11.04
CA TYR A 125 24.21 27.33 12.00
C TYR A 125 25.54 26.60 11.91
N VAL A 126 26.62 27.29 12.27
CA VAL A 126 27.95 26.68 12.26
C VAL A 126 28.45 26.62 13.70
N ALA A 127 28.79 25.41 14.17
CA ALA A 127 29.20 25.21 15.55
C ALA A 127 30.72 24.99 15.60
N LYS A 128 31.38 25.65 16.55
CA LYS A 128 32.82 25.58 16.66
C LYS A 128 33.23 25.29 18.10
N GLY A 129 34.38 24.65 18.28
CA GLY A 129 34.86 24.37 19.63
C GLY A 129 34.03 23.31 20.32
N LEU A 130 34.03 22.10 19.79
CA LEU A 130 33.18 21.03 20.28
C LEU A 130 33.79 20.31 21.47
N SER A 131 32.92 19.80 22.33
CA SER A 131 33.33 18.88 23.38
C SER A 131 32.24 17.83 23.56
N LYS A 132 32.62 16.67 24.08
CA LYS A 132 31.70 15.53 24.18
C LYS A 132 32.00 14.75 25.45
N LYS A 133 30.99 14.65 26.31
CA LYS A 133 30.92 13.70 27.41
C LYS A 133 30.65 12.33 26.83
N GLU A 134 31.60 11.40 26.95
CA GLU A 134 31.39 10.04 26.45
C GLU A 134 30.49 9.29 27.42
N ASN A 135 29.20 9.60 27.36
CA ASN A 135 28.19 8.84 28.08
C ASN A 135 27.91 7.57 27.28
N ASP A 142 17.17 7.15 20.72
CA ASP A 142 18.16 7.13 19.65
C ASP A 142 17.98 5.88 18.76
N GLU A 143 18.85 4.89 18.93
CA GLU A 143 18.68 3.57 18.32
C GLU A 143 18.78 3.57 16.80
N PHE A 144 17.96 4.38 16.11
CA PHE A 144 17.85 4.35 14.66
C PHE A 144 18.50 5.55 13.99
N VAL A 145 19.59 6.04 14.58
CA VAL A 145 20.42 7.09 14.00
C VAL A 145 21.88 6.69 14.21
N ASP A 146 22.65 6.66 13.13
CA ASP A 146 24.08 6.34 13.17
C ASP A 146 24.89 7.63 13.11
N LEU A 147 25.78 7.83 14.08
CA LEU A 147 26.70 8.97 14.08
C LEU A 147 27.86 8.67 13.15
N ILE A 148 28.24 9.68 12.35
CA ILE A 148 29.24 9.51 11.30
C ILE A 148 30.09 10.77 11.28
N GLU A 149 31.41 10.61 11.23
CA GLU A 149 32.30 11.76 11.13
C GLU A 149 33.14 11.63 9.86
N LEU A 150 33.13 12.69 9.04
CA LEU A 150 33.68 12.61 7.69
C LEU A 150 34.69 13.72 7.42
N THR A 151 35.77 13.37 6.73
CA THR A 151 36.62 14.42 6.17
C THR A 151 35.93 15.05 4.96
N LEU A 152 36.40 16.23 4.59
CA LEU A 152 35.83 16.91 3.44
C LEU A 152 35.85 16.03 2.22
N ASP A 153 36.99 15.38 1.96
CA ASP A 153 37.13 14.52 0.79
C ASP A 153 36.19 13.33 0.86
N GLU A 154 35.96 12.80 2.05
CA GLU A 154 35.00 11.71 2.20
C GLU A 154 33.58 12.20 1.92
N ALA A 155 33.24 13.40 2.40
CA ALA A 155 31.91 13.96 2.10
C ALA A 155 31.69 14.06 0.61
N LEU A 156 32.70 14.51 -0.15
CA LEU A 156 32.49 14.61 -1.59
C LEU A 156 32.30 13.23 -2.22
N GLN A 157 32.98 12.21 -1.69
CA GLN A 157 32.74 10.84 -2.15
C GLN A 157 31.31 10.41 -1.84
N TYR A 158 30.80 10.74 -0.66
CA TYR A 158 29.43 10.40 -0.32
C TYR A 158 28.44 11.08 -1.26
N ILE A 159 28.79 12.27 -1.76
CA ILE A 159 27.92 12.92 -2.76
C ILE A 159 27.96 12.15 -4.05
N LYS A 160 29.16 11.74 -4.50
CA LYS A 160 29.26 10.93 -5.72
C LYS A 160 28.39 9.68 -5.64
N GLU A 161 28.37 9.04 -4.49
CA GLU A 161 27.62 7.83 -4.28
C GLU A 161 26.18 8.09 -3.91
N GLN A 162 25.81 9.36 -3.67
CA GLN A 162 24.45 9.70 -3.28
C GLN A 162 24.09 9.12 -1.91
N ARG A 163 25.10 8.90 -1.06
CA ARG A 163 24.82 8.75 0.36
C ARG A 163 24.44 10.09 0.97
N ILE A 164 25.14 11.15 0.59
CA ILE A 164 24.65 12.50 0.83
C ILE A 164 23.75 12.88 -0.35
N TYR A 165 22.55 13.39 -0.03
CA TYR A 165 21.48 13.39 -1.05
C TYR A 165 20.34 14.33 -0.67
N ASP A 166 20.57 15.36 0.15
CA ASP A 166 19.52 16.32 0.44
C ASP A 166 20.11 17.72 0.45
N SER A 167 19.23 18.73 0.26
CA SER A 167 19.74 20.06 -0.07
C SER A 167 20.56 20.66 1.09
N LYS A 168 20.12 20.49 2.33
CA LYS A 168 20.83 21.15 3.43
C LYS A 168 22.24 20.60 3.59
N THR A 169 22.43 19.30 3.37
CA THR A 169 23.76 18.71 3.51
C THR A 169 24.66 19.05 2.33
N VAL A 170 24.11 19.09 1.11
CA VAL A 170 24.91 19.52 -0.01
C VAL A 170 25.38 20.95 0.20
N ILE A 171 24.48 21.80 0.68
CA ILE A 171 24.85 23.20 0.95
C ILE A 171 25.97 23.25 1.98
N ALA A 172 25.91 22.40 3.00
CA ALA A 172 26.96 22.35 4.02
C ALA A 172 28.30 21.91 3.44
N VAL A 173 28.31 20.88 2.58
CA VAL A 173 29.57 20.41 2.00
C VAL A 173 30.17 21.49 1.12
N GLN A 174 29.35 22.13 0.26
CA GLN A 174 29.89 23.20 -0.58
C GLN A 174 30.39 24.38 0.25
N TYR A 175 29.71 24.67 1.35
CA TYR A 175 30.22 25.68 2.28
C TYR A 175 31.63 25.35 2.75
N LEU A 176 31.84 24.11 3.19
CA LEU A 176 33.15 23.70 3.66
C LEU A 176 34.18 23.69 2.53
N GLN A 177 33.78 23.26 1.32
CA GLN A 177 34.65 23.40 0.16
C GLN A 177 35.08 24.84 -0.03
N LEU A 178 34.14 25.77 0.13
CA LEU A 178 34.46 27.18 -0.01
C LEU A 178 35.46 27.63 1.06
N GLN A 179 35.23 27.26 2.31
CA GLN A 179 36.18 27.67 3.36
C GLN A 179 37.60 27.23 3.02
N GLU A 180 37.72 26.07 2.37
CA GLU A 180 39.03 25.54 2.00
C GLU A 180 39.66 26.34 0.86
N ALA A 181 38.89 26.63 -0.19
CA ALA A 181 39.41 27.35 -1.34
C ALA A 181 39.82 28.78 -0.97
N LEU A 182 39.83 29.08 0.33
CA LEU A 182 40.17 30.40 0.85
C LEU A 182 40.90 30.34 2.20
N GLY B 2 21.19 4.23 1.08
CA GLY B 2 21.28 2.89 1.63
C GLY B 2 19.95 2.43 2.18
N LYS B 3 19.96 1.35 2.97
CA LYS B 3 18.73 0.80 3.54
C LYS B 3 18.82 0.69 5.06
N LEU B 4 19.71 1.47 5.69
CA LEU B 4 19.90 1.37 7.14
C LEU B 4 18.60 1.69 7.88
N PHE B 5 18.23 0.83 8.84
CA PHE B 5 17.04 1.03 9.68
C PHE B 5 15.74 1.10 8.87
N GLU B 6 15.67 0.33 7.80
CA GLU B 6 14.50 0.37 6.93
C GLU B 6 13.18 0.25 7.69
N GLU B 7 12.19 1.07 7.28
CA GLU B 7 10.86 1.12 7.90
C GLU B 7 9.82 0.61 6.90
N LYS B 8 9.42 -0.66 7.05
CA LYS B 8 8.51 -1.27 6.09
C LYS B 8 7.08 -0.76 6.24
N THR B 9 6.46 -0.48 5.09
CA THR B 9 5.05 -0.09 5.09
C THR B 9 4.20 -1.33 5.34
N ILE B 10 3.27 -1.21 6.29
CA ILE B 10 2.30 -2.27 6.56
C ILE B 10 0.89 -1.83 6.24
N LYS B 11 0.66 -0.55 5.92
CA LYS B 11 -0.66 0.00 5.65
C LYS B 11 -0.49 1.45 5.21
N THR B 12 -1.30 1.86 4.23
CA THR B 12 -1.19 3.18 3.64
C THR B 12 -2.59 3.77 3.52
N GLU B 13 -2.71 5.07 3.78
CA GLU B 13 -3.98 5.76 3.66
C GLU B 13 -3.75 7.02 2.84
N GLN B 14 -4.44 7.14 1.72
CA GLN B 14 -4.38 8.35 0.93
C GLN B 14 -5.17 9.45 1.63
N ILE B 15 -4.57 10.63 1.72
CA ILE B 15 -5.23 11.77 2.34
C ILE B 15 -5.73 12.77 1.31
N PHE B 16 -4.92 13.03 0.29
CA PHE B 16 -5.24 14.11 -0.61
C PHE B 16 -4.48 13.88 -1.89
N SER B 17 -5.11 14.25 -2.99
CA SER B 17 -4.50 14.13 -4.31
C SER B 17 -4.89 15.39 -5.05
N GLY B 18 -3.92 16.24 -5.32
CA GLY B 18 -4.20 17.54 -5.91
C GLY B 18 -3.40 17.78 -7.16
N ARG B 19 -3.29 19.05 -7.56
CA ARG B 19 -2.58 19.33 -8.80
C ARG B 19 -1.08 19.37 -8.62
N VAL B 20 -0.60 19.67 -7.41
CA VAL B 20 0.82 19.81 -7.14
C VAL B 20 1.32 18.72 -6.21
N VAL B 21 0.58 18.41 -5.15
CA VAL B 21 1.06 17.44 -4.18
C VAL B 21 0.02 16.36 -3.99
N LYS B 22 0.50 15.16 -3.67
CA LYS B 22 -0.27 14.10 -3.04
C LYS B 22 0.21 13.95 -1.61
N LEU B 23 -0.69 13.53 -0.73
CA LEU B 23 -0.33 13.29 0.66
C LEU B 23 -0.89 11.95 1.07
N GLN B 24 -0.07 11.15 1.74
CA GLN B 24 -0.47 9.84 2.25
C GLN B 24 0.15 9.67 3.63
N VAL B 25 -0.42 8.75 4.40
CA VAL B 25 0.13 8.39 5.70
C VAL B 25 0.34 6.89 5.69
N ASP B 26 1.59 6.46 5.88
CA ASP B 26 1.97 5.06 5.98
C ASP B 26 2.09 4.67 7.44
N ASP B 27 1.51 3.53 7.80
CA ASP B 27 1.92 2.86 9.03
C ASP B 27 3.15 2.03 8.69
N VAL B 28 4.19 2.12 9.52
CA VAL B 28 5.45 1.48 9.21
C VAL B 28 5.88 0.58 10.35
N GLU B 29 6.70 -0.41 10.03
CA GLU B 29 7.27 -1.32 10.99
C GLU B 29 8.73 -0.91 11.20
N LEU B 30 9.06 -0.48 12.41
CA LEU B 30 10.41 -0.09 12.74
C LEU B 30 11.30 -1.32 12.81
N PRO B 31 12.63 -1.13 12.84
CA PRO B 31 13.53 -2.30 12.84
C PRO B 31 13.32 -3.22 14.04
N ASN B 32 12.77 -2.71 15.14
CA ASN B 32 12.63 -3.47 16.37
C ASN B 32 11.24 -4.07 16.53
N GLY B 33 10.45 -4.08 15.46
CA GLY B 33 9.09 -4.58 15.53
C GLY B 33 8.05 -3.58 16.00
N GLN B 34 8.45 -2.43 16.53
CA GLN B 34 7.47 -1.40 16.85
C GLN B 34 6.85 -0.83 15.58
N THR B 35 5.75 -0.11 15.77
CA THR B 35 5.02 0.51 14.68
C THR B 35 4.94 2.02 14.91
N SER B 36 4.76 2.77 13.83
CA SER B 36 4.71 4.22 13.90
C SER B 36 4.12 4.74 12.60
N LYS B 37 3.86 6.04 12.55
CA LYS B 37 3.23 6.66 11.39
C LYS B 37 4.22 7.58 10.68
N ARG B 38 4.10 7.64 9.35
CA ARG B 38 4.97 8.47 8.52
C ARG B 38 4.10 9.23 7.53
N GLU B 39 4.16 10.55 7.60
CA GLU B 39 3.43 11.39 6.65
C GLU B 39 4.31 11.67 5.45
N ILE B 40 3.79 11.45 4.25
CA ILE B 40 4.59 11.46 3.04
C ILE B 40 3.91 12.30 1.97
N VAL B 41 4.60 13.36 1.56
CA VAL B 41 4.17 14.16 0.42
C VAL B 41 4.86 13.62 -0.84
N ARG B 42 4.07 13.27 -1.84
CA ARG B 42 4.62 12.80 -3.10
C ARG B 42 4.53 13.93 -4.11
N HIS B 43 5.62 14.13 -4.85
CA HIS B 43 5.82 15.24 -5.74
C HIS B 43 6.72 14.72 -6.86
N PRO B 44 6.38 14.94 -8.12
CA PRO B 44 7.25 14.47 -9.21
C PRO B 44 8.62 15.14 -9.14
N GLY B 45 9.59 14.53 -9.79
CA GLY B 45 10.92 15.12 -9.81
C GLY B 45 10.95 16.45 -10.54
N ALA B 46 12.11 17.10 -10.55
CA ALA B 46 12.29 18.32 -11.31
C ALA B 46 13.70 18.35 -11.86
N VAL B 47 13.86 18.99 -13.02
CA VAL B 47 15.17 19.31 -13.56
C VAL B 47 15.37 20.81 -13.42
N ALA B 48 16.55 21.21 -12.97
CA ALA B 48 16.91 22.61 -12.81
C ALA B 48 18.18 22.87 -13.58
N VAL B 49 18.37 24.11 -14.04
CA VAL B 49 19.45 24.44 -14.95
C VAL B 49 20.27 25.58 -14.39
N ILE B 50 21.58 25.35 -14.27
CA ILE B 50 22.56 26.40 -14.02
C ILE B 50 23.09 26.82 -15.38
N ALA B 51 22.69 28.01 -15.82
CA ALA B 51 23.04 28.53 -17.14
C ALA B 51 23.89 29.77 -16.97
N ILE B 52 25.17 29.67 -17.35
CA ILE B 52 26.10 30.78 -17.29
C ILE B 52 26.28 31.34 -18.69
N THR B 53 26.12 32.65 -18.84
CA THR B 53 26.25 33.23 -20.16
C THR B 53 27.72 33.45 -20.51
N ASN B 54 27.95 33.85 -21.78
CA ASN B 54 29.27 34.25 -22.23
C ASN B 54 29.89 35.35 -21.36
N GLU B 55 29.05 36.09 -20.65
CA GLU B 55 29.45 37.23 -19.85
C GLU B 55 29.66 36.85 -18.38
N ASN B 56 29.64 35.56 -18.07
CA ASN B 56 29.89 35.11 -16.71
C ASN B 56 28.73 35.42 -15.78
N LYS B 57 27.50 35.51 -16.32
CA LYS B 57 26.32 35.82 -15.54
C LYS B 57 25.41 34.60 -15.45
N ILE B 58 24.76 34.41 -14.30
CA ILE B 58 23.85 33.29 -14.12
C ILE B 58 22.43 33.74 -14.45
N VAL B 59 21.76 32.95 -15.28
CA VAL B 59 20.42 33.24 -15.75
C VAL B 59 19.43 32.73 -14.70
N MET B 60 18.60 33.61 -14.16
CA MET B 60 17.57 33.18 -13.23
C MET B 60 16.23 33.84 -13.56
N VAL B 61 15.22 33.42 -12.79
CA VAL B 61 13.84 33.83 -12.98
C VAL B 61 13.26 34.21 -11.61
N GLU B 62 12.57 35.34 -11.57
CA GLU B 62 11.84 35.73 -10.37
C GLU B 62 10.40 35.24 -10.47
N GLN B 63 9.89 34.71 -9.37
CA GLN B 63 8.50 34.27 -9.37
C GLN B 63 7.95 34.31 -7.95
N TYR B 64 6.66 34.60 -7.87
CA TYR B 64 5.93 34.55 -6.62
C TYR B 64 5.81 33.11 -6.16
N ARG B 65 6.10 32.87 -4.89
CA ARG B 65 5.90 31.56 -4.28
C ARG B 65 4.89 31.75 -3.15
N LYS B 66 3.63 31.38 -3.42
CA LYS B 66 2.58 31.56 -2.42
C LYS B 66 2.92 30.97 -1.06
N PRO B 67 3.49 29.77 -0.96
CA PRO B 67 3.79 29.23 0.39
C PRO B 67 4.64 30.17 1.21
N LEU B 68 5.50 30.97 0.59
CA LEU B 68 6.42 31.85 1.27
C LEU B 68 5.88 33.26 1.44
N GLU B 69 4.78 33.59 0.77
CA GLU B 69 4.28 34.97 0.67
C GLU B 69 5.39 35.92 0.20
N LYS B 70 6.04 35.57 -0.91
CA LYS B 70 7.05 36.47 -1.45
C LYS B 70 7.56 35.93 -2.78
N SER B 71 8.15 36.84 -3.56
CA SER B 71 8.84 36.50 -4.79
C SER B 71 10.30 36.23 -4.46
N ILE B 72 10.86 35.21 -5.09
CA ILE B 72 12.26 34.90 -4.90
C ILE B 72 12.88 34.72 -6.26
N VAL B 73 14.20 34.79 -6.29
CA VAL B 73 15.00 34.68 -7.50
C VAL B 73 15.56 33.26 -7.57
N GLU B 74 15.24 32.50 -8.64
CA GLU B 74 15.61 31.08 -8.72
C GLU B 74 16.24 30.74 -10.06
N ILE B 75 16.97 29.61 -10.09
CA ILE B 75 17.43 29.08 -11.38
C ILE B 75 16.23 28.47 -12.07
N PRO B 76 16.21 28.41 -13.41
CA PRO B 76 15.07 27.80 -14.11
C PRO B 76 14.95 26.33 -13.74
N ALA B 77 13.72 25.83 -13.66
CA ALA B 77 13.47 24.43 -13.36
C ALA B 77 12.11 24.05 -13.90
N GLY B 78 11.97 22.78 -14.29
CA GLY B 78 10.68 22.27 -14.72
C GLY B 78 10.45 20.85 -14.21
N LYS B 79 9.19 20.41 -14.32
CA LYS B 79 8.79 19.10 -13.84
C LYS B 79 9.35 18.00 -14.72
N LEU B 80 9.67 16.87 -14.10
CA LEU B 80 10.33 15.76 -14.79
C LEU B 80 9.29 14.89 -15.50
N GLU B 81 9.57 14.53 -16.76
CA GLU B 81 8.64 13.84 -17.64
C GLU B 81 9.07 12.38 -17.81
N LYS B 82 8.39 11.50 -17.07
CA LYS B 82 8.65 10.06 -17.11
C LYS B 82 8.66 9.56 -18.55
N GLY B 83 9.72 8.86 -18.93
CA GLY B 83 9.86 8.42 -20.31
C GLY B 83 10.40 9.48 -21.23
N GLU B 84 11.15 10.44 -20.68
CA GLU B 84 11.78 11.48 -21.46
C GLU B 84 13.16 11.70 -20.88
N ASP B 85 14.15 11.84 -21.76
CA ASP B 85 15.49 12.15 -21.29
C ASP B 85 15.42 13.41 -20.42
N PRO B 86 15.84 13.34 -19.16
CA PRO B 86 15.96 14.55 -18.34
C PRO B 86 16.79 15.62 -19.02
N ARG B 87 17.77 15.23 -19.82
CA ARG B 87 18.61 16.20 -20.50
C ARG B 87 17.82 16.97 -21.54
N ILE B 88 16.87 16.30 -22.22
CA ILE B 88 15.97 17.01 -23.11
C ILE B 88 15.05 17.93 -22.32
N THR B 89 14.51 17.44 -21.21
CA THR B 89 13.65 18.27 -20.37
C THR B 89 14.39 19.53 -19.91
N ALA B 90 15.67 19.40 -19.60
CA ALA B 90 16.45 20.57 -19.20
C ALA B 90 16.65 21.54 -20.36
N LEU B 91 17.00 21.03 -21.55
CA LEU B 91 17.12 21.91 -22.71
C LEU B 91 15.82 22.64 -22.98
N ARG B 92 14.69 21.93 -22.90
CA ARG B 92 13.41 22.57 -23.18
C ARG B 92 13.14 23.68 -22.17
N GLU B 93 13.36 23.42 -20.88
CA GLU B 93 13.07 24.39 -19.84
C GLU B 93 13.91 25.65 -20.02
N LEU B 94 15.20 25.48 -20.32
CA LEU B 94 16.07 26.62 -20.58
C LEU B 94 15.48 27.54 -21.65
N GLU B 95 15.09 26.97 -22.78
CA GLU B 95 14.55 27.79 -23.87
C GLU B 95 13.21 28.42 -23.48
N GLU B 96 12.26 27.60 -23.03
CA GLU B 96 10.95 28.11 -22.67
C GLU B 96 11.05 29.23 -21.64
N GLU B 97 11.86 29.03 -20.59
CA GLU B 97 11.84 29.99 -19.49
C GLU B 97 12.74 31.20 -19.75
N THR B 98 13.78 31.03 -20.59
CA THR B 98 14.76 32.10 -20.77
C THR B 98 15.04 32.42 -22.23
N GLY B 99 14.53 31.65 -23.18
CA GLY B 99 14.86 31.85 -24.58
C GLY B 99 16.30 31.57 -24.93
N TYR B 100 17.08 31.00 -24.03
CA TYR B 100 18.47 30.70 -24.32
C TYR B 100 18.59 29.31 -24.91
N GLU B 101 19.46 29.20 -25.90
CA GLU B 101 19.86 27.94 -26.50
C GLU B 101 21.27 27.63 -26.01
N CYS B 102 21.64 26.36 -26.03
CA CYS B 102 22.93 26.01 -25.44
C CYS B 102 23.54 24.83 -26.18
N GLU B 103 24.87 24.76 -26.13
CA GLU B 103 25.59 23.70 -26.82
C GLU B 103 25.77 22.44 -25.97
N GLN B 104 25.93 22.59 -24.65
CA GLN B 104 26.17 21.47 -23.73
C GLN B 104 25.21 21.53 -22.54
N MET B 105 24.68 20.36 -22.14
CA MET B 105 23.81 20.22 -20.96
C MET B 105 24.27 19.00 -20.15
N GLU B 106 24.98 19.25 -19.05
CA GLU B 106 25.66 18.19 -18.31
C GLU B 106 25.08 18.05 -16.89
N TRP B 107 24.80 16.82 -16.50
CA TRP B 107 24.26 16.57 -15.16
C TRP B 107 25.30 16.89 -14.09
N LEU B 108 24.91 17.69 -13.11
CA LEU B 108 25.84 18.01 -12.02
C LEU B 108 25.60 17.18 -10.78
N ILE B 109 24.35 17.12 -10.30
CA ILE B 109 24.05 16.56 -8.99
C ILE B 109 22.54 16.43 -8.88
N SER B 110 22.09 15.45 -8.09
CA SER B 110 20.68 15.29 -7.74
C SER B 110 20.55 15.26 -6.21
N PHE B 111 19.41 15.70 -5.70
CA PHE B 111 19.23 15.65 -4.26
C PHE B 111 17.75 15.82 -3.93
N ALA B 112 17.37 15.30 -2.75
CA ALA B 112 16.04 15.52 -2.19
C ALA B 112 15.95 16.90 -1.53
N THR B 113 14.81 17.57 -1.69
CA THR B 113 14.71 18.90 -1.09
C THR B 113 14.40 18.83 0.39
N SER B 114 13.47 17.94 0.77
CA SER B 114 12.95 17.88 2.14
C SER B 114 12.68 16.44 2.50
N PRO B 115 13.72 15.63 2.70
CA PRO B 115 13.52 14.18 2.84
C PRO B 115 12.77 13.76 4.09
N GLY B 116 12.55 14.65 5.05
CA GLY B 116 11.77 14.27 6.23
C GLY B 116 10.28 14.14 5.98
N PHE B 117 9.75 14.72 4.91
CA PHE B 117 8.32 14.52 4.63
C PHE B 117 7.98 14.42 3.16
N ALA B 118 8.89 14.72 2.22
CA ALA B 118 8.56 14.72 0.80
C ALA B 118 9.53 13.85 0.01
N ASP B 119 9.05 13.30 -1.12
CA ASP B 119 9.93 12.51 -1.98
C ASP B 119 10.44 13.30 -3.18
N GLU B 120 10.33 14.63 -3.15
CA GLU B 120 10.74 15.46 -4.27
C GLU B 120 12.25 15.42 -4.49
N ILE B 121 12.67 15.10 -5.71
CA ILE B 121 14.09 15.05 -6.06
C ILE B 121 14.36 16.09 -7.14
N ILE B 122 15.45 16.84 -6.99
CA ILE B 122 15.87 17.82 -7.99
C ILE B 122 17.14 17.33 -8.68
N HIS B 123 17.15 17.40 -10.02
CA HIS B 123 18.32 17.07 -10.83
C HIS B 123 18.88 18.33 -11.49
N ILE B 124 20.05 18.77 -11.06
CA ILE B 124 20.67 19.98 -11.62
C ILE B 124 21.58 19.60 -12.77
N TYR B 125 21.41 20.30 -13.89
CA TYR B 125 22.23 20.26 -15.09
C TYR B 125 22.92 21.61 -15.27
N VAL B 126 24.13 21.58 -15.85
CA VAL B 126 24.89 22.81 -16.14
C VAL B 126 24.90 23.04 -17.65
N ALA B 127 24.51 24.24 -18.06
CA ALA B 127 24.41 24.59 -19.46
C ALA B 127 25.58 25.51 -19.83
N LYS B 128 26.31 25.16 -20.89
CA LYS B 128 27.40 25.99 -21.38
C LYS B 128 27.18 26.33 -22.85
N GLY B 129 27.83 27.41 -23.29
CA GLY B 129 27.69 27.82 -24.68
C GLY B 129 26.31 28.37 -24.97
N LEU B 130 25.92 29.42 -24.25
CA LEU B 130 24.60 30.00 -24.40
C LEU B 130 24.56 31.00 -25.54
N SER B 131 23.40 31.11 -26.17
CA SER B 131 23.12 32.12 -27.18
C SER B 131 21.62 32.34 -27.25
N LYS B 132 21.19 33.60 -27.11
CA LYS B 132 19.76 33.91 -27.19
C LYS B 132 19.24 33.53 -28.56
N LYS B 133 18.38 32.54 -28.60
CA LYS B 133 17.80 32.04 -29.85
C LYS B 133 16.86 33.07 -30.47
N VAL B 145 6.96 37.65 -13.12
CA VAL B 145 7.76 36.44 -13.34
C VAL B 145 8.66 36.66 -14.56
N ASP B 146 9.82 37.29 -14.34
CA ASP B 146 10.64 37.78 -15.44
C ASP B 146 12.07 37.28 -15.35
N LEU B 147 12.77 37.40 -16.48
CA LEU B 147 14.17 37.01 -16.59
C LEU B 147 15.09 38.01 -15.89
N ILE B 148 16.15 37.49 -15.31
CA ILE B 148 17.15 38.30 -14.64
C ILE B 148 18.48 37.58 -14.73
N GLU B 149 19.51 38.31 -15.15
CA GLU B 149 20.87 37.78 -15.24
C GLU B 149 21.73 38.47 -14.18
N LEU B 150 22.56 37.70 -13.49
CA LEU B 150 23.26 38.21 -12.32
C LEU B 150 24.72 37.80 -12.37
N THR B 151 25.60 38.72 -12.01
CA THR B 151 26.98 38.33 -11.77
C THR B 151 27.05 37.51 -10.49
N LEU B 152 28.20 36.89 -10.26
CA LEU B 152 28.38 36.16 -9.01
C LEU B 152 28.20 37.08 -7.82
N ASP B 153 28.87 38.24 -7.84
CA ASP B 153 28.72 39.17 -6.71
C ASP B 153 27.30 39.67 -6.55
N GLU B 154 26.56 39.86 -7.63
CA GLU B 154 25.16 40.23 -7.49
C GLU B 154 24.35 39.06 -6.91
N ALA B 155 24.66 37.83 -7.30
CA ALA B 155 23.96 36.68 -6.73
C ALA B 155 24.24 36.54 -5.24
N LEU B 156 25.50 36.78 -4.82
CA LEU B 156 25.81 36.70 -3.40
C LEU B 156 25.11 37.80 -2.61
N GLN B 157 24.99 38.99 -3.21
CA GLN B 157 24.20 40.05 -2.59
C GLN B 157 22.75 39.63 -2.42
N TYR B 158 22.17 39.02 -3.46
CA TYR B 158 20.78 38.58 -3.36
C TYR B 158 20.61 37.51 -2.27
N ILE B 159 21.63 36.70 -2.02
CA ILE B 159 21.52 35.76 -0.89
C ILE B 159 21.53 36.52 0.43
N LYS B 160 22.44 37.47 0.57
CA LYS B 160 22.44 38.32 1.75
C LYS B 160 21.10 38.99 1.94
N GLU B 161 20.48 39.42 0.84
CA GLU B 161 19.19 40.10 0.93
C GLU B 161 18.02 39.14 1.03
N GLN B 162 18.29 37.82 0.97
CA GLN B 162 17.25 36.79 1.00
C GLN B 162 16.28 36.90 -0.16
N ARG B 163 16.76 37.49 -1.27
CA ARG B 163 16.01 37.39 -2.52
C ARG B 163 16.29 36.05 -3.20
N ILE B 164 17.50 35.54 -3.07
CA ILE B 164 17.79 34.15 -3.38
C ILE B 164 17.62 33.37 -2.09
N TYR B 165 16.71 32.39 -2.11
CA TYR B 165 16.13 31.91 -0.86
C TYR B 165 15.56 30.51 -0.93
N ASP B 166 16.07 29.63 -1.80
CA ASP B 166 15.61 28.23 -1.87
C ASP B 166 16.79 27.34 -2.17
N SER B 167 16.67 26.05 -1.84
CA SER B 167 17.89 25.26 -1.73
C SER B 167 18.59 25.09 -3.06
N LYS B 168 17.82 24.88 -4.16
CA LYS B 168 18.45 24.63 -5.44
C LYS B 168 19.23 25.84 -5.94
N THR B 169 18.71 27.04 -5.72
CA THR B 169 19.41 28.24 -6.18
C THR B 169 20.62 28.56 -5.30
N VAL B 170 20.54 28.32 -3.99
CA VAL B 170 21.73 28.47 -3.16
C VAL B 170 22.83 27.55 -3.65
N ILE B 171 22.48 26.29 -3.94
CA ILE B 171 23.48 25.33 -4.42
C ILE B 171 24.11 25.82 -5.73
N ALA B 172 23.29 26.38 -6.62
CA ALA B 172 23.82 26.93 -7.88
C ALA B 172 24.80 28.05 -7.64
N VAL B 173 24.45 29.02 -6.76
CA VAL B 173 25.37 30.10 -6.48
C VAL B 173 26.68 29.56 -5.90
N GLN B 174 26.57 28.61 -4.97
CA GLN B 174 27.78 28.01 -4.40
C GLN B 174 28.65 27.40 -5.49
N TYR B 175 28.01 26.82 -6.51
CA TYR B 175 28.73 26.16 -7.57
C TYR B 175 29.47 27.18 -8.44
N LEU B 176 28.81 28.27 -8.78
CA LEU B 176 29.50 29.39 -9.41
C LEU B 176 30.66 29.88 -8.57
N GLN B 177 30.44 30.01 -7.26
CA GLN B 177 31.50 30.47 -6.38
C GLN B 177 32.73 29.57 -6.46
N LEU B 178 32.53 28.25 -6.53
CA LEU B 178 33.65 27.32 -6.61
C LEU B 178 34.29 27.36 -7.98
N GLN B 179 33.49 27.51 -9.04
CA GLN B 179 34.05 27.61 -10.38
C GLN B 179 34.93 28.86 -10.52
N GLU B 180 34.49 30.00 -9.97
CA GLU B 180 35.32 31.19 -10.08
C GLU B 180 36.57 31.06 -9.22
N ALA B 181 36.43 30.50 -8.01
CA ALA B 181 37.63 30.17 -7.25
C ALA B 181 38.53 29.23 -8.04
N LEU B 182 37.94 28.28 -8.77
CA LEU B 182 38.73 27.33 -9.54
C LEU B 182 39.32 27.97 -10.80
N LYS B 183 38.78 29.12 -11.21
CA LYS B 183 39.36 29.89 -12.30
C LYS B 183 40.29 30.95 -11.70
N ASN B 184 41.42 30.46 -11.21
CA ASN B 184 42.42 31.30 -10.56
C ASN B 184 43.81 30.67 -10.66
N LYS C 3 6.66 -41.82 -5.43
CA LYS C 3 7.23 -40.64 -6.04
C LYS C 3 6.34 -39.42 -5.79
N LEU C 4 5.03 -39.64 -5.64
CA LEU C 4 4.13 -38.55 -5.28
C LEU C 4 4.35 -38.16 -3.83
N PHE C 5 4.41 -36.87 -3.56
CA PHE C 5 4.57 -36.42 -2.19
C PHE C 5 3.40 -36.90 -1.34
N GLU C 6 3.68 -37.31 -0.10
CA GLU C 6 2.60 -37.74 0.78
C GLU C 6 3.04 -37.65 2.24
N GLU C 7 2.10 -37.26 3.11
CA GLU C 7 2.32 -37.27 4.56
C GLU C 7 1.46 -38.41 5.10
N LYS C 8 2.10 -39.54 5.42
CA LYS C 8 1.42 -40.70 5.96
C LYS C 8 0.85 -40.43 7.35
N THR C 9 -0.42 -40.78 7.55
CA THR C 9 -0.99 -40.73 8.89
C THR C 9 -0.43 -41.87 9.72
N ILE C 10 0.20 -41.55 10.85
CA ILE C 10 0.70 -42.57 11.76
C ILE C 10 -0.18 -42.74 13.00
N LYS C 11 -1.09 -41.80 13.27
CA LYS C 11 -1.98 -41.79 14.43
C LYS C 11 -3.07 -40.76 14.19
N THR C 12 -4.28 -41.05 14.63
CA THR C 12 -5.40 -40.10 14.52
C THR C 12 -6.02 -39.89 15.90
N GLU C 13 -6.32 -38.63 16.22
CA GLU C 13 -7.01 -38.27 17.44
C GLU C 13 -8.33 -37.61 17.06
N GLN C 14 -9.44 -38.24 17.43
CA GLN C 14 -10.76 -37.66 17.20
C GLN C 14 -11.01 -36.55 18.22
N ILE C 15 -11.33 -35.35 17.75
CA ILE C 15 -11.55 -34.21 18.62
C ILE C 15 -13.03 -33.94 18.83
N PHE C 16 -13.85 -34.09 17.78
CA PHE C 16 -15.23 -33.62 17.80
C PHE C 16 -16.00 -34.31 16.67
N SER C 17 -17.25 -34.68 16.95
CA SER C 17 -18.14 -35.20 15.91
C SER C 17 -19.52 -34.58 16.11
N GLY C 18 -19.90 -33.66 15.24
CA GLY C 18 -21.12 -32.90 15.40
C GLY C 18 -22.14 -33.18 14.32
N ARG C 19 -23.12 -32.28 14.22
CA ARG C 19 -24.15 -32.44 13.19
C ARG C 19 -23.59 -32.18 11.80
N VAL C 20 -22.63 -31.25 11.67
CA VAL C 20 -22.17 -30.78 10.39
C VAL C 20 -20.71 -31.13 10.13
N VAL C 21 -19.85 -31.00 11.14
CA VAL C 21 -18.43 -31.26 10.94
C VAL C 21 -17.89 -32.19 12.00
N LYS C 22 -16.83 -32.89 11.62
CA LYS C 22 -16.02 -33.73 12.48
C LYS C 22 -14.63 -33.14 12.44
N LEU C 23 -13.96 -33.14 13.58
CA LEU C 23 -12.60 -32.60 13.65
C LEU C 23 -11.69 -33.69 14.19
N GLN C 24 -10.57 -33.93 13.52
CA GLN C 24 -9.56 -34.88 13.99
C GLN C 24 -8.20 -34.22 13.88
N VAL C 25 -7.23 -34.75 14.61
CA VAL C 25 -5.83 -34.33 14.46
C VAL C 25 -5.01 -35.57 14.12
N ASP C 26 -4.39 -35.56 12.96
CA ASP C 26 -3.56 -36.66 12.48
C ASP C 26 -2.12 -36.35 12.85
N ASP C 27 -1.41 -37.35 13.35
CA ASP C 27 0.04 -37.31 13.43
C ASP C 27 0.57 -37.83 12.09
N VAL C 28 1.48 -37.08 11.46
CA VAL C 28 1.88 -37.46 10.11
C VAL C 28 3.39 -37.64 10.03
N GLU C 29 3.81 -38.54 9.14
CA GLU C 29 5.22 -38.78 8.82
C GLU C 29 5.51 -38.18 7.47
N LEU C 30 6.31 -37.12 7.44
CA LEU C 30 6.68 -36.51 6.18
C LEU C 30 7.60 -37.44 5.39
N PRO C 31 7.72 -37.22 4.08
CA PRO C 31 8.65 -38.03 3.27
C PRO C 31 10.06 -38.10 3.84
N ASN C 32 10.49 -37.08 4.59
CA ASN C 32 11.85 -37.00 5.14
C ASN C 32 11.98 -37.72 6.47
N GLY C 33 10.97 -38.48 6.88
CA GLY C 33 10.98 -39.21 8.13
C GLY C 33 10.49 -38.44 9.34
N GLN C 34 10.46 -37.10 9.27
CA GLN C 34 10.04 -36.27 10.40
C GLN C 34 8.51 -36.32 10.57
N THR C 35 8.06 -36.01 11.79
CA THR C 35 6.63 -36.07 12.13
C THR C 35 6.06 -34.67 12.39
N SER C 36 4.75 -34.54 12.17
CA SER C 36 4.06 -33.27 12.35
C SER C 36 2.58 -33.54 12.61
N LYS C 37 1.84 -32.47 12.92
CA LYS C 37 0.43 -32.59 13.26
C LYS C 37 -0.41 -31.89 12.19
N ARG C 38 -1.52 -32.51 11.80
CA ARG C 38 -2.43 -31.96 10.79
C ARG C 38 -3.84 -31.94 11.35
N GLU C 39 -4.42 -30.76 11.44
CA GLU C 39 -5.79 -30.62 11.93
C GLU C 39 -6.68 -30.72 10.71
N ILE C 40 -7.62 -31.65 10.73
CA ILE C 40 -8.42 -31.96 9.54
C ILE C 40 -9.89 -31.91 9.91
N VAL C 41 -10.65 -31.07 9.22
CA VAL C 41 -12.11 -31.10 9.31
C VAL C 41 -12.62 -32.05 8.25
N ARG C 42 -13.41 -33.03 8.68
CA ARG C 42 -14.09 -33.92 7.76
C ARG C 42 -15.54 -33.46 7.61
N HIS C 43 -16.00 -33.45 6.36
CA HIS C 43 -17.28 -32.92 5.94
C HIS C 43 -17.78 -33.84 4.83
N PRO C 44 -19.08 -34.17 4.82
CA PRO C 44 -19.59 -35.13 3.82
C PRO C 44 -19.45 -34.67 2.38
N GLY C 45 -19.27 -33.38 2.13
CA GLY C 45 -19.36 -32.90 0.75
C GLY C 45 -20.78 -32.44 0.45
N ALA C 46 -20.92 -31.75 -0.68
CA ALA C 46 -22.19 -31.11 -1.00
C ALA C 46 -22.39 -31.10 -2.51
N VAL C 47 -23.66 -31.12 -2.92
CA VAL C 47 -24.02 -30.90 -4.30
C VAL C 47 -24.67 -29.53 -4.36
N ALA C 48 -24.33 -28.73 -5.37
CA ALA C 48 -24.82 -27.36 -5.54
C ALA C 48 -25.34 -27.22 -6.96
N VAL C 49 -26.38 -26.43 -7.16
CA VAL C 49 -27.12 -26.43 -8.43
C VAL C 49 -27.13 -25.02 -9.01
N ILE C 50 -26.69 -24.91 -10.25
CA ILE C 50 -26.82 -23.68 -11.05
C ILE C 50 -28.08 -23.87 -11.87
N ALA C 51 -29.11 -23.11 -11.54
CA ALA C 51 -30.37 -23.21 -12.27
C ALA C 51 -30.62 -21.87 -12.91
N ILE C 52 -30.64 -21.84 -14.25
CA ILE C 52 -30.79 -20.62 -15.03
C ILE C 52 -32.14 -20.69 -15.71
N THR C 53 -32.98 -19.68 -15.46
CA THR C 53 -34.34 -19.65 -15.98
C THR C 53 -34.38 -19.23 -17.45
N ASN C 54 -35.52 -19.50 -18.07
CA ASN C 54 -35.84 -18.96 -19.39
C ASN C 54 -35.48 -17.49 -19.49
N GLU C 55 -35.83 -16.73 -18.46
CA GLU C 55 -35.54 -15.30 -18.40
C GLU C 55 -34.05 -15.00 -18.29
N ASN C 56 -33.19 -16.03 -18.29
CA ASN C 56 -31.75 -15.82 -18.13
C ASN C 56 -31.41 -15.34 -16.72
N LYS C 57 -32.17 -15.83 -15.74
CA LYS C 57 -32.00 -15.46 -14.33
C LYS C 57 -31.51 -16.67 -13.53
N ILE C 58 -30.58 -16.43 -12.59
CA ILE C 58 -30.06 -17.48 -11.71
C ILE C 58 -30.94 -17.61 -10.49
N VAL C 59 -31.31 -18.85 -10.14
CA VAL C 59 -32.08 -19.10 -8.94
C VAL C 59 -31.14 -19.18 -7.74
N MET C 60 -31.43 -18.39 -6.69
CA MET C 60 -30.67 -18.43 -5.44
C MET C 60 -31.54 -18.30 -4.21
N VAL C 61 -30.90 -18.46 -3.06
CA VAL C 61 -31.59 -18.54 -1.79
C VAL C 61 -30.78 -17.76 -0.78
N GLU C 62 -31.48 -16.99 0.05
CA GLU C 62 -30.84 -16.17 1.07
C GLU C 62 -31.01 -16.86 2.41
N GLN C 63 -29.94 -16.89 3.20
CA GLN C 63 -30.12 -17.44 4.53
C GLN C 63 -29.00 -16.94 5.42
N TYR C 64 -29.18 -17.10 6.72
CA TYR C 64 -28.16 -16.66 7.68
C TYR C 64 -27.03 -17.67 7.72
N ARG C 65 -25.79 -17.17 7.78
CA ARG C 65 -24.64 -18.04 7.99
C ARG C 65 -23.98 -17.63 9.31
N LYS C 66 -24.27 -18.38 10.37
CA LYS C 66 -23.75 -18.03 11.68
C LYS C 66 -22.25 -17.77 11.68
N PRO C 67 -21.41 -18.56 11.01
CA PRO C 67 -19.96 -18.33 11.10
C PRO C 67 -19.54 -16.96 10.63
N LEU C 68 -20.30 -16.34 9.72
CA LEU C 68 -20.05 -14.99 9.22
C LEU C 68 -20.86 -13.91 9.91
N GLU C 69 -21.77 -14.29 10.80
CA GLU C 69 -22.76 -13.38 11.43
C GLU C 69 -23.39 -12.48 10.39
N LYS C 70 -23.98 -13.09 9.36
CA LYS C 70 -24.65 -12.30 8.34
C LYS C 70 -25.38 -13.25 7.41
N SER C 71 -26.36 -12.72 6.70
CA SER C 71 -27.07 -13.54 5.72
C SER C 71 -26.43 -13.31 4.37
N ILE C 72 -26.34 -14.37 3.57
CA ILE C 72 -25.78 -14.27 2.24
C ILE C 72 -26.70 -15.00 1.28
N VAL C 73 -26.53 -14.69 0.01
CA VAL C 73 -27.35 -15.20 -1.08
C VAL C 73 -26.51 -16.22 -1.82
N GLU C 74 -27.02 -17.44 -1.95
CA GLU C 74 -26.26 -18.58 -2.43
C GLU C 74 -27.03 -19.36 -3.49
N ILE C 75 -26.31 -20.14 -4.31
CA ILE C 75 -27.00 -21.11 -5.15
C ILE C 75 -27.48 -22.22 -4.23
N PRO C 76 -28.56 -22.92 -4.60
CA PRO C 76 -29.08 -24.00 -3.74
C PRO C 76 -28.03 -25.09 -3.62
N ALA C 77 -27.97 -25.73 -2.45
CA ALA C 77 -26.98 -26.76 -2.22
C ALA C 77 -27.45 -27.62 -1.06
N GLY C 78 -27.03 -28.88 -1.07
CA GLY C 78 -27.38 -29.79 0.00
C GLY C 78 -26.29 -30.81 0.20
N LYS C 79 -26.32 -31.43 1.39
CA LYS C 79 -25.30 -32.39 1.78
C LYS C 79 -25.31 -33.59 0.85
N LEU C 80 -24.11 -34.08 0.51
CA LEU C 80 -23.99 -35.32 -0.23
C LEU C 80 -24.25 -36.49 0.70
N GLU C 81 -25.06 -37.46 0.24
CA GLU C 81 -25.33 -38.68 1.01
C GLU C 81 -24.61 -39.86 0.37
N LYS C 82 -23.82 -40.58 1.18
CA LYS C 82 -22.88 -41.56 0.64
C LYS C 82 -23.56 -42.56 -0.30
N GLY C 83 -24.69 -43.11 0.12
CA GLY C 83 -25.33 -44.15 -0.69
C GLY C 83 -26.31 -43.62 -1.71
N GLU C 84 -26.08 -42.40 -2.21
CA GLU C 84 -27.03 -41.73 -3.10
C GLU C 84 -26.31 -41.15 -4.32
N ASP C 85 -26.95 -41.29 -5.47
CA ASP C 85 -26.44 -40.72 -6.71
C ASP C 85 -26.47 -39.20 -6.62
N PRO C 86 -25.34 -38.51 -6.74
CA PRO C 86 -25.33 -37.04 -6.54
C PRO C 86 -26.32 -36.33 -7.44
N ARG C 87 -26.60 -36.90 -8.62
CA ARG C 87 -27.61 -36.34 -9.50
C ARG C 87 -28.98 -36.32 -8.83
N ILE C 88 -29.33 -37.41 -8.14
CA ILE C 88 -30.60 -37.46 -7.40
C ILE C 88 -30.59 -36.43 -6.29
N THR C 89 -29.52 -36.40 -5.50
CA THR C 89 -29.37 -35.37 -4.48
C THR C 89 -29.55 -33.97 -5.05
N ALA C 90 -28.95 -33.69 -6.20
CA ALA C 90 -29.11 -32.37 -6.79
C ALA C 90 -30.55 -32.11 -7.19
N LEU C 91 -31.20 -33.11 -7.79
CA LEU C 91 -32.61 -32.97 -8.17
C LEU C 91 -33.47 -32.68 -6.93
N ARG C 92 -33.29 -33.47 -5.89
CA ARG C 92 -34.05 -33.22 -4.64
C ARG C 92 -33.77 -31.81 -4.12
N GLU C 93 -32.51 -31.43 -4.04
CA GLU C 93 -32.18 -30.11 -3.51
C GLU C 93 -32.84 -29.02 -4.33
N LEU C 94 -32.86 -29.18 -5.66
CA LEU C 94 -33.57 -28.21 -6.49
C LEU C 94 -35.04 -28.13 -6.11
N GLU C 95 -35.72 -29.28 -6.09
CA GLU C 95 -37.15 -29.33 -5.76
C GLU C 95 -37.44 -28.71 -4.40
N GLU C 96 -36.71 -29.13 -3.37
CA GLU C 96 -36.97 -28.67 -2.02
C GLU C 96 -36.70 -27.18 -1.83
N GLU C 97 -35.58 -26.67 -2.35
CA GLU C 97 -35.24 -25.28 -2.05
C GLU C 97 -35.89 -24.27 -2.98
N THR C 98 -36.37 -24.70 -4.14
CA THR C 98 -36.84 -23.74 -5.14
C THR C 98 -38.17 -24.08 -5.78
N GLY C 99 -38.70 -25.29 -5.58
CA GLY C 99 -39.90 -25.72 -6.25
C GLY C 99 -39.77 -25.95 -7.74
N TYR C 100 -38.64 -25.60 -8.35
CA TYR C 100 -38.42 -25.92 -9.75
C TYR C 100 -38.14 -27.40 -9.91
N GLU C 101 -38.40 -27.91 -11.11
CA GLU C 101 -37.92 -29.21 -11.53
C GLU C 101 -37.16 -29.00 -12.83
N CYS C 102 -36.58 -30.06 -13.37
CA CYS C 102 -35.77 -29.90 -14.56
C CYS C 102 -35.72 -31.19 -15.35
N GLU C 103 -35.29 -31.06 -16.61
CA GLU C 103 -35.17 -32.21 -17.49
C GLU C 103 -33.80 -32.86 -17.39
N GLN C 104 -32.74 -32.05 -17.31
CA GLN C 104 -31.39 -32.58 -17.13
C GLN C 104 -30.66 -31.89 -15.98
N MET C 105 -29.88 -32.70 -15.27
CA MET C 105 -29.00 -32.30 -14.18
C MET C 105 -27.61 -32.81 -14.52
N GLU C 106 -26.73 -31.92 -14.98
CA GLU C 106 -25.45 -32.32 -15.54
C GLU C 106 -24.28 -31.76 -14.75
N TRP C 107 -23.37 -32.65 -14.37
CA TRP C 107 -22.22 -32.29 -13.57
C TRP C 107 -21.29 -31.33 -14.33
N LEU C 108 -20.98 -30.19 -13.71
CA LEU C 108 -20.08 -29.20 -14.31
C LEU C 108 -18.64 -29.35 -13.82
N ILE C 109 -18.45 -29.41 -12.48
CA ILE C 109 -17.12 -29.27 -11.89
C ILE C 109 -17.20 -29.59 -10.40
N SER C 110 -16.10 -30.12 -9.85
CA SER C 110 -15.98 -30.38 -8.42
C SER C 110 -14.77 -29.66 -7.86
N PHE C 111 -14.85 -29.20 -6.61
CA PHE C 111 -13.65 -28.59 -6.05
C PHE C 111 -13.72 -28.61 -4.54
N ALA C 112 -12.53 -28.60 -3.92
CA ALA C 112 -12.38 -28.40 -2.48
C ALA C 112 -12.58 -26.94 -2.12
N THR C 113 -13.31 -26.68 -1.03
CA THR C 113 -13.53 -25.28 -0.65
C THR C 113 -12.36 -24.70 0.14
N SER C 114 -11.78 -25.47 1.06
CA SER C 114 -10.76 -24.96 1.99
C SER C 114 -9.77 -26.09 2.25
N PRO C 115 -8.93 -26.42 1.27
CA PRO C 115 -8.16 -27.67 1.37
C PRO C 115 -7.01 -27.60 2.37
N GLY C 116 -6.68 -26.41 2.88
CA GLY C 116 -5.70 -26.33 3.95
C GLY C 116 -6.14 -26.98 5.25
N PHE C 117 -7.45 -27.11 5.46
CA PHE C 117 -7.89 -27.71 6.72
C PHE C 117 -9.13 -28.58 6.63
N ALA C 118 -9.86 -28.60 5.50
CA ALA C 118 -11.08 -29.40 5.42
C ALA C 118 -11.12 -30.21 4.13
N ASP C 119 -11.77 -31.35 4.19
CA ASP C 119 -11.86 -32.21 3.02
C ASP C 119 -13.17 -32.00 2.28
N GLU C 120 -13.89 -30.93 2.60
CA GLU C 120 -15.17 -30.63 1.94
C GLU C 120 -14.97 -30.45 0.45
N ILE C 121 -15.78 -31.17 -0.33
CA ILE C 121 -15.80 -31.08 -1.78
C ILE C 121 -17.20 -30.63 -2.18
N ILE C 122 -17.29 -29.63 -3.05
CA ILE C 122 -18.56 -29.24 -3.68
C ILE C 122 -18.60 -29.76 -5.10
N HIS C 123 -19.73 -30.35 -5.49
CA HIS C 123 -19.95 -30.84 -6.83
C HIS C 123 -21.07 -30.00 -7.43
N ILE C 124 -20.74 -29.18 -8.41
CA ILE C 124 -21.70 -28.28 -9.04
C ILE C 124 -22.35 -28.98 -10.22
N TYR C 125 -23.68 -28.93 -10.29
CA TYR C 125 -24.49 -29.47 -11.37
C TYR C 125 -25.27 -28.32 -11.98
N VAL C 126 -25.53 -28.42 -13.29
CA VAL C 126 -26.27 -27.41 -14.03
C VAL C 126 -27.62 -28.00 -14.41
N ALA C 127 -28.69 -27.34 -13.99
CA ALA C 127 -30.03 -27.83 -14.28
C ALA C 127 -30.49 -27.22 -15.59
N LYS C 128 -30.83 -28.07 -16.54
CA LYS C 128 -31.33 -27.63 -17.84
C LYS C 128 -32.76 -28.10 -18.05
N GLY C 129 -33.52 -27.28 -18.78
CA GLY C 129 -34.93 -27.53 -18.95
C GLY C 129 -35.73 -27.29 -17.68
N LEU C 130 -35.57 -26.10 -17.11
CA LEU C 130 -36.26 -25.77 -15.86
C LEU C 130 -37.76 -25.54 -16.09
N SER C 131 -38.59 -26.17 -15.27
CA SER C 131 -40.01 -25.86 -15.18
C SER C 131 -40.41 -25.84 -13.71
N LYS C 132 -41.58 -25.27 -13.41
CA LYS C 132 -42.00 -25.14 -12.00
C LYS C 132 -43.17 -26.04 -11.64
N PHE C 144 -36.98 -19.71 6.96
CA PHE C 144 -35.73 -19.03 7.26
C PHE C 144 -34.83 -18.86 6.03
N VAL C 145 -35.34 -19.26 4.87
CA VAL C 145 -34.68 -19.09 3.59
C VAL C 145 -35.60 -18.26 2.70
N ASP C 146 -35.03 -17.38 1.89
CA ASP C 146 -35.81 -16.60 0.93
C ASP C 146 -35.35 -16.94 -0.48
N LEU C 147 -36.29 -17.34 -1.32
CA LEU C 147 -36.00 -17.69 -2.70
C LEU C 147 -36.06 -16.45 -3.57
N ILE C 148 -35.07 -16.29 -4.45
CA ILE C 148 -35.06 -15.15 -5.35
C ILE C 148 -34.40 -15.58 -6.67
N GLU C 149 -34.53 -14.73 -7.68
CA GLU C 149 -33.98 -14.99 -9.01
C GLU C 149 -33.33 -13.70 -9.49
N LEU C 150 -32.12 -13.81 -10.05
CA LEU C 150 -31.34 -12.61 -10.35
C LEU C 150 -30.86 -12.60 -11.79
N THR C 151 -31.02 -11.47 -12.46
CA THR C 151 -30.22 -11.21 -13.66
C THR C 151 -28.73 -11.20 -13.31
N LEU C 152 -27.89 -11.43 -14.32
CA LEU C 152 -26.45 -11.31 -14.12
C LEU C 152 -26.06 -9.95 -13.58
N ASP C 153 -26.58 -8.88 -14.23
CA ASP C 153 -26.41 -7.54 -13.68
C ASP C 153 -26.78 -7.48 -12.21
N GLU C 154 -27.90 -8.11 -11.82
CA GLU C 154 -28.28 -8.04 -10.41
C GLU C 154 -27.30 -8.84 -9.56
N ALA C 155 -26.90 -10.03 -10.04
CA ALA C 155 -25.93 -10.83 -9.30
C ALA C 155 -24.63 -10.07 -9.09
N LEU C 156 -24.08 -9.50 -10.15
CA LEU C 156 -22.84 -8.73 -9.98
C LEU C 156 -23.04 -7.61 -8.96
N GLN C 157 -24.22 -6.99 -8.94
CA GLN C 157 -24.50 -5.99 -7.93
C GLN C 157 -24.52 -6.60 -6.54
N TYR C 158 -25.11 -7.79 -6.39
CA TYR C 158 -25.11 -8.43 -5.07
C TYR C 158 -23.67 -8.72 -4.62
N ILE C 159 -22.78 -9.03 -5.56
CA ILE C 159 -21.37 -9.25 -5.21
C ILE C 159 -20.72 -7.96 -4.72
N LYS C 160 -20.91 -6.87 -5.46
CA LYS C 160 -20.45 -5.56 -4.99
C LYS C 160 -20.91 -5.27 -3.57
N GLU C 161 -22.17 -5.57 -3.26
CA GLU C 161 -22.63 -5.38 -1.90
C GLU C 161 -22.16 -6.46 -0.94
N GLN C 162 -21.51 -7.51 -1.48
CA GLN C 162 -21.07 -8.63 -0.66
C GLN C 162 -22.26 -9.35 -0.03
N ARG C 163 -23.40 -9.33 -0.74
CA ARG C 163 -24.51 -10.21 -0.41
C ARG C 163 -24.31 -11.60 -1.01
N ILE C 164 -23.72 -11.68 -2.21
CA ILE C 164 -23.13 -12.91 -2.70
C ILE C 164 -21.67 -12.90 -2.24
N TYR C 165 -21.26 -13.95 -1.53
CA TYR C 165 -20.05 -13.84 -0.73
C TYR C 165 -19.51 -15.22 -0.42
N ASP C 166 -19.76 -16.21 -1.27
CA ASP C 166 -19.12 -17.51 -1.02
C ASP C 166 -18.65 -18.13 -2.33
N SER C 167 -17.71 -19.06 -2.17
CA SER C 167 -16.94 -19.49 -3.33
C SER C 167 -17.81 -20.15 -4.39
N LYS C 168 -18.73 -21.04 -3.99
CA LYS C 168 -19.54 -21.74 -4.99
C LYS C 168 -20.48 -20.79 -5.75
N THR C 169 -21.01 -19.78 -5.08
CA THR C 169 -21.91 -18.86 -5.78
C THR C 169 -21.13 -17.92 -6.69
N VAL C 170 -19.97 -17.45 -6.24
CA VAL C 170 -19.09 -16.70 -7.15
C VAL C 170 -18.81 -17.51 -8.40
N ILE C 171 -18.44 -18.80 -8.23
CA ILE C 171 -18.14 -19.65 -9.40
C ILE C 171 -19.37 -19.74 -10.32
N ALA C 172 -20.56 -19.82 -9.74
CA ALA C 172 -21.78 -19.87 -10.54
C ALA C 172 -22.03 -18.57 -11.30
N VAL C 173 -21.84 -17.42 -10.66
CA VAL C 173 -22.02 -16.15 -11.35
C VAL C 173 -21.01 -16.02 -12.50
N GLN C 174 -19.77 -16.46 -12.26
CA GLN C 174 -18.78 -16.44 -13.33
C GLN C 174 -19.21 -17.33 -14.49
N TYR C 175 -19.76 -18.51 -14.18
CA TYR C 175 -20.29 -19.38 -15.23
C TYR C 175 -21.38 -18.67 -16.04
N LEU C 176 -22.30 -17.99 -15.36
CA LEU C 176 -23.29 -17.18 -16.07
C LEU C 176 -22.62 -16.12 -16.94
N GLN C 177 -21.60 -15.43 -16.41
CA GLN C 177 -20.83 -14.46 -17.21
C GLN C 177 -20.30 -15.08 -18.50
N LEU C 178 -19.75 -16.30 -18.41
CA LEU C 178 -19.15 -16.94 -19.57
C LEU C 178 -20.21 -17.38 -20.58
N GLN C 179 -21.41 -17.75 -20.11
CA GLN C 179 -22.47 -18.12 -21.04
C GLN C 179 -22.96 -16.91 -21.83
N GLU C 180 -23.11 -15.78 -21.15
CA GLU C 180 -23.59 -14.56 -21.77
C GLU C 180 -22.51 -13.81 -22.53
N ALA C 181 -21.24 -14.16 -22.32
CA ALA C 181 -20.17 -13.68 -23.20
C ALA C 181 -20.20 -14.39 -24.55
N LEU C 182 -20.61 -15.65 -24.57
CA LEU C 182 -20.77 -16.36 -25.84
C LEU C 182 -22.14 -16.09 -26.45
N LYS C 183 -22.65 -14.88 -26.25
CA LYS C 183 -23.91 -14.46 -26.83
C LYS C 183 -25.01 -15.47 -26.52
N LEU D 4 -36.30 -11.53 8.34
CA LEU D 4 -35.42 -11.60 9.50
C LEU D 4 -34.72 -12.96 9.57
N PHE D 5 -33.37 -12.94 9.56
CA PHE D 5 -32.59 -14.16 9.51
C PHE D 5 -31.76 -14.42 10.75
N GLU D 6 -31.41 -13.39 11.50
CA GLU D 6 -30.28 -13.51 12.43
C GLU D 6 -30.56 -14.54 13.51
N GLU D 7 -29.53 -15.33 13.83
CA GLU D 7 -29.58 -16.37 14.85
C GLU D 7 -28.70 -15.92 16.01
N LYS D 8 -29.30 -15.60 17.15
CA LYS D 8 -28.59 -15.00 18.27
C LYS D 8 -27.94 -16.07 19.13
N THR D 9 -26.70 -15.81 19.53
CA THR D 9 -25.99 -16.72 20.41
C THR D 9 -26.53 -16.62 21.84
N ILE D 10 -26.93 -17.75 22.41
CA ILE D 10 -27.32 -17.80 23.82
C ILE D 10 -26.18 -18.30 24.70
N LYS D 11 -25.39 -19.25 24.19
CA LYS D 11 -24.25 -19.78 24.92
C LYS D 11 -23.22 -20.29 23.93
N THR D 12 -21.98 -20.37 24.38
CA THR D 12 -20.88 -20.80 23.54
C THR D 12 -20.07 -21.84 24.28
N GLU D 13 -19.70 -22.90 23.58
CA GLU D 13 -18.84 -23.94 24.15
C GLU D 13 -17.59 -24.03 23.29
N GLN D 14 -16.43 -23.81 23.92
CA GLN D 14 -15.14 -23.96 23.27
C GLN D 14 -14.77 -25.43 23.18
N ILE D 15 -14.42 -25.89 21.98
CA ILE D 15 -14.10 -27.29 21.76
C ILE D 15 -12.59 -27.48 21.56
N PHE D 16 -11.96 -26.62 20.78
CA PHE D 16 -10.61 -26.90 20.35
C PHE D 16 -9.97 -25.61 19.87
N SER D 17 -8.71 -25.43 20.24
CA SER D 17 -7.92 -24.29 19.80
C SER D 17 -6.58 -24.84 19.31
N GLY D 18 -6.31 -24.72 18.02
CA GLY D 18 -5.13 -25.36 17.47
C GLY D 18 -4.18 -24.42 16.75
N ARG D 19 -3.29 -25.00 15.94
CA ARG D 19 -2.35 -24.20 15.15
C ARG D 19 -2.98 -23.59 13.91
N VAL D 20 -4.05 -24.19 13.37
CA VAL D 20 -4.67 -23.72 12.13
C VAL D 20 -6.12 -23.31 12.36
N VAL D 21 -6.87 -24.12 13.08
CA VAL D 21 -8.27 -23.82 13.30
C VAL D 21 -8.57 -23.76 14.79
N LYS D 22 -9.62 -22.99 15.11
CA LYS D 22 -10.33 -23.04 16.37
C LYS D 22 -11.73 -23.59 16.10
N LEU D 23 -12.31 -24.25 17.09
CA LEU D 23 -13.64 -24.80 16.94
C LEU D 23 -14.46 -24.46 18.17
N GLN D 24 -15.63 -23.88 17.96
CA GLN D 24 -16.58 -23.61 19.02
C GLN D 24 -17.96 -24.06 18.58
N VAL D 25 -18.85 -24.28 19.56
CA VAL D 25 -20.25 -24.59 19.28
C VAL D 25 -21.13 -23.57 20.00
N ASP D 26 -21.99 -22.91 19.24
CA ASP D 26 -22.90 -21.91 19.75
C ASP D 26 -24.30 -22.51 19.89
N ASP D 27 -24.91 -22.32 21.04
CA ASP D 27 -26.35 -22.49 21.14
C ASP D 27 -27.00 -21.20 20.66
N VAL D 28 -27.92 -21.30 19.71
CA VAL D 28 -28.50 -20.10 19.10
C VAL D 28 -30.01 -20.16 19.23
N GLU D 29 -30.63 -18.99 19.17
CA GLU D 29 -32.07 -18.90 19.10
C GLU D 29 -32.43 -18.34 17.73
N LEU D 30 -33.31 -19.04 17.01
CA LEU D 30 -33.75 -18.64 15.68
C LEU D 30 -34.73 -17.47 15.76
N PRO D 31 -35.04 -16.83 14.64
CA PRO D 31 -36.00 -15.71 14.69
C PRO D 31 -37.33 -16.11 15.31
N ASN D 32 -37.79 -17.33 15.07
CA ASN D 32 -39.08 -17.79 15.57
C ASN D 32 -39.02 -18.27 17.01
N GLY D 33 -37.90 -18.07 17.72
CA GLY D 33 -37.78 -18.46 19.11
C GLY D 33 -37.27 -19.87 19.35
N GLN D 34 -37.19 -20.71 18.33
CA GLN D 34 -36.66 -22.05 18.51
C GLN D 34 -35.16 -21.99 18.78
N THR D 35 -34.61 -23.07 19.35
CA THR D 35 -33.19 -23.11 19.65
C THR D 35 -32.50 -24.14 18.77
N SER D 36 -31.23 -23.90 18.48
CA SER D 36 -30.47 -24.83 17.65
C SER D 36 -28.99 -24.67 18.00
N LYS D 37 -28.16 -25.48 17.37
CA LYS D 37 -26.72 -25.43 17.59
C LYS D 37 -26.00 -25.14 16.29
N ARG D 38 -24.91 -24.40 16.38
CA ARG D 38 -24.11 -24.05 15.21
C ARG D 38 -22.66 -24.35 15.54
N GLU D 39 -22.07 -25.22 14.75
CA GLU D 39 -20.65 -25.54 14.86
C GLU D 39 -19.86 -24.51 14.04
N ILE D 40 -18.89 -23.86 14.67
CA ILE D 40 -18.18 -22.75 14.02
C ILE D 40 -16.68 -23.00 14.09
N VAL D 41 -16.06 -23.15 12.92
CA VAL D 41 -14.60 -23.20 12.81
C VAL D 41 -14.10 -21.79 12.53
N ARG D 42 -13.21 -21.28 13.37
CA ARG D 42 -12.59 -19.97 13.11
C ARG D 42 -11.25 -20.17 12.43
N HIS D 43 -10.97 -19.31 11.44
CA HIS D 43 -9.79 -19.43 10.62
C HIS D 43 -9.34 -18.03 10.24
N PRO D 44 -8.02 -17.75 10.24
CA PRO D 44 -7.55 -16.37 10.01
C PRO D 44 -7.85 -15.78 8.63
N GLY D 45 -8.18 -16.56 7.62
CA GLY D 45 -8.39 -15.97 6.30
C GLY D 45 -7.07 -15.73 5.56
N ALA D 46 -7.20 -15.40 4.27
CA ALA D 46 -6.04 -15.48 3.37
C ALA D 46 -6.17 -14.45 2.25
N VAL D 47 -5.04 -14.18 1.60
CA VAL D 47 -5.02 -13.37 0.39
C VAL D 47 -4.52 -14.29 -0.72
N ALA D 48 -5.02 -14.07 -1.94
CA ALA D 48 -4.58 -14.90 -3.05
C ALA D 48 -4.40 -14.02 -4.29
N VAL D 49 -3.50 -14.42 -5.17
CA VAL D 49 -3.05 -13.55 -6.25
C VAL D 49 -3.28 -14.20 -7.60
N ILE D 50 -4.04 -13.53 -8.48
CA ILE D 50 -4.14 -13.90 -9.88
C ILE D 50 -3.05 -13.15 -10.64
N ALA D 51 -2.04 -13.88 -11.11
CA ALA D 51 -0.87 -13.30 -11.77
C ALA D 51 -0.77 -13.87 -13.19
N ILE D 52 -1.07 -13.03 -14.19
CA ILE D 52 -1.09 -13.43 -15.59
C ILE D 52 0.03 -12.71 -16.31
N THR D 53 0.91 -13.47 -16.98
CA THR D 53 2.11 -12.89 -17.59
C THR D 53 1.79 -12.24 -18.93
N ASN D 54 2.83 -11.69 -19.58
CA ASN D 54 2.63 -11.19 -20.94
C ASN D 54 2.57 -12.35 -21.92
N GLU D 55 3.37 -13.40 -21.66
CA GLU D 55 3.19 -14.68 -22.33
C GLU D 55 1.74 -15.14 -22.28
N ASN D 56 0.96 -14.56 -21.35
CA ASN D 56 -0.46 -14.85 -21.16
C ASN D 56 -0.68 -16.18 -20.44
N LYS D 57 0.24 -16.55 -19.58
CA LYS D 57 0.09 -17.70 -18.70
C LYS D 57 -0.34 -17.23 -17.32
N ILE D 58 -1.03 -18.09 -16.58
CA ILE D 58 -1.38 -17.82 -15.20
C ILE D 58 -0.38 -18.55 -14.32
N VAL D 59 0.16 -17.84 -13.33
CA VAL D 59 1.20 -18.36 -12.44
C VAL D 59 0.58 -19.16 -11.29
N MET D 60 1.07 -20.37 -11.07
CA MET D 60 0.49 -21.26 -10.06
C MET D 60 1.60 -22.00 -9.34
N VAL D 61 1.24 -22.61 -8.20
CA VAL D 61 2.17 -23.36 -7.38
C VAL D 61 1.51 -24.67 -6.97
N GLU D 62 2.27 -25.75 -6.97
CA GLU D 62 1.77 -27.02 -6.49
C GLU D 62 1.88 -27.08 -4.97
N GLN D 63 0.82 -27.53 -4.30
CA GLN D 63 0.74 -27.57 -2.84
C GLN D 63 0.14 -28.90 -2.42
N TYR D 64 0.80 -29.58 -1.49
CA TYR D 64 0.24 -30.79 -0.92
C TYR D 64 -0.80 -30.39 0.13
N ARG D 65 -1.96 -31.01 0.07
CA ARG D 65 -3.04 -30.70 1.02
C ARG D 65 -3.43 -31.99 1.72
N LYS D 66 -3.00 -32.16 2.97
CA LYS D 66 -3.30 -33.38 3.71
C LYS D 66 -4.78 -33.72 3.76
N PRO D 67 -5.71 -32.78 3.99
CA PRO D 67 -7.14 -33.16 4.01
C PRO D 67 -7.62 -33.86 2.74
N LEU D 68 -7.00 -33.57 1.59
CA LEU D 68 -7.38 -34.17 0.31
C LEU D 68 -6.53 -35.38 -0.05
N GLU D 69 -5.46 -35.65 0.70
CA GLU D 69 -4.54 -36.76 0.40
C GLU D 69 -3.95 -36.58 -0.99
N LYS D 70 -3.73 -35.34 -1.40
CA LYS D 70 -3.19 -35.13 -2.73
C LYS D 70 -2.57 -33.74 -2.81
N SER D 71 -1.73 -33.57 -3.83
CA SER D 71 -1.19 -32.28 -4.21
C SER D 71 -2.10 -31.69 -5.27
N ILE D 72 -2.36 -30.39 -5.18
CA ILE D 72 -3.16 -29.69 -6.17
C ILE D 72 -2.39 -28.46 -6.62
N VAL D 73 -2.78 -27.93 -7.77
CA VAL D 73 -2.16 -26.76 -8.37
C VAL D 73 -3.01 -25.53 -8.04
N GLU D 74 -2.41 -24.54 -7.35
CA GLU D 74 -3.17 -23.42 -6.81
C GLU D 74 -2.55 -22.08 -7.22
N ILE D 75 -3.37 -21.02 -7.16
CA ILE D 75 -2.80 -19.67 -7.26
C ILE D 75 -2.03 -19.40 -5.98
N PRO D 76 -0.99 -18.56 -6.01
CA PRO D 76 -0.26 -18.20 -4.78
C PRO D 76 -1.19 -17.57 -3.77
N ALA D 77 -0.99 -17.90 -2.49
CA ALA D 77 -1.88 -17.41 -1.44
C ALA D 77 -1.13 -17.48 -0.12
N GLY D 78 -1.52 -16.63 0.82
CA GLY D 78 -0.95 -16.69 2.17
C GLY D 78 -1.92 -16.18 3.21
N LYS D 79 -1.62 -16.49 4.46
CA LYS D 79 -2.48 -16.06 5.56
C LYS D 79 -2.40 -14.54 5.73
N LEU D 80 -3.53 -13.93 6.05
CA LEU D 80 -3.55 -12.51 6.39
C LEU D 80 -2.75 -12.19 7.65
N GLU D 81 -2.27 -10.96 7.71
CA GLU D 81 -1.35 -10.48 8.72
C GLU D 81 -2.01 -9.36 9.50
N LYS D 82 -2.21 -9.57 10.80
CA LYS D 82 -2.86 -8.60 11.65
C LYS D 82 -2.20 -7.23 11.48
N GLY D 83 -3.01 -6.22 11.18
CA GLY D 83 -2.52 -4.85 11.05
C GLY D 83 -1.99 -4.48 9.68
N GLU D 84 -1.77 -5.47 8.81
CA GLU D 84 -1.27 -5.25 7.46
C GLU D 84 -2.41 -5.25 6.45
N ASP D 85 -2.40 -4.27 5.56
CA ASP D 85 -3.29 -4.26 4.42
C ASP D 85 -3.17 -5.57 3.64
N PRO D 86 -4.28 -6.27 3.38
CA PRO D 86 -4.20 -7.48 2.54
C PRO D 86 -3.43 -7.23 1.25
N ARG D 87 -3.54 -6.04 0.68
CA ARG D 87 -2.77 -5.74 -0.53
C ARG D 87 -1.26 -5.84 -0.31
N ILE D 88 -0.77 -5.39 0.84
CA ILE D 88 0.66 -5.53 1.14
C ILE D 88 1.02 -7.01 1.32
N THR D 89 0.19 -7.75 2.06
CA THR D 89 0.41 -9.19 2.17
C THR D 89 0.44 -9.84 0.79
N ALA D 90 -0.46 -9.42 -0.10
CA ALA D 90 -0.51 -9.97 -1.46
C ALA D 90 0.82 -9.78 -2.19
N LEU D 91 1.36 -8.55 -2.14
CA LEU D 91 2.60 -8.28 -2.86
C LEU D 91 3.73 -9.14 -2.32
N ARG D 92 3.82 -9.27 -0.99
CA ARG D 92 4.89 -10.09 -0.42
C ARG D 92 4.72 -11.55 -0.80
N GLU D 93 3.48 -12.03 -0.81
CA GLU D 93 3.26 -13.45 -1.09
C GLU D 93 3.56 -13.78 -2.54
N LEU D 94 3.23 -12.88 -3.45
CA LEU D 94 3.61 -13.08 -4.85
C LEU D 94 5.13 -13.25 -4.97
N GLU D 95 5.90 -12.33 -4.39
CA GLU D 95 7.35 -12.41 -4.52
C GLU D 95 7.91 -13.66 -3.86
N GLU D 96 7.45 -13.95 -2.65
CA GLU D 96 8.06 -15.04 -1.90
C GLU D 96 7.78 -16.41 -2.52
N GLU D 97 6.58 -16.60 -3.09
CA GLU D 97 6.29 -17.92 -3.66
C GLU D 97 6.68 -18.06 -5.12
N THR D 98 6.77 -16.95 -5.86
CA THR D 98 7.04 -17.04 -7.28
C THR D 98 8.21 -16.19 -7.77
N GLY D 99 8.79 -15.32 -6.93
CA GLY D 99 9.84 -14.44 -7.39
C GLY D 99 9.37 -13.36 -8.35
N TYR D 100 8.07 -13.13 -8.44
CA TYR D 100 7.53 -12.11 -9.35
C TYR D 100 7.27 -10.81 -8.61
N GLU D 101 7.40 -9.72 -9.36
CA GLU D 101 7.00 -8.40 -8.93
C GLU D 101 5.98 -7.87 -9.92
N CYS D 102 5.23 -6.85 -9.52
CA CYS D 102 4.19 -6.29 -10.36
C CYS D 102 4.10 -4.79 -10.15
N GLU D 103 3.54 -4.13 -11.16
CA GLU D 103 3.31 -2.69 -11.11
C GLU D 103 2.13 -2.34 -10.24
N GLN D 104 1.07 -3.16 -10.27
CA GLN D 104 -0.09 -2.89 -9.44
C GLN D 104 -0.72 -4.19 -8.96
N MET D 105 -1.06 -4.19 -7.67
CA MET D 105 -1.88 -5.19 -6.98
C MET D 105 -3.27 -4.65 -6.70
N GLU D 106 -4.23 -5.10 -7.52
CA GLU D 106 -5.60 -4.60 -7.50
C GLU D 106 -6.55 -5.65 -6.92
N TRP D 107 -7.36 -5.21 -5.96
CA TRP D 107 -8.34 -6.08 -5.32
C TRP D 107 -9.42 -6.45 -6.31
N LEU D 108 -9.80 -7.73 -6.36
CA LEU D 108 -10.86 -8.20 -7.23
C LEU D 108 -12.16 -8.51 -6.46
N ILE D 109 -12.08 -9.42 -5.49
CA ILE D 109 -13.28 -9.94 -4.84
C ILE D 109 -12.85 -10.59 -3.52
N SER D 110 -13.76 -10.63 -2.55
CA SER D 110 -13.58 -11.37 -1.31
C SER D 110 -14.75 -12.32 -1.14
N PHE D 111 -14.50 -13.50 -0.54
CA PHE D 111 -15.60 -14.44 -0.32
C PHE D 111 -15.25 -15.42 0.80
N ALA D 112 -16.30 -15.95 1.43
CA ALA D 112 -16.12 -17.05 2.36
C ALA D 112 -15.96 -18.36 1.58
N THR D 113 -15.02 -19.20 2.02
CA THR D 113 -14.83 -20.45 1.31
C THR D 113 -15.89 -21.49 1.70
N SER D 114 -16.26 -21.58 2.98
CA SER D 114 -17.18 -22.62 3.45
C SER D 114 -18.07 -22.05 4.54
N PRO D 115 -18.97 -21.14 4.19
CA PRO D 115 -19.70 -20.38 5.22
C PRO D 115 -20.67 -21.22 6.02
N GLY D 116 -20.93 -22.47 5.60
CA GLY D 116 -21.76 -23.36 6.39
C GLY D 116 -21.16 -23.71 7.74
N PHE D 117 -19.84 -23.65 7.88
CA PHE D 117 -19.27 -23.99 9.18
C PHE D 117 -17.99 -23.22 9.56
N ALA D 118 -17.43 -22.44 8.64
CA ALA D 118 -16.15 -21.77 8.87
C ALA D 118 -16.26 -20.29 8.52
N ASP D 119 -15.46 -19.48 9.20
CA ASP D 119 -15.44 -18.04 8.91
C ASP D 119 -14.27 -17.65 8.02
N GLU D 120 -13.64 -18.60 7.34
CA GLU D 120 -12.49 -18.25 6.50
C GLU D 120 -12.92 -17.42 5.31
N ILE D 121 -12.23 -16.29 5.12
CA ILE D 121 -12.44 -15.37 4.00
C ILE D 121 -11.16 -15.32 3.17
N ILE D 122 -11.30 -15.41 1.82
CA ILE D 122 -10.17 -15.21 0.90
C ILE D 122 -10.34 -13.83 0.26
N HIS D 123 -9.25 -13.06 0.16
CA HIS D 123 -9.26 -11.83 -0.61
C HIS D 123 -8.38 -12.05 -1.84
N ILE D 124 -8.99 -11.98 -3.02
CA ILE D 124 -8.27 -12.20 -4.26
C ILE D 124 -7.80 -10.88 -4.86
N TYR D 125 -6.52 -10.79 -5.21
CA TYR D 125 -5.96 -9.63 -5.88
C TYR D 125 -5.43 -10.04 -7.25
N VAL D 126 -5.45 -9.10 -8.19
CA VAL D 126 -4.91 -9.30 -9.54
C VAL D 126 -3.61 -8.51 -9.65
N ALA D 127 -2.51 -9.20 -9.97
CA ALA D 127 -1.20 -8.58 -10.14
C ALA D 127 -1.07 -8.16 -11.60
N LYS D 128 -1.14 -6.85 -11.87
CA LYS D 128 -1.03 -6.31 -13.21
C LYS D 128 0.40 -5.85 -13.47
N GLY D 129 0.90 -6.13 -14.68
CA GLY D 129 2.24 -5.71 -15.08
C GLY D 129 3.35 -6.48 -14.39
N LEU D 130 3.48 -7.75 -14.74
CA LEU D 130 4.35 -8.66 -13.99
C LEU D 130 5.80 -8.56 -14.43
N SER D 131 6.71 -8.61 -13.46
CA SER D 131 8.14 -8.63 -13.72
C SER D 131 8.85 -9.49 -12.68
N LYS D 132 9.92 -10.16 -13.09
CA LYS D 132 10.62 -11.09 -12.20
C LYS D 132 11.85 -10.47 -11.53
N PHE D 144 12.27 -22.08 -6.51
CA PHE D 144 10.82 -22.21 -6.46
C PHE D 144 10.41 -23.43 -7.30
N VAL D 145 10.72 -24.63 -6.78
CA VAL D 145 10.59 -25.86 -7.56
C VAL D 145 9.14 -26.26 -7.84
N ASP D 146 8.16 -25.64 -7.18
CA ASP D 146 6.76 -25.99 -7.36
C ASP D 146 6.00 -24.96 -8.18
N LEU D 147 6.70 -24.11 -8.91
CA LEU D 147 6.10 -23.04 -9.70
C LEU D 147 5.74 -23.55 -11.10
N ILE D 148 4.53 -23.24 -11.55
CA ILE D 148 4.13 -23.64 -12.88
C ILE D 148 3.36 -22.49 -13.51
N GLU D 149 3.47 -22.35 -14.81
CA GLU D 149 2.73 -21.34 -15.56
C GLU D 149 1.93 -22.03 -16.65
N LEU D 150 0.65 -21.68 -16.76
CA LEU D 150 -0.29 -22.40 -17.60
C LEU D 150 -0.97 -21.44 -18.57
N THR D 151 -1.01 -21.82 -19.84
CA THR D 151 -1.94 -21.20 -20.77
C THR D 151 -3.37 -21.46 -20.30
N LEU D 152 -4.31 -20.64 -20.78
CA LEU D 152 -5.70 -20.91 -20.45
C LEU D 152 -6.07 -22.36 -20.82
N ASP D 153 -5.71 -22.80 -22.03
CA ASP D 153 -6.05 -24.15 -22.46
C ASP D 153 -5.47 -25.22 -21.54
N GLU D 154 -4.22 -25.03 -21.09
CA GLU D 154 -3.63 -25.96 -20.12
C GLU D 154 -4.38 -25.93 -18.79
N ALA D 155 -4.75 -24.73 -18.32
CA ALA D 155 -5.50 -24.61 -17.07
C ALA D 155 -6.82 -25.35 -17.16
N LEU D 156 -7.53 -25.17 -18.27
CA LEU D 156 -8.77 -25.92 -18.47
C LEU D 156 -8.51 -27.42 -18.44
N GLN D 157 -7.36 -27.85 -18.97
CA GLN D 157 -7.06 -29.28 -18.96
C GLN D 157 -6.74 -29.76 -17.55
N TYR D 158 -6.05 -28.94 -16.78
CA TYR D 158 -5.82 -29.25 -15.38
C TYR D 158 -7.12 -29.35 -14.61
N ILE D 159 -8.10 -28.50 -14.94
CA ILE D 159 -9.42 -28.68 -14.31
C ILE D 159 -10.02 -30.03 -14.71
N LYS D 160 -9.95 -30.36 -16.00
CA LYS D 160 -10.45 -31.66 -16.44
C LYS D 160 -9.80 -32.80 -15.66
N GLU D 161 -8.47 -32.73 -15.47
CA GLU D 161 -7.74 -33.77 -14.75
C GLU D 161 -7.89 -33.67 -13.23
N GLN D 162 -8.57 -32.63 -12.74
CA GLN D 162 -8.71 -32.30 -11.33
C GLN D 162 -7.36 -32.13 -10.63
N ARG D 163 -6.35 -31.68 -11.39
CA ARG D 163 -5.15 -31.09 -10.79
C ARG D 163 -5.45 -29.71 -10.21
N ILE D 164 -6.30 -28.94 -10.87
CA ILE D 164 -6.86 -27.74 -10.27
C ILE D 164 -8.21 -28.12 -9.66
N TYR D 165 -8.37 -27.83 -8.38
CA TYR D 165 -9.35 -28.54 -7.58
C TYR D 165 -9.69 -27.78 -6.30
N ASP D 166 -9.58 -26.44 -6.29
CA ASP D 166 -10.03 -25.69 -5.13
C ASP D 166 -10.67 -24.38 -5.58
N SER D 167 -11.51 -23.81 -4.72
CA SER D 167 -12.41 -22.77 -5.20
C SER D 167 -11.64 -21.55 -5.70
N LYS D 168 -10.67 -21.05 -4.93
CA LYS D 168 -9.95 -19.83 -5.33
C LYS D 168 -9.27 -20.00 -6.69
N THR D 169 -8.76 -21.19 -6.96
CA THR D 169 -8.07 -21.40 -8.22
C THR D 169 -9.04 -21.60 -9.38
N VAL D 170 -10.19 -22.23 -9.13
CA VAL D 170 -11.23 -22.27 -10.16
C VAL D 170 -11.70 -20.86 -10.50
N ILE D 171 -11.87 -20.01 -9.48
CA ILE D 171 -12.27 -18.62 -9.72
C ILE D 171 -11.24 -17.91 -10.59
N ALA D 172 -9.96 -18.15 -10.32
CA ALA D 172 -8.90 -17.52 -11.12
C ALA D 172 -8.95 -17.97 -12.59
N VAL D 173 -9.20 -19.27 -12.83
CA VAL D 173 -9.25 -19.75 -14.22
C VAL D 173 -10.44 -19.15 -14.98
N GLN D 174 -11.60 -19.08 -14.33
CA GLN D 174 -12.77 -18.50 -15.01
C GLN D 174 -12.59 -17.01 -15.27
N TYR D 175 -11.87 -16.32 -14.39
CA TYR D 175 -11.49 -14.93 -14.61
C TYR D 175 -10.63 -14.81 -15.85
N LEU D 176 -9.65 -15.70 -16.00
CA LEU D 176 -8.82 -15.71 -17.21
C LEU D 176 -9.65 -16.12 -18.44
N GLN D 177 -10.51 -17.13 -18.30
CA GLN D 177 -11.42 -17.49 -19.40
C GLN D 177 -12.19 -16.29 -19.89
N LEU D 178 -12.82 -15.57 -18.96
CA LEU D 178 -13.65 -14.43 -19.35
C LEU D 178 -12.82 -13.37 -20.04
N GLN D 179 -11.68 -13.03 -19.46
CA GLN D 179 -10.83 -12.01 -20.03
C GLN D 179 -10.47 -12.35 -21.47
N GLU D 180 -10.23 -13.63 -21.77
CA GLU D 180 -9.94 -14.04 -23.14
C GLU D 180 -11.18 -14.03 -24.02
N ALA D 181 -12.33 -14.48 -23.49
CA ALA D 181 -13.57 -14.40 -24.25
C ALA D 181 -13.87 -12.97 -24.69
N LEU D 182 -13.58 -12.00 -23.83
CA LEU D 182 -13.87 -10.61 -24.15
C LEU D 182 -12.74 -10.00 -24.96
N LYS D 183 -12.00 -10.85 -25.68
CA LYS D 183 -10.84 -10.46 -26.48
C LYS D 183 -10.00 -9.40 -25.76
N GLY E 2 -22.32 -2.60 7.54
CA GLY E 2 -21.03 -3.06 7.06
C GLY E 2 -20.37 -3.93 8.09
N LYS E 3 -19.19 -4.45 7.78
CA LYS E 3 -18.46 -5.31 8.71
C LYS E 3 -17.11 -4.72 9.09
N LEU E 4 -16.96 -3.41 8.96
CA LEU E 4 -15.68 -2.76 9.27
C LEU E 4 -15.29 -2.99 10.73
N PHE E 5 -14.06 -3.45 10.94
CA PHE E 5 -13.53 -3.66 12.28
C PHE E 5 -14.30 -4.73 13.07
N GLU E 6 -14.86 -5.71 12.37
CA GLU E 6 -15.68 -6.74 13.01
C GLU E 6 -14.96 -7.37 14.20
N GLU E 7 -15.72 -7.60 15.27
CA GLU E 7 -15.23 -8.10 16.56
C GLU E 7 -15.81 -9.49 16.80
N LYS E 8 -15.00 -10.52 16.58
CA LYS E 8 -15.52 -11.87 16.66
C LYS E 8 -15.61 -12.37 18.09
N THR E 9 -16.71 -13.05 18.38
CA THR E 9 -16.97 -13.59 19.71
C THR E 9 -16.15 -14.86 19.92
N ILE E 10 -15.41 -14.91 21.03
CA ILE E 10 -14.67 -16.11 21.40
C ILE E 10 -15.19 -16.76 22.66
N LYS E 11 -15.92 -16.03 23.51
CA LYS E 11 -16.61 -16.58 24.67
C LYS E 11 -17.89 -15.78 24.90
N THR E 12 -18.91 -16.47 25.40
CA THR E 12 -20.17 -15.84 25.80
C THR E 12 -20.49 -16.24 27.23
N GLU E 13 -20.78 -15.26 28.08
CA GLU E 13 -21.32 -15.54 29.40
C GLU E 13 -22.67 -14.84 29.49
N GLN E 14 -23.71 -15.58 29.87
CA GLN E 14 -25.03 -14.99 29.88
C GLN E 14 -25.38 -14.60 31.31
N ILE E 15 -25.81 -13.37 31.50
CA ILE E 15 -26.00 -12.79 32.82
C ILE E 15 -27.45 -12.86 33.27
N PHE E 16 -28.38 -12.65 32.35
CA PHE E 16 -29.77 -12.43 32.71
C PHE E 16 -30.66 -12.64 31.49
N SER E 17 -31.82 -13.26 31.71
CA SER E 17 -32.85 -13.40 30.68
C SER E 17 -34.21 -13.20 31.37
N GLY E 18 -34.81 -12.03 31.19
CA GLY E 18 -36.08 -11.70 31.80
C GLY E 18 -37.22 -11.65 30.81
N ARG E 19 -38.27 -10.92 31.18
CA ARG E 19 -39.43 -10.77 30.30
C ARG E 19 -39.23 -9.69 29.25
N VAL E 20 -38.35 -8.73 29.47
CA VAL E 20 -38.15 -7.63 28.53
C VAL E 20 -36.74 -7.63 27.94
N VAL E 21 -35.72 -7.83 28.77
CA VAL E 21 -34.35 -7.78 28.27
C VAL E 21 -33.60 -9.07 28.62
N LYS E 22 -32.56 -9.33 27.85
CA LYS E 22 -31.56 -10.34 28.16
C LYS E 22 -30.21 -9.65 28.16
N LEU E 23 -29.30 -10.09 29.02
CA LEU E 23 -27.99 -9.48 29.07
C LEU E 23 -26.93 -10.56 29.00
N GLN E 24 -25.89 -10.31 28.21
CA GLN E 24 -24.77 -11.23 28.12
C GLN E 24 -23.50 -10.44 27.90
N VAL E 25 -22.37 -11.09 28.17
CA VAL E 25 -21.06 -10.47 28.03
C VAL E 25 -20.25 -11.34 27.09
N ASP E 26 -19.76 -10.73 26.01
CA ASP E 26 -18.98 -11.45 25.01
C ASP E 26 -17.53 -11.05 25.17
N ASP E 27 -16.66 -12.05 25.15
CA ASP E 27 -15.24 -11.80 24.90
C ASP E 27 -15.07 -11.74 23.39
N VAL E 28 -14.40 -10.72 22.90
CA VAL E 28 -14.29 -10.54 21.46
C VAL E 28 -12.83 -10.35 21.10
N GLU E 29 -12.47 -10.74 19.89
CA GLU E 29 -11.15 -10.45 19.34
C GLU E 29 -11.24 -9.19 18.51
N LEU E 30 -10.43 -8.19 18.86
CA LEU E 30 -10.41 -6.96 18.09
C LEU E 30 -9.68 -7.19 16.77
N PRO E 31 -9.85 -6.29 15.80
CA PRO E 31 -9.13 -6.47 14.52
C PRO E 31 -7.63 -6.63 14.68
N ASN E 32 -7.04 -6.08 15.75
CA ASN E 32 -5.60 -6.16 15.92
C ASN E 32 -5.16 -7.41 16.66
N GLY E 33 -6.08 -8.30 17.03
CA GLY E 33 -5.77 -9.50 17.75
C GLY E 33 -5.94 -9.41 19.26
N GLN E 34 -6.09 -8.21 19.81
CA GLN E 34 -6.28 -8.04 21.24
C GLN E 34 -7.69 -8.44 21.66
N THR E 35 -7.84 -8.80 22.93
CA THR E 35 -9.12 -9.18 23.48
C THR E 35 -9.79 -7.99 24.15
N SER E 36 -11.12 -7.96 24.10
CA SER E 36 -11.90 -6.95 24.82
C SER E 36 -13.24 -7.59 25.18
N LYS E 37 -14.04 -6.85 25.96
CA LYS E 37 -15.32 -7.34 26.46
C LYS E 37 -16.43 -6.40 25.99
N ARG E 38 -17.60 -6.99 25.72
CA ARG E 38 -18.74 -6.27 25.16
C ARG E 38 -20.00 -6.71 25.90
N GLU E 39 -20.72 -5.74 26.47
CA GLU E 39 -21.96 -5.99 27.18
C GLU E 39 -23.12 -5.79 26.20
N ILE E 40 -24.00 -6.78 26.11
CA ILE E 40 -25.01 -6.79 25.05
C ILE E 40 -26.38 -7.03 25.67
N VAL E 41 -27.28 -6.06 25.49
CA VAL E 41 -28.67 -6.21 25.91
C VAL E 41 -29.48 -6.59 24.70
N ARG E 42 -30.21 -7.70 24.79
CA ARG E 42 -31.17 -8.09 23.78
C ARG E 42 -32.58 -7.61 24.11
N HIS E 43 -33.26 -7.05 23.12
CA HIS E 43 -34.59 -6.47 23.27
C HIS E 43 -35.32 -6.71 21.95
N PRO E 44 -36.61 -7.07 22.00
CA PRO E 44 -37.30 -7.50 20.77
C PRO E 44 -37.33 -6.48 19.64
N GLY E 45 -37.42 -5.20 19.93
CA GLY E 45 -37.62 -4.27 18.84
C GLY E 45 -39.09 -3.95 18.61
N ALA E 46 -39.33 -2.94 17.77
CA ALA E 46 -40.63 -2.27 17.90
C ALA E 46 -40.97 -1.50 16.64
N VAL E 47 -42.26 -1.15 16.55
CA VAL E 47 -42.79 -0.34 15.49
C VAL E 47 -43.40 0.91 16.12
N ALA E 48 -43.25 2.05 15.46
CA ALA E 48 -43.84 3.29 15.95
C ALA E 48 -44.47 4.00 14.78
N VAL E 49 -45.47 4.84 15.06
CA VAL E 49 -46.30 5.42 14.02
C VAL E 49 -46.34 6.92 14.16
N ILE E 50 -45.97 7.61 13.09
CA ILE E 50 -46.18 9.06 12.96
C ILE E 50 -47.54 9.25 12.29
N ALA E 51 -48.51 9.74 13.05
CA ALA E 51 -49.88 9.86 12.55
C ALA E 51 -50.27 11.32 12.60
N ILE E 52 -50.53 11.92 11.42
CA ILE E 52 -50.92 13.32 11.29
C ILE E 52 -52.42 13.39 11.02
N THR E 53 -53.15 14.16 11.83
CA THR E 53 -54.58 14.20 11.66
C THR E 53 -54.93 15.12 10.50
N ASN E 54 -56.23 15.18 10.16
CA ASN E 54 -56.64 16.06 9.09
C ASN E 54 -56.43 17.53 9.44
N GLU E 55 -56.19 17.84 10.71
CA GLU E 55 -55.89 19.19 11.17
C GLU E 55 -54.40 19.48 11.18
N ASN E 56 -53.56 18.59 10.65
CA ASN E 56 -52.13 18.76 10.71
C ASN E 56 -51.59 18.69 12.13
N LYS E 57 -52.21 17.91 13.00
CA LYS E 57 -51.67 17.66 14.32
C LYS E 57 -51.08 16.25 14.36
N ILE E 58 -50.05 16.08 15.17
CA ILE E 58 -49.44 14.77 15.37
C ILE E 58 -50.05 14.12 16.60
N VAL E 59 -50.31 12.81 16.52
CA VAL E 59 -51.01 12.07 17.56
C VAL E 59 -49.97 11.44 18.47
N MET E 60 -50.10 11.66 19.78
CA MET E 60 -49.10 11.19 20.70
C MET E 60 -49.83 10.64 21.92
N VAL E 61 -49.14 9.83 22.72
CA VAL E 61 -49.72 9.29 23.95
C VAL E 61 -48.76 9.56 25.10
N GLU E 62 -49.31 9.88 26.25
CA GLU E 62 -48.49 10.02 27.44
C GLU E 62 -48.24 8.64 28.05
N GLN E 63 -46.99 8.34 28.39
CA GLN E 63 -46.59 7.02 28.87
C GLN E 63 -45.73 7.16 30.11
N TYR E 64 -46.01 6.38 31.16
CA TYR E 64 -45.10 6.33 32.29
C TYR E 64 -43.93 5.42 31.95
N ARG E 65 -42.73 5.89 32.26
CA ARG E 65 -41.51 5.13 32.00
C ARG E 65 -40.74 4.97 33.31
N LYS E 66 -40.89 3.82 33.94
CA LYS E 66 -40.19 3.56 35.20
C LYS E 66 -38.70 3.84 35.17
N PRO E 67 -37.96 3.55 34.10
CA PRO E 67 -36.53 3.90 34.12
C PRO E 67 -36.29 5.39 34.27
N LEU E 68 -37.20 6.24 33.79
CA LEU E 68 -37.05 7.69 33.90
C LEU E 68 -37.74 8.27 35.13
N GLU E 69 -38.52 7.48 35.86
CA GLU E 69 -39.29 7.98 37.00
C GLU E 69 -40.11 9.20 36.58
N LYS E 70 -40.83 9.05 35.47
CA LYS E 70 -41.53 10.18 34.90
C LYS E 70 -42.32 9.69 33.71
N SER E 71 -43.41 10.40 33.42
CA SER E 71 -44.22 10.17 32.22
C SER E 71 -43.76 11.14 31.16
N ILE E 72 -43.75 10.69 29.90
CA ILE E 72 -43.31 11.47 28.75
C ILE E 72 -44.33 11.27 27.64
N VAL E 73 -44.29 12.16 26.66
CA VAL E 73 -45.24 12.16 25.56
C VAL E 73 -44.55 11.56 24.35
N GLU E 74 -45.11 10.46 23.82
CA GLU E 74 -44.46 9.68 22.75
C GLU E 74 -45.41 9.39 21.60
N ILE E 75 -44.85 9.21 20.41
CA ILE E 75 -45.63 8.65 19.32
C ILE E 75 -46.05 7.23 19.70
N PRO E 76 -47.18 6.74 19.17
CA PRO E 76 -47.61 5.38 19.46
C PRO E 76 -46.55 4.37 19.02
N ALA E 77 -46.36 3.33 19.84
CA ALA E 77 -45.38 2.30 19.50
C ALA E 77 -45.76 1.00 20.17
N GLY E 78 -45.28 -0.11 19.61
CA GLY E 78 -45.54 -1.41 20.21
C GLY E 78 -44.50 -2.42 19.79
N LYS E 79 -44.44 -3.52 20.53
CA LYS E 79 -43.44 -4.54 20.27
C LYS E 79 -43.65 -5.21 18.90
N LEU E 80 -42.55 -5.53 18.23
CA LEU E 80 -42.57 -6.42 17.07
C LEU E 80 -42.98 -7.83 17.48
N GLU E 81 -43.88 -8.43 16.72
CA GLU E 81 -44.29 -9.81 16.96
C GLU E 81 -43.62 -10.74 15.96
N LYS E 82 -42.99 -11.80 16.47
CA LYS E 82 -42.26 -12.73 15.61
C LYS E 82 -43.10 -13.17 14.43
N GLY E 83 -42.51 -13.09 13.23
CA GLY E 83 -43.17 -13.48 12.00
C GLY E 83 -44.16 -12.48 11.45
N GLU E 84 -44.55 -11.47 12.21
CA GLU E 84 -45.58 -10.55 11.77
C GLU E 84 -44.97 -9.40 10.98
N ASP E 85 -45.55 -9.12 9.84
CA ASP E 85 -45.26 -7.91 9.10
C ASP E 85 -45.35 -6.71 10.02
N PRO E 86 -44.29 -5.88 10.11
CA PRO E 86 -44.37 -4.69 10.97
C PRO E 86 -45.48 -3.71 10.57
N ARG E 87 -45.88 -3.66 9.29
CA ARG E 87 -46.99 -2.79 8.91
C ARG E 87 -48.27 -3.19 9.67
N ILE E 88 -48.46 -4.50 9.86
CA ILE E 88 -49.64 -4.97 10.59
C ILE E 88 -49.55 -4.54 12.05
N THR E 89 -48.41 -4.77 12.68
CA THR E 89 -48.17 -4.22 14.02
C THR E 89 -48.46 -2.73 14.06
N ALA E 90 -48.01 -1.98 13.05
CA ALA E 90 -48.23 -0.53 13.06
C ALA E 90 -49.71 -0.21 13.07
N LEU E 91 -50.50 -0.86 12.21
CA LEU E 91 -51.93 -0.56 12.15
C LEU E 91 -52.60 -0.89 13.47
N ARG E 92 -52.23 -2.01 14.09
CA ARG E 92 -52.87 -2.42 15.34
C ARG E 92 -52.49 -1.49 16.49
N GLU E 93 -51.21 -1.11 16.61
CA GLU E 93 -50.83 -0.22 17.71
C GLU E 93 -51.48 1.13 17.57
N LEU E 94 -51.62 1.63 16.34
CA LEU E 94 -52.29 2.91 16.14
C LEU E 94 -53.72 2.88 16.66
N GLU E 95 -54.52 1.94 16.17
CA GLU E 95 -55.92 1.92 16.57
C GLU E 95 -56.08 1.53 18.03
N GLU E 96 -55.28 0.58 18.50
CA GLU E 96 -55.36 0.17 19.89
C GLU E 96 -54.91 1.28 20.84
N GLU E 97 -53.91 2.05 20.45
CA GLU E 97 -53.37 3.05 21.38
C GLU E 97 -54.04 4.41 21.24
N THR E 98 -54.61 4.72 20.07
CA THR E 98 -55.19 6.02 19.83
C THR E 98 -56.66 6.01 19.41
N GLY E 99 -57.21 4.87 19.00
CA GLY E 99 -58.55 4.85 18.46
C GLY E 99 -58.65 5.20 16.99
N TYR E 100 -57.52 5.30 16.29
CA TYR E 100 -57.53 5.77 14.91
C TYR E 100 -57.31 4.60 13.95
N GLU E 101 -58.07 4.61 12.86
CA GLU E 101 -57.70 3.86 11.68
C GLU E 101 -57.22 4.86 10.65
N CYS E 102 -56.61 4.35 9.59
CA CYS E 102 -55.93 5.19 8.62
C CYS E 102 -56.17 4.61 7.24
N GLU E 103 -56.11 5.46 6.23
CA GLU E 103 -56.20 4.96 4.87
C GLU E 103 -54.84 4.62 4.28
N GLN E 104 -53.74 5.08 4.89
CA GLN E 104 -52.42 4.78 4.38
C GLN E 104 -51.45 4.62 5.55
N MET E 105 -50.60 3.59 5.49
CA MET E 105 -49.57 3.31 6.48
C MET E 105 -48.36 2.84 5.70
N GLU E 106 -47.28 3.63 5.69
CA GLU E 106 -46.11 3.27 4.89
C GLU E 106 -44.82 3.49 5.69
N TRP E 107 -43.87 2.57 5.50
CA TRP E 107 -42.58 2.60 6.22
C TRP E 107 -41.78 3.86 5.87
N LEU E 108 -41.17 4.47 6.89
CA LEU E 108 -40.34 5.64 6.69
C LEU E 108 -38.86 5.36 6.90
N ILE E 109 -38.48 4.79 8.05
CA ILE E 109 -37.07 4.66 8.43
C ILE E 109 -36.99 3.66 9.57
N SER E 110 -35.83 2.99 9.68
CA SER E 110 -35.53 2.04 10.76
C SER E 110 -34.17 2.38 11.37
N PHE E 111 -34.02 2.17 12.67
CA PHE E 111 -32.77 2.57 13.30
C PHE E 111 -32.65 1.89 14.65
N ALA E 112 -31.42 1.65 15.05
CA ALA E 112 -31.13 1.16 16.40
C ALA E 112 -31.21 2.33 17.39
N THR E 113 -31.80 2.08 18.56
CA THR E 113 -31.98 3.13 19.58
C THR E 113 -30.68 3.43 20.33
N SER E 114 -29.97 2.40 20.77
CA SER E 114 -28.73 2.58 21.51
C SER E 114 -27.79 1.45 21.15
N PRO E 115 -27.17 1.52 19.97
CA PRO E 115 -26.36 0.41 19.49
C PRO E 115 -25.07 0.24 20.28
N GLY E 116 -24.77 1.16 21.21
CA GLY E 116 -23.63 0.95 22.09
C GLY E 116 -23.77 -0.28 22.97
N PHE E 117 -24.98 -0.62 23.37
CA PHE E 117 -25.17 -1.77 24.25
C PHE E 117 -26.40 -2.61 23.94
N ALA E 118 -27.30 -2.17 23.05
CA ALA E 118 -28.53 -2.91 22.83
C ALA E 118 -28.76 -3.13 21.34
N ASP E 119 -29.45 -4.23 21.04
CA ASP E 119 -29.83 -4.58 19.68
C ASP E 119 -31.25 -4.16 19.32
N GLU E 120 -31.88 -3.34 20.15
CA GLU E 120 -33.23 -2.85 19.85
C GLU E 120 -33.23 -2.05 18.56
N ILE E 121 -34.11 -2.43 17.62
CA ILE E 121 -34.36 -1.68 16.37
C ILE E 121 -35.80 -1.15 16.42
N ILE E 122 -36.01 0.10 16.00
CA ILE E 122 -37.35 0.68 15.87
C ILE E 122 -37.64 0.90 14.39
N HIS E 123 -38.84 0.51 13.98
CA HIS E 123 -39.32 0.77 12.62
C HIS E 123 -40.42 1.82 12.66
N ILE E 124 -40.22 2.92 11.95
CA ILE E 124 -41.21 3.99 11.95
C ILE E 124 -42.03 3.95 10.66
N TYR E 125 -43.35 3.97 10.81
CA TYR E 125 -44.31 4.09 9.72
C TYR E 125 -45.04 5.43 9.84
N VAL E 126 -45.48 5.95 8.70
CA VAL E 126 -46.25 7.19 8.64
C VAL E 126 -47.67 6.82 8.27
N ALA E 127 -48.63 7.24 9.08
CA ALA E 127 -50.04 6.95 8.83
C ALA E 127 -50.72 8.22 8.35
N LYS E 128 -51.52 8.12 7.28
CA LYS E 128 -52.25 9.26 6.72
C LYS E 128 -53.72 8.91 6.52
N GLY E 129 -54.56 9.95 6.47
CA GLY E 129 -55.99 9.78 6.30
C GLY E 129 -56.61 9.13 7.51
N LEU E 130 -56.55 9.81 8.65
CA LEU E 130 -56.97 9.22 9.91
C LEU E 130 -58.49 9.30 10.07
N SER E 131 -59.10 8.25 10.60
CA SER E 131 -60.51 8.31 11.00
C SER E 131 -60.68 7.51 12.29
N LYS E 132 -61.76 7.79 13.01
CA LYS E 132 -61.96 7.13 14.29
C LYS E 132 -62.56 5.73 14.09
N LYS E 133 -61.93 4.73 14.70
CA LYS E 133 -62.43 3.36 14.65
C LYS E 133 -63.63 3.25 15.58
N GLU E 134 -64.69 2.58 15.11
CA GLU E 134 -65.88 2.47 15.94
C GLU E 134 -65.62 1.60 17.17
N ASN E 135 -66.35 1.93 18.24
CA ASN E 135 -66.21 1.24 19.52
C ASN E 135 -66.53 -0.24 19.38
N ALA E 136 -65.63 -1.08 19.88
CA ALA E 136 -65.80 -2.54 19.88
C ALA E 136 -65.75 -3.10 21.30
N ALA E 137 -65.82 -2.23 22.31
CA ALA E 137 -65.82 -2.64 23.72
C ALA E 137 -67.15 -2.35 24.42
N GLY E 138 -68.22 -2.10 23.66
CA GLY E 138 -69.51 -1.80 24.27
C GLY E 138 -69.41 -0.78 25.38
N LEU E 139 -69.95 -1.14 26.55
CA LEU E 139 -70.02 -0.20 27.67
C LEU E 139 -68.65 0.10 28.27
N ASP E 140 -67.66 -0.72 27.99
CA ASP E 140 -66.29 -0.47 28.41
C ASP E 140 -65.55 0.39 27.39
N GLU E 141 -66.27 1.32 26.75
CA GLU E 141 -65.69 2.16 25.72
C GLU E 141 -64.42 2.84 26.21
N ASP E 142 -63.36 2.72 25.41
CA ASP E 142 -62.08 3.35 25.70
C ASP E 142 -62.14 4.86 25.47
N GLU E 143 -61.78 5.62 26.50
CA GLU E 143 -61.79 7.08 26.44
C GLU E 143 -60.46 7.67 25.95
N PHE E 144 -59.41 6.86 25.86
CA PHE E 144 -58.06 7.30 25.47
C PHE E 144 -57.64 8.53 26.28
N VAL E 145 -57.50 8.27 27.58
CA VAL E 145 -57.10 9.28 28.54
C VAL E 145 -55.71 9.79 28.22
N ASP E 146 -54.83 8.92 27.78
CA ASP E 146 -53.44 9.28 27.54
C ASP E 146 -53.20 9.93 26.17
N LEU E 147 -54.26 10.21 25.41
CA LEU E 147 -54.09 10.63 24.01
C LEU E 147 -53.91 12.13 23.90
N ILE E 148 -52.89 12.56 23.15
CA ILE E 148 -52.59 13.98 22.97
C ILE E 148 -52.39 14.25 21.50
N GLU E 149 -52.99 15.31 20.98
CA GLU E 149 -52.72 15.74 19.61
C GLU E 149 -52.15 17.13 19.64
N LEU E 150 -51.05 17.33 18.90
CA LEU E 150 -50.26 18.55 19.00
C LEU E 150 -50.06 19.17 17.63
N THR E 151 -50.24 20.49 17.56
CA THR E 151 -49.68 21.22 16.44
C THR E 151 -48.16 21.15 16.50
N LEU E 152 -47.54 21.48 15.37
CA LEU E 152 -46.08 21.53 15.33
C LEU E 152 -45.50 22.47 16.39
N ASP E 153 -46.06 23.68 16.51
CA ASP E 153 -45.57 24.61 17.53
C ASP E 153 -45.73 24.07 18.94
N GLU E 154 -46.85 23.41 19.21
CA GLU E 154 -47.03 22.77 20.51
C GLU E 154 -46.00 21.65 20.71
N ALA E 155 -45.74 20.86 19.68
CA ALA E 155 -44.72 19.82 19.81
C ALA E 155 -43.35 20.42 20.15
N LEU E 156 -42.98 21.50 19.46
CA LEU E 156 -41.70 22.15 19.74
C LEU E 156 -41.66 22.68 21.17
N GLN E 157 -42.79 23.23 21.66
CA GLN E 157 -42.88 23.65 23.05
C GLN E 157 -42.74 22.45 23.99
N TYR E 158 -43.35 21.31 23.64
CA TYR E 158 -43.19 20.10 24.46
C TYR E 158 -41.72 19.64 24.49
N ILE E 159 -40.97 19.87 23.41
CA ILE E 159 -39.53 19.57 23.47
C ILE E 159 -38.83 20.54 24.40
N LYS E 160 -39.15 21.85 24.29
CA LYS E 160 -38.55 22.80 25.22
C LYS E 160 -38.78 22.40 26.67
N GLU E 161 -40.02 21.99 27.00
CA GLU E 161 -40.36 21.55 28.34
C GLU E 161 -39.87 20.13 28.65
N GLN E 162 -39.29 19.42 27.68
CA GLN E 162 -38.87 18.03 27.85
C GLN E 162 -40.02 17.12 28.27
N ARG E 163 -41.24 17.49 27.86
CA ARG E 163 -42.34 16.53 27.89
C ARG E 163 -42.17 15.52 26.77
N ILE E 164 -41.66 15.95 25.62
CA ILE E 164 -41.14 15.05 24.60
C ILE E 164 -39.66 14.88 24.90
N TYR E 165 -39.22 13.63 24.99
CA TYR E 165 -37.97 13.33 25.65
C TYR E 165 -37.47 11.94 25.28
N ASP E 166 -37.81 11.43 24.10
CA ASP E 166 -37.21 10.18 23.68
C ASP E 166 -36.98 10.20 22.17
N SER E 167 -36.06 9.35 21.72
CA SER E 167 -35.45 9.60 20.41
C SER E 167 -36.45 9.34 19.28
N LYS E 168 -37.33 8.35 19.41
CA LYS E 168 -38.26 8.12 18.31
C LYS E 168 -39.23 9.28 18.16
N THR E 169 -39.60 9.94 19.26
CA THR E 169 -40.56 11.02 19.16
C THR E 169 -39.90 12.33 18.71
N VAL E 170 -38.66 12.58 19.11
CA VAL E 170 -37.89 13.68 18.52
C VAL E 170 -37.83 13.53 17.00
N ILE E 171 -37.50 12.32 16.53
CA ILE E 171 -37.43 12.08 15.08
C ILE E 171 -38.77 12.39 14.42
N ALA E 172 -39.85 12.05 15.11
CA ALA E 172 -41.17 12.29 14.52
C ALA E 172 -41.46 13.78 14.44
N VAL E 173 -41.03 14.55 15.44
CA VAL E 173 -41.30 16.00 15.39
C VAL E 173 -40.48 16.67 14.29
N GLN E 174 -39.23 16.25 14.13
CA GLN E 174 -38.40 16.79 13.04
C GLN E 174 -38.98 16.45 11.68
N TYR E 175 -39.51 15.23 11.54
CA TYR E 175 -40.22 14.88 10.31
C TYR E 175 -41.37 15.84 10.06
N LEU E 176 -42.15 16.15 11.09
CA LEU E 176 -43.26 17.07 10.88
C LEU E 176 -42.76 18.47 10.57
N GLN E 177 -41.63 18.89 11.18
CA GLN E 177 -41.01 20.17 10.85
C GLN E 177 -40.60 20.23 9.38
N LEU E 178 -39.98 19.16 8.89
CA LEU E 178 -39.55 19.14 7.49
C LEU E 178 -40.74 19.13 6.55
N GLN E 179 -41.83 18.45 6.94
CA GLN E 179 -43.03 18.46 6.11
C GLN E 179 -43.57 19.87 5.96
N GLU E 180 -43.54 20.63 7.06
CA GLU E 180 -44.07 21.98 7.00
C GLU E 180 -43.13 22.88 6.24
N ALA E 181 -41.82 22.64 6.34
CA ALA E 181 -40.86 23.43 5.58
C ALA E 181 -41.11 23.28 4.08
N LEU E 182 -41.33 22.05 3.62
CA LEU E 182 -41.60 21.82 2.21
C LEU E 182 -42.91 22.45 1.78
N LYS E 183 -43.95 22.33 2.59
CA LYS E 183 -45.24 22.92 2.26
C LYS E 183 -45.14 24.44 2.18
N ASN E 184 -44.44 25.04 3.13
CA ASN E 184 -44.25 26.49 3.11
C ASN E 184 -43.50 26.93 1.86
N LYS E 185 -42.51 26.13 1.44
CA LYS E 185 -41.81 26.43 0.19
C LYS E 185 -42.77 26.44 -0.99
N LEU E 186 -43.69 25.47 -1.08
CA LEU E 186 -44.62 25.43 -2.20
C LEU E 186 -45.44 26.72 -2.28
N GLU E 187 -46.23 26.98 -1.24
CA GLU E 187 -46.91 28.28 -1.11
C GLU E 187 -45.86 29.39 -1.09
N PHE F 5 -48.86 10.10 37.95
CA PHE F 5 -48.88 8.64 38.01
C PHE F 5 -47.51 8.14 38.42
N GLU F 6 -47.45 7.07 39.20
CA GLU F 6 -46.17 6.56 39.65
C GLU F 6 -46.28 5.05 39.88
N GLU F 7 -45.13 4.39 39.79
CA GLU F 7 -44.97 3.00 40.22
C GLU F 7 -43.80 3.01 41.19
N LYS F 8 -44.04 2.67 42.46
CA LYS F 8 -42.94 2.82 43.38
C LYS F 8 -42.17 1.53 43.64
N THR F 9 -40.88 1.73 43.90
CA THR F 9 -39.94 0.65 44.01
C THR F 9 -39.83 0.22 45.48
N ILE F 10 -40.08 -1.06 45.72
CA ILE F 10 -40.07 -1.63 47.05
C ILE F 10 -38.79 -2.40 47.34
N LYS F 11 -38.19 -3.04 46.32
CA LYS F 11 -36.97 -3.81 46.49
C LYS F 11 -36.17 -3.72 45.19
N THR F 12 -34.85 -3.64 45.33
CA THR F 12 -33.94 -3.46 44.19
C THR F 12 -32.86 -4.53 44.25
N GLU F 13 -32.93 -5.50 43.33
CA GLU F 13 -31.86 -6.49 43.18
C GLU F 13 -30.92 -6.01 42.09
N GLN F 14 -29.71 -5.62 42.49
CA GLN F 14 -28.68 -5.23 41.54
C GLN F 14 -28.17 -6.50 40.85
N ILE F 15 -28.44 -6.63 39.55
CA ILE F 15 -28.11 -7.86 38.84
C ILE F 15 -26.70 -7.83 38.25
N PHE F 16 -26.20 -6.67 37.86
CA PHE F 16 -24.97 -6.63 37.10
C PHE F 16 -24.40 -5.23 37.13
N SER F 17 -23.07 -5.13 37.09
CA SER F 17 -22.40 -3.83 36.97
C SER F 17 -21.16 -4.02 36.11
N GLY F 18 -21.15 -3.41 34.93
CA GLY F 18 -20.07 -3.63 33.99
C GLY F 18 -19.36 -2.35 33.60
N ARG F 19 -18.61 -2.40 32.51
CA ARG F 19 -17.94 -1.22 32.01
C ARG F 19 -18.95 -0.18 31.51
N VAL F 20 -20.08 -0.62 30.96
CA VAL F 20 -20.98 0.24 30.21
C VAL F 20 -22.34 0.35 30.88
N VAL F 21 -22.94 -0.78 31.24
CA VAL F 21 -24.30 -0.75 31.78
C VAL F 21 -24.32 -1.43 33.14
N LYS F 22 -25.32 -1.05 33.91
CA LYS F 22 -25.72 -1.79 35.08
C LYS F 22 -27.14 -2.25 34.85
N LEU F 23 -27.49 -3.40 35.40
CA LEU F 23 -28.85 -3.91 35.28
C LEU F 23 -29.39 -4.17 36.67
N GLN F 24 -30.63 -3.80 36.90
CA GLN F 24 -31.28 -4.03 38.19
C GLN F 24 -32.70 -4.47 37.90
N VAL F 25 -33.32 -5.15 38.85
CA VAL F 25 -34.74 -5.50 38.76
C VAL F 25 -35.43 -4.93 39.99
N ASP F 26 -36.57 -4.29 39.77
CA ASP F 26 -37.29 -3.56 40.81
C ASP F 26 -38.64 -4.25 41.06
N ASP F 27 -38.98 -4.42 42.33
CA ASP F 27 -40.35 -4.76 42.73
C ASP F 27 -41.15 -3.48 42.92
N VAL F 28 -42.33 -3.41 42.30
CA VAL F 28 -43.15 -2.20 42.32
C VAL F 28 -44.63 -2.60 42.22
N GLU F 29 -45.50 -1.60 42.35
CA GLU F 29 -46.89 -1.68 41.87
C GLU F 29 -47.51 -0.28 41.99
N LEU F 30 -48.64 -0.12 41.32
CA LEU F 30 -49.36 1.16 41.31
C LEU F 30 -49.70 1.61 42.72
N SER F 36 -45.53 -5.40 40.64
CA SER F 36 -44.92 -5.97 39.45
C SER F 36 -43.41 -5.76 39.46
N LYS F 37 -42.71 -6.44 38.56
CA LYS F 37 -41.26 -6.33 38.41
C LYS F 37 -40.91 -5.47 37.19
N ARG F 38 -39.77 -4.80 37.27
CA ARG F 38 -39.30 -3.92 36.20
C ARG F 38 -37.83 -4.17 35.96
N GLU F 39 -37.50 -4.59 34.74
CA GLU F 39 -36.11 -4.68 34.32
C GLU F 39 -35.65 -3.29 33.93
N ILE F 40 -34.59 -2.81 34.58
CA ILE F 40 -34.07 -1.46 34.32
C ILE F 40 -32.59 -1.56 34.05
N VAL F 41 -32.17 -1.19 32.84
CA VAL F 41 -30.77 -0.96 32.54
C VAL F 41 -30.45 0.48 32.90
N ARG F 42 -29.42 0.68 33.71
CA ARG F 42 -28.91 1.99 34.03
C ARG F 42 -27.62 2.24 33.27
N HIS F 43 -27.48 3.45 32.77
CA HIS F 43 -26.39 3.85 31.90
C HIS F 43 -26.03 5.27 32.29
N PRO F 44 -24.74 5.64 32.22
CA PRO F 44 -24.33 6.96 32.74
C PRO F 44 -24.91 8.14 31.98
N GLY F 45 -25.35 7.96 30.75
CA GLY F 45 -25.64 9.10 29.90
C GLY F 45 -24.48 9.40 28.95
N ALA F 46 -24.79 10.13 27.88
CA ALA F 46 -23.76 10.47 26.91
C ALA F 46 -23.96 11.88 26.38
N VAL F 47 -22.86 12.46 25.88
CA VAL F 47 -22.87 13.64 25.03
C VAL F 47 -22.58 13.18 23.61
N ALA F 48 -23.24 13.81 22.65
CA ALA F 48 -22.96 13.59 21.24
C ALA F 48 -22.86 14.95 20.57
N VAL F 49 -22.05 15.03 19.52
CA VAL F 49 -21.68 16.31 18.93
C VAL F 49 -22.06 16.33 17.45
N ILE F 50 -22.81 17.35 17.08
CA ILE F 50 -23.11 17.67 15.69
C ILE F 50 -22.08 18.71 15.26
N ALA F 51 -21.17 18.33 14.37
CA ALA F 51 -20.02 19.18 14.04
C ALA F 51 -20.01 19.36 12.53
N ILE F 52 -20.22 20.60 12.09
CA ILE F 52 -20.32 20.99 10.69
C ILE F 52 -19.05 21.75 10.35
N THR F 53 -18.35 21.33 9.30
CA THR F 53 -17.09 21.96 8.97
C THR F 53 -17.34 23.28 8.24
N ASN F 54 -16.26 24.05 8.06
CA ASN F 54 -16.35 25.27 7.29
C ASN F 54 -16.83 25.00 5.87
N GLU F 55 -16.60 23.80 5.34
CA GLU F 55 -17.14 23.45 4.03
C GLU F 55 -18.52 22.80 4.11
N ASN F 56 -19.19 22.87 5.26
CA ASN F 56 -20.59 22.44 5.37
C ASN F 56 -20.74 20.93 5.27
N LYS F 57 -19.79 20.19 5.84
CA LYS F 57 -19.89 18.75 5.99
C LYS F 57 -20.06 18.42 7.46
N ILE F 58 -20.83 17.36 7.74
CA ILE F 58 -20.93 16.86 9.11
C ILE F 58 -19.87 15.80 9.32
N VAL F 59 -19.23 15.86 10.48
CA VAL F 59 -18.18 14.93 10.87
C VAL F 59 -18.80 13.68 11.47
N MET F 60 -18.28 12.52 11.12
CA MET F 60 -18.90 11.28 11.55
C MET F 60 -17.81 10.22 11.67
N VAL F 61 -18.13 9.14 12.36
CA VAL F 61 -17.19 8.06 12.63
C VAL F 61 -17.89 6.75 12.34
N GLU F 62 -17.19 5.83 11.67
CA GLU F 62 -17.69 4.47 11.48
C GLU F 62 -16.93 3.56 12.41
N GLN F 63 -17.67 2.70 13.11
CA GLN F 63 -17.11 1.75 14.06
C GLN F 63 -18.03 0.54 14.12
N TYR F 64 -17.48 -0.57 14.60
CA TYR F 64 -18.27 -1.78 14.79
C TYR F 64 -19.13 -1.63 16.03
N ARG F 65 -20.39 -2.04 15.94
CA ARG F 65 -21.27 -2.09 17.10
C ARG F 65 -21.65 -3.54 17.31
N LYS F 66 -21.03 -4.15 18.30
CA LYS F 66 -21.19 -5.58 18.59
C LYS F 66 -22.66 -5.97 18.77
N PRO F 67 -23.49 -5.20 19.49
CA PRO F 67 -24.90 -5.63 19.65
C PRO F 67 -25.62 -5.79 18.32
N LEU F 68 -25.21 -5.05 17.29
CA LEU F 68 -25.83 -5.14 15.96
C LEU F 68 -25.08 -6.13 15.06
N GLU F 69 -23.91 -6.56 15.47
CA GLU F 69 -22.98 -7.29 14.59
C GLU F 69 -22.81 -6.55 13.26
N LYS F 70 -22.51 -5.27 13.35
CA LYS F 70 -22.48 -4.51 12.12
C LYS F 70 -21.80 -3.17 12.40
N SER F 71 -21.11 -2.63 11.39
CA SER F 71 -20.45 -1.35 11.54
C SER F 71 -21.42 -0.28 11.04
N ILE F 72 -21.46 0.87 11.74
CA ILE F 72 -22.39 1.94 11.37
C ILE F 72 -21.70 3.29 11.50
N VAL F 73 -22.28 4.28 10.83
CA VAL F 73 -21.73 5.62 10.73
C VAL F 73 -22.51 6.51 11.69
N GLU F 74 -21.82 7.15 12.63
CA GLU F 74 -22.48 7.86 13.73
C GLU F 74 -21.87 9.25 13.90
N ILE F 75 -22.61 10.14 14.57
CA ILE F 75 -21.97 11.36 15.06
C ILE F 75 -21.12 10.97 16.25
N PRO F 76 -20.03 11.72 16.51
CA PRO F 76 -19.18 11.44 17.67
C PRO F 76 -19.96 11.55 18.96
N ALA F 77 -19.64 10.67 19.92
CA ALA F 77 -20.37 10.63 21.18
C ALA F 77 -19.50 9.97 22.24
N GLY F 78 -19.75 10.34 23.49
CA GLY F 78 -19.04 9.71 24.59
C GLY F 78 -19.81 9.80 25.89
N LYS F 79 -19.42 8.96 26.84
CA LYS F 79 -20.12 8.88 28.10
C LYS F 79 -19.93 10.16 28.92
N LEU F 80 -20.97 10.50 29.69
CA LEU F 80 -20.90 11.54 30.70
C LEU F 80 -19.99 11.12 31.84
N GLU F 81 -19.19 12.05 32.33
CA GLU F 81 -18.31 11.82 33.47
C GLU F 81 -18.94 12.40 34.74
N LYS F 82 -18.90 11.60 35.82
CA LYS F 82 -19.52 12.03 37.07
C LYS F 82 -18.83 13.26 37.64
N GLY F 83 -19.58 14.34 37.79
CA GLY F 83 -19.04 15.56 38.35
C GLY F 83 -18.33 16.46 37.38
N GLU F 84 -18.51 16.23 36.07
CA GLU F 84 -17.88 17.03 35.03
C GLU F 84 -18.94 17.81 34.24
N ASP F 85 -18.57 19.01 33.80
CA ASP F 85 -19.45 19.80 32.94
C ASP F 85 -19.65 19.06 31.63
N PRO F 86 -20.88 18.75 31.24
CA PRO F 86 -21.07 18.02 29.95
C PRO F 86 -20.52 18.78 28.73
N ARG F 87 -20.41 20.10 28.78
CA ARG F 87 -19.78 20.82 27.69
C ARG F 87 -18.30 20.47 27.57
N ILE F 88 -17.63 20.32 28.71
CA ILE F 88 -16.23 19.94 28.71
C ILE F 88 -16.09 18.54 28.13
N THR F 89 -16.97 17.63 28.54
CA THR F 89 -16.98 16.29 28.00
C THR F 89 -17.15 16.30 26.48
N ALA F 90 -18.07 17.13 25.97
CA ALA F 90 -18.31 17.21 24.53
C ALA F 90 -17.08 17.70 23.77
N LEU F 91 -16.46 18.77 24.27
CA LEU F 91 -15.24 19.27 23.66
C LEU F 91 -14.18 18.18 23.60
N ARG F 92 -13.98 17.47 24.71
CA ARG F 92 -12.96 16.41 24.74
C ARG F 92 -13.28 15.35 23.70
N GLU F 93 -14.52 14.88 23.67
CA GLU F 93 -14.92 13.87 22.70
C GLU F 93 -14.65 14.33 21.27
N LEU F 94 -14.98 15.58 20.96
CA LEU F 94 -14.76 16.05 19.60
C LEU F 94 -13.27 15.98 19.23
N GLU F 95 -12.41 16.51 20.11
CA GLU F 95 -10.97 16.48 19.88
C GLU F 95 -10.47 15.05 19.74
N GLU F 96 -10.78 14.21 20.72
CA GLU F 96 -10.29 12.83 20.75
C GLU F 96 -10.69 12.05 19.51
N GLU F 97 -11.96 12.13 19.12
CA GLU F 97 -12.44 11.25 18.07
C GLU F 97 -12.27 11.81 16.68
N THR F 98 -12.11 13.13 16.55
CA THR F 98 -12.16 13.79 15.27
C THR F 98 -10.95 14.68 15.01
N GLY F 99 -10.16 14.98 16.02
CA GLY F 99 -9.09 15.96 15.93
C GLY F 99 -9.53 17.41 15.92
N TYR F 100 -10.84 17.69 15.96
CA TYR F 100 -11.31 19.05 15.75
C TYR F 100 -11.40 19.84 17.06
N GLU F 101 -11.26 21.15 16.92
CA GLU F 101 -11.44 22.16 17.95
C GLU F 101 -12.63 23.02 17.52
N CYS F 102 -13.21 23.79 18.44
CA CYS F 102 -14.36 24.56 18.01
C CYS F 102 -14.46 25.87 18.77
N GLU F 103 -15.22 26.79 18.21
CA GLU F 103 -15.47 28.10 18.81
C GLU F 103 -16.66 28.04 19.76
N GLN F 104 -17.75 27.39 19.32
CA GLN F 104 -19.00 27.27 20.04
C GLN F 104 -19.30 25.80 20.25
N MET F 105 -19.69 25.40 21.47
CA MET F 105 -20.18 24.05 21.77
C MET F 105 -21.47 24.28 22.52
N GLU F 106 -22.63 24.22 21.86
CA GLU F 106 -23.89 24.68 22.44
C GLU F 106 -24.93 23.56 22.53
N TRP F 107 -25.55 23.43 23.70
CA TRP F 107 -26.51 22.35 23.91
C TRP F 107 -27.73 22.51 23.01
N LEU F 108 -28.07 21.46 22.28
CA LEU F 108 -29.25 21.53 21.43
C LEU F 108 -30.49 20.91 22.10
N ILE F 109 -30.39 19.68 22.57
CA ILE F 109 -31.55 18.91 22.98
C ILE F 109 -31.04 17.70 23.75
N SER F 110 -31.86 17.17 24.67
CA SER F 110 -31.58 15.92 25.35
C SER F 110 -32.76 14.96 25.18
N PHE F 111 -32.48 13.64 25.21
CA PHE F 111 -33.58 12.69 25.08
C PHE F 111 -33.13 11.32 25.56
N ALA F 112 -34.09 10.53 26.06
CA ALA F 112 -33.86 9.14 26.38
C ALA F 112 -33.85 8.30 25.10
N THR F 113 -32.98 7.30 25.03
CA THR F 113 -32.91 6.51 23.82
C THR F 113 -33.94 5.39 23.78
N SER F 114 -34.09 4.64 24.89
CA SER F 114 -34.98 3.49 24.94
C SER F 114 -35.66 3.50 26.29
N PRO F 115 -36.56 4.45 26.53
CA PRO F 115 -37.08 4.69 27.89
C PRO F 115 -37.95 3.55 28.42
N GLY F 116 -38.31 2.57 27.59
CA GLY F 116 -39.09 1.45 28.08
C GLY F 116 -38.29 0.48 28.92
N PHE F 117 -36.96 0.54 28.85
CA PHE F 117 -36.14 -0.39 29.62
C PHE F 117 -34.83 0.21 30.10
N ALA F 118 -34.42 1.37 29.59
CA ALA F 118 -33.11 1.93 29.90
C ALA F 118 -33.24 3.38 30.36
N ASP F 119 -32.37 3.81 31.27
CA ASP F 119 -32.40 5.21 31.67
C ASP F 119 -31.40 6.06 30.91
N GLU F 120 -30.83 5.55 29.81
CA GLU F 120 -29.81 6.28 29.07
C GLU F 120 -30.36 7.57 28.49
N ILE F 121 -29.67 8.68 28.75
CA ILE F 121 -30.03 9.99 28.21
C ILE F 121 -28.88 10.47 27.33
N ILE F 122 -29.19 10.90 26.10
CA ILE F 122 -28.19 11.52 25.23
C ILE F 122 -28.39 13.02 25.26
N HIS F 123 -27.30 13.76 25.39
CA HIS F 123 -27.27 15.22 25.29
C HIS F 123 -26.50 15.64 24.05
N ILE F 124 -27.19 16.24 23.10
CA ILE F 124 -26.61 16.65 21.84
C ILE F 124 -26.15 18.11 21.95
N TYR F 125 -24.87 18.34 21.62
CA TYR F 125 -24.25 19.66 21.50
C TYR F 125 -23.90 19.91 20.05
N VAL F 126 -23.94 21.18 19.65
CA VAL F 126 -23.62 21.62 18.29
C VAL F 126 -22.32 22.41 18.33
N ALA F 127 -21.31 21.94 17.58
CA ALA F 127 -19.98 22.53 17.56
C ALA F 127 -19.87 23.41 16.32
N LYS F 128 -19.56 24.69 16.51
CA LYS F 128 -19.37 25.62 15.41
C LYS F 128 -17.97 26.23 15.45
N GLY F 129 -17.54 26.72 14.29
CA GLY F 129 -16.20 27.25 14.13
C GLY F 129 -15.18 26.15 14.31
N LEU F 130 -15.24 25.13 13.45
CA LEU F 130 -14.38 23.97 13.58
C LEU F 130 -13.03 24.24 12.94
N SER F 131 -11.96 23.97 13.67
CA SER F 131 -10.63 24.02 13.12
C SER F 131 -9.88 22.80 13.60
N LYS F 132 -9.13 22.18 12.68
CA LYS F 132 -8.26 21.08 13.06
C LYS F 132 -7.30 21.56 14.14
N LYS F 133 -7.15 20.75 15.18
CA LYS F 133 -6.30 21.10 16.30
C LYS F 133 -4.90 20.59 16.06
N GLU F 134 -3.90 21.36 16.50
CA GLU F 134 -2.53 21.02 16.16
C GLU F 134 -2.10 19.72 16.85
N ASN F 135 -2.20 19.67 18.17
CA ASN F 135 -1.80 18.47 18.90
C ASN F 135 -3.00 17.79 19.53
N GLU F 143 -11.28 2.92 20.02
CA GLU F 143 -10.19 2.05 19.61
C GLU F 143 -10.05 2.05 18.07
N PHE F 144 -11.06 1.53 17.36
CA PHE F 144 -11.02 1.42 15.90
C PHE F 144 -12.19 2.20 15.32
N VAL F 145 -11.89 3.34 14.74
CA VAL F 145 -12.91 4.16 14.09
C VAL F 145 -12.35 4.72 12.78
N ASP F 146 -13.23 4.88 11.82
CA ASP F 146 -12.98 5.52 10.55
C ASP F 146 -13.60 6.92 10.63
N LEU F 147 -12.77 7.95 10.53
CA LEU F 147 -13.27 9.32 10.46
C LEU F 147 -13.78 9.64 9.06
N ILE F 148 -14.97 10.24 8.96
CA ILE F 148 -15.45 10.69 7.67
C ILE F 148 -16.19 12.02 7.80
N GLU F 149 -16.34 12.69 6.67
CA GLU F 149 -17.02 13.97 6.60
C GLU F 149 -17.96 13.91 5.40
N LEU F 150 -19.24 14.18 5.62
CA LEU F 150 -20.27 14.00 4.60
C LEU F 150 -20.96 15.34 4.30
N THR F 151 -21.29 15.55 3.03
CA THR F 151 -22.27 16.57 2.73
C THR F 151 -23.63 16.11 3.23
N LEU F 152 -24.56 17.06 3.33
CA LEU F 152 -25.93 16.69 3.69
C LEU F 152 -26.47 15.61 2.75
N ASP F 153 -26.28 15.78 1.44
CA ASP F 153 -26.84 14.79 0.52
C ASP F 153 -26.14 13.45 0.63
N GLU F 154 -24.86 13.42 0.95
CA GLU F 154 -24.21 12.13 1.20
C GLU F 154 -24.76 11.47 2.46
N ALA F 155 -25.03 12.28 3.51
CA ALA F 155 -25.58 11.74 4.74
C ALA F 155 -26.96 11.15 4.51
N LEU F 156 -27.77 11.82 3.70
CA LEU F 156 -29.10 11.32 3.41
C LEU F 156 -29.04 10.05 2.58
N GLN F 157 -28.05 9.95 1.68
CA GLN F 157 -27.86 8.70 0.95
C GLN F 157 -27.41 7.58 1.87
N TYR F 158 -26.58 7.90 2.88
CA TYR F 158 -26.17 6.91 3.86
C TYR F 158 -27.36 6.40 4.68
N ILE F 159 -28.36 7.26 4.94
CA ILE F 159 -29.57 6.81 5.59
C ILE F 159 -30.33 5.86 4.67
N LYS F 160 -30.44 6.23 3.38
CA LYS F 160 -31.12 5.35 2.44
C LYS F 160 -30.47 3.97 2.40
N GLU F 161 -29.15 3.90 2.55
CA GLU F 161 -28.42 2.64 2.54
C GLU F 161 -28.31 2.01 3.92
N GLN F 162 -28.90 2.64 4.95
CA GLN F 162 -28.84 2.18 6.33
C GLN F 162 -27.42 2.04 6.85
N ARG F 163 -26.49 2.81 6.26
CA ARG F 163 -25.17 2.96 6.86
C ARG F 163 -25.27 3.83 8.11
N ILE F 164 -26.11 4.85 8.06
CA ILE F 164 -26.53 5.57 9.24
C ILE F 164 -27.78 4.88 9.75
N TYR F 165 -27.75 4.47 11.02
CA TYR F 165 -28.71 3.48 11.49
C TYR F 165 -28.92 3.57 13.00
N ASP F 166 -28.77 4.74 13.61
CA ASP F 166 -29.07 4.87 15.03
C ASP F 166 -29.69 6.23 15.31
N SER F 167 -30.43 6.30 16.41
CA SER F 167 -31.39 7.40 16.55
C SER F 167 -30.68 8.76 16.63
N LYS F 168 -29.62 8.87 17.42
CA LYS F 168 -28.97 10.17 17.59
C LYS F 168 -28.40 10.72 16.27
N THR F 169 -27.92 9.83 15.41
CA THR F 169 -27.35 10.28 14.14
C THR F 169 -28.46 10.62 13.16
N VAL F 170 -29.60 9.91 13.23
CA VAL F 170 -30.75 10.31 12.41
C VAL F 170 -31.20 11.71 12.82
N ILE F 171 -31.28 11.97 14.14
CA ILE F 171 -31.66 13.29 14.63
C ILE F 171 -30.67 14.34 14.13
N ALA F 172 -29.37 14.01 14.14
CA ALA F 172 -28.36 14.97 13.69
C ALA F 172 -28.53 15.32 12.21
N VAL F 173 -28.80 14.32 11.36
CA VAL F 173 -28.99 14.59 9.95
C VAL F 173 -30.27 15.37 9.70
N GLN F 174 -31.36 15.01 10.39
CA GLN F 174 -32.58 15.80 10.23
C GLN F 174 -32.33 17.25 10.63
N TYR F 175 -31.58 17.47 11.71
CA TYR F 175 -31.31 18.83 12.15
C TYR F 175 -30.59 19.60 11.06
N LEU F 176 -29.54 18.98 10.51
CA LEU F 176 -28.80 19.60 9.42
C LEU F 176 -29.74 19.93 8.27
N GLN F 177 -30.62 18.98 7.93
CA GLN F 177 -31.63 19.19 6.90
C GLN F 177 -32.45 20.43 7.21
N LEU F 178 -32.84 20.60 8.47
CA LEU F 178 -33.69 21.73 8.83
C LEU F 178 -32.93 23.04 8.74
N GLN F 179 -31.66 23.06 9.16
CA GLN F 179 -30.85 24.25 8.99
C GLN F 179 -30.88 24.76 7.56
N GLU F 180 -30.53 23.90 6.60
CA GLU F 180 -30.43 24.35 5.22
C GLU F 180 -31.81 24.68 4.64
N ALA F 181 -32.86 23.98 5.07
CA ALA F 181 -34.20 24.41 4.71
C ALA F 181 -34.46 25.83 5.20
N LEU F 182 -33.78 26.23 6.29
CA LEU F 182 -33.84 27.60 6.76
C LEU F 182 -33.01 28.52 5.86
N LYS F 183 -31.77 28.10 5.58
CA LYS F 183 -30.91 28.81 4.63
C LYS F 183 -31.52 28.87 3.23
N ASN F 184 -32.66 28.22 2.99
CA ASN F 184 -33.32 28.20 1.68
C ASN F 184 -32.39 27.66 0.59
N GLY G 2 45.11 -21.38 -16.25
CA GLY G 2 45.96 -21.86 -15.17
C GLY G 2 45.65 -23.30 -14.76
N LYS G 3 44.37 -23.58 -14.61
CA LYS G 3 43.85 -24.93 -14.37
C LYS G 3 43.82 -25.22 -12.86
N LEU G 4 44.13 -24.21 -12.05
CA LEU G 4 44.06 -24.37 -10.61
C LEU G 4 42.61 -24.63 -10.18
N PHE G 5 42.42 -25.53 -9.21
CA PHE G 5 41.09 -25.92 -8.72
C PHE G 5 40.16 -26.37 -9.84
N GLU G 6 40.68 -27.14 -10.78
CA GLU G 6 39.89 -27.58 -11.94
C GLU G 6 38.57 -28.21 -11.49
N GLU G 7 37.49 -27.90 -12.24
CA GLU G 7 36.15 -28.44 -12.01
C GLU G 7 35.75 -29.28 -13.22
N LYS G 8 35.91 -30.60 -13.12
CA LYS G 8 35.71 -31.48 -14.27
C LYS G 8 34.24 -31.84 -14.45
N THR G 9 33.82 -31.92 -15.72
CA THR G 9 32.42 -32.14 -16.03
C THR G 9 32.02 -33.60 -15.80
N ILE G 10 30.92 -33.79 -15.06
CA ILE G 10 30.34 -35.13 -14.88
C ILE G 10 29.27 -35.43 -15.92
N LYS G 11 28.50 -34.42 -16.34
CA LYS G 11 27.54 -34.53 -17.43
C LYS G 11 27.14 -33.12 -17.84
N THR G 12 26.90 -32.92 -19.13
CA THR G 12 26.50 -31.62 -19.68
C THR G 12 25.15 -31.76 -20.35
N GLU G 13 24.30 -30.74 -20.20
CA GLU G 13 22.96 -30.75 -20.78
C GLU G 13 22.78 -29.48 -21.60
N GLN G 14 22.49 -29.64 -22.89
CA GLN G 14 22.32 -28.51 -23.80
C GLN G 14 20.93 -27.93 -23.65
N ILE G 15 20.86 -26.69 -23.18
CA ILE G 15 19.56 -26.08 -22.90
C ILE G 15 19.02 -25.30 -24.09
N PHE G 16 19.88 -24.72 -24.91
CA PHE G 16 19.45 -23.80 -25.96
C PHE G 16 20.62 -23.55 -26.89
N SER G 17 20.34 -23.55 -28.19
CA SER G 17 21.32 -23.11 -29.18
C SER G 17 20.66 -22.06 -30.04
N GLY G 18 21.21 -20.84 -30.02
CA GLY G 18 20.64 -19.75 -30.78
C GLY G 18 21.66 -19.08 -31.67
N ARG G 19 21.35 -17.86 -32.10
CA ARG G 19 22.23 -17.15 -33.04
C ARG G 19 23.44 -16.55 -32.35
N VAL G 20 23.27 -16.04 -31.13
CA VAL G 20 24.36 -15.39 -30.40
C VAL G 20 24.80 -16.20 -29.19
N VAL G 21 23.87 -16.82 -28.46
CA VAL G 21 24.28 -17.57 -27.27
C VAL G 21 23.90 -19.04 -27.39
N LYS G 22 24.74 -19.88 -26.80
CA LYS G 22 24.44 -21.27 -26.50
C LYS G 22 24.41 -21.39 -24.98
N LEU G 23 23.46 -22.15 -24.46
CA LEU G 23 23.34 -22.34 -23.03
C LEU G 23 23.38 -23.83 -22.72
N GLN G 24 24.24 -24.21 -21.79
CA GLN G 24 24.35 -25.59 -21.33
C GLN G 24 24.47 -25.57 -19.82
N VAL G 25 24.08 -26.67 -19.18
CA VAL G 25 24.30 -26.89 -17.77
C VAL G 25 25.23 -28.08 -17.61
N ASP G 26 26.30 -27.88 -16.85
CA ASP G 26 27.31 -28.90 -16.59
C ASP G 26 27.22 -29.33 -15.13
N ASP G 27 27.23 -30.63 -14.89
CA ASP G 27 27.48 -31.14 -13.55
C ASP G 27 28.97 -31.36 -13.41
N VAL G 28 29.56 -30.78 -12.37
CA VAL G 28 31.00 -30.77 -12.20
C VAL G 28 31.37 -31.30 -10.82
N GLU G 29 32.53 -31.96 -10.74
CA GLU G 29 33.13 -32.36 -9.48
C GLU G 29 34.02 -31.23 -8.95
N LEU G 30 33.85 -30.90 -7.67
CA LEU G 30 34.72 -29.91 -7.06
C LEU G 30 36.01 -30.56 -6.60
N PRO G 31 37.07 -29.75 -6.41
CA PRO G 31 38.35 -30.33 -5.96
C PRO G 31 38.23 -31.16 -4.70
N ASN G 32 37.18 -30.92 -3.90
CA ASN G 32 37.01 -31.58 -2.61
C ASN G 32 36.26 -32.91 -2.69
N GLY G 33 35.58 -33.19 -3.79
CA GLY G 33 34.81 -34.41 -3.97
C GLY G 33 33.33 -34.19 -4.16
N GLN G 34 32.81 -33.02 -3.82
CA GLN G 34 31.39 -32.72 -3.93
C GLN G 34 31.03 -32.34 -5.36
N THR G 35 29.78 -32.60 -5.73
CA THR G 35 29.26 -32.22 -7.04
C THR G 35 28.62 -30.84 -6.98
N SER G 36 28.56 -30.19 -8.14
CA SER G 36 28.00 -28.85 -8.26
C SER G 36 27.61 -28.62 -9.71
N LYS G 37 26.61 -27.76 -9.90
CA LYS G 37 26.13 -27.43 -11.23
C LYS G 37 26.78 -26.14 -11.72
N ARG G 38 27.04 -26.09 -13.03
CA ARG G 38 27.65 -24.92 -13.65
C ARG G 38 26.82 -24.55 -14.87
N GLU G 39 26.21 -23.38 -14.84
CA GLU G 39 25.44 -22.86 -15.97
C GLU G 39 26.39 -22.06 -16.87
N ILE G 40 26.51 -22.47 -18.13
CA ILE G 40 27.55 -21.93 -19.01
C ILE G 40 26.91 -21.36 -20.27
N VAL G 41 27.18 -20.08 -20.54
CA VAL G 41 26.75 -19.42 -21.77
C VAL G 41 27.94 -19.38 -22.71
N ARG G 42 27.77 -19.93 -23.91
CA ARG G 42 28.75 -19.82 -24.98
C ARG G 42 28.34 -18.69 -25.92
N HIS G 43 29.33 -17.89 -26.33
CA HIS G 43 29.06 -16.70 -27.10
C HIS G 43 30.23 -16.56 -28.06
N PRO G 44 29.99 -16.14 -29.30
CA PRO G 44 31.09 -16.12 -30.29
C PRO G 44 32.27 -15.22 -29.94
N GLY G 45 32.12 -14.19 -29.14
CA GLY G 45 33.25 -13.31 -28.88
C GLY G 45 33.46 -12.28 -29.99
N ALA G 46 34.18 -11.21 -29.64
CA ALA G 46 34.07 -9.98 -30.41
C ALA G 46 35.41 -9.23 -30.47
N VAL G 47 35.51 -8.33 -31.45
CA VAL G 47 36.60 -7.37 -31.56
C VAL G 47 36.01 -5.98 -31.40
N ALA G 48 36.75 -5.10 -30.73
CA ALA G 48 36.29 -3.75 -30.46
C ALA G 48 37.46 -2.79 -30.63
N VAL G 49 37.17 -1.55 -31.02
CA VAL G 49 38.19 -0.63 -31.54
C VAL G 49 38.26 0.64 -30.69
N ILE G 50 39.46 0.98 -30.24
CA ILE G 50 39.77 2.25 -29.62
C ILE G 50 40.34 3.16 -30.71
N ALA G 51 39.57 4.16 -31.14
CA ALA G 51 39.92 4.99 -32.29
C ALA G 51 39.99 6.44 -31.84
N ILE G 52 41.21 6.97 -31.75
CA ILE G 52 41.46 8.32 -31.30
C ILE G 52 41.67 9.21 -32.52
N THR G 53 40.79 10.19 -32.70
CA THR G 53 40.95 11.16 -33.77
C THR G 53 42.17 12.03 -33.52
N ASN G 54 42.49 12.85 -34.52
CA ASN G 54 43.70 13.67 -34.45
C ASN G 54 43.54 14.84 -33.48
N GLU G 55 42.30 15.24 -33.19
CA GLU G 55 41.95 16.20 -32.16
C GLU G 55 41.88 15.56 -30.77
N ASN G 56 42.62 14.47 -30.56
CA ASN G 56 42.70 13.79 -29.27
C ASN G 56 41.31 13.42 -28.73
N LYS G 57 40.41 13.04 -29.63
CA LYS G 57 39.06 12.62 -29.25
C LYS G 57 38.86 11.13 -29.56
N ILE G 58 38.04 10.49 -28.74
CA ILE G 58 37.73 9.07 -28.91
C ILE G 58 36.43 8.93 -29.69
N VAL G 59 36.40 7.94 -30.60
CA VAL G 59 35.28 7.70 -31.49
C VAL G 59 34.36 6.64 -30.88
N MET G 60 33.07 6.95 -30.76
CA MET G 60 32.13 6.00 -30.19
C MET G 60 30.85 6.01 -30.98
N VAL G 61 29.94 5.10 -30.63
CA VAL G 61 28.65 4.94 -31.30
C VAL G 61 27.60 4.67 -30.24
N GLU G 62 26.39 5.16 -30.47
CA GLU G 62 25.31 4.99 -29.52
C GLU G 62 24.34 3.92 -30.03
N GLN G 63 24.09 2.91 -29.20
CA GLN G 63 23.38 1.70 -29.61
C GLN G 63 22.36 1.31 -28.56
N TYR G 64 21.19 0.87 -29.01
CA TYR G 64 20.23 0.30 -28.08
C TYR G 64 20.71 -1.08 -27.66
N ARG G 65 20.70 -1.35 -26.36
CA ARG G 65 21.05 -2.66 -25.82
C ARG G 65 19.80 -3.24 -25.20
N LYS G 66 19.12 -4.10 -25.96
CA LYS G 66 17.88 -4.70 -25.48
C LYS G 66 18.00 -5.22 -24.06
N PRO G 67 19.04 -5.97 -23.69
CA PRO G 67 19.06 -6.54 -22.33
C PRO G 67 18.96 -5.48 -21.24
N LEU G 68 19.45 -4.27 -21.52
CA LEU G 68 19.44 -3.16 -20.58
C LEU G 68 18.20 -2.28 -20.72
N GLU G 69 17.38 -2.51 -21.74
CA GLU G 69 16.28 -1.63 -22.09
C GLU G 69 16.76 -0.17 -22.08
N LYS G 70 17.73 0.09 -22.96
CA LYS G 70 18.40 1.39 -22.97
C LYS G 70 19.47 1.42 -24.06
N SER G 71 19.74 2.60 -24.61
CA SER G 71 20.88 2.79 -25.49
C SER G 71 22.02 3.38 -24.67
N ILE G 72 23.24 2.94 -24.98
CA ILE G 72 24.45 3.39 -24.31
C ILE G 72 25.49 3.73 -25.37
N VAL G 73 26.52 4.43 -24.95
CA VAL G 73 27.59 4.90 -25.81
C VAL G 73 28.79 3.97 -25.65
N GLU G 74 29.24 3.38 -26.76
CA GLU G 74 30.29 2.35 -26.79
C GLU G 74 31.33 2.64 -27.87
N ILE G 75 32.53 2.11 -27.68
CA ILE G 75 33.51 2.02 -28.74
C ILE G 75 33.02 1.03 -29.80
N PRO G 76 33.38 1.21 -31.07
CA PRO G 76 32.91 0.27 -32.10
C PRO G 76 33.41 -1.13 -31.85
N ALA G 77 32.51 -2.10 -32.04
CA ALA G 77 32.81 -3.49 -31.74
C ALA G 77 32.19 -4.38 -32.80
N GLY G 78 32.96 -5.36 -33.24
CA GLY G 78 32.50 -6.29 -34.27
C GLY G 78 32.66 -7.72 -33.82
N LYS G 79 31.63 -8.52 -34.12
CA LYS G 79 31.64 -9.94 -33.79
C LYS G 79 32.74 -10.67 -34.57
N LEU G 80 33.65 -11.30 -33.83
CA LEU G 80 34.75 -12.02 -34.47
C LEU G 80 34.22 -13.18 -35.29
N GLU G 81 34.83 -13.41 -36.44
CA GLU G 81 34.24 -14.31 -37.41
C GLU G 81 35.18 -15.45 -37.77
N GLY G 83 37.48 -18.37 -37.90
CA GLY G 83 37.68 -18.19 -39.33
C GLY G 83 38.29 -16.85 -39.69
N GLU G 84 37.78 -15.78 -39.10
CA GLU G 84 38.23 -14.43 -39.38
C GLU G 84 39.51 -14.10 -38.63
N ASP G 85 40.39 -13.34 -39.31
CA ASP G 85 41.47 -12.62 -38.64
C ASP G 85 40.87 -11.47 -37.83
N PRO G 86 41.31 -11.29 -36.57
CA PRO G 86 40.75 -10.18 -35.77
C PRO G 86 41.03 -8.80 -36.34
N ARG G 87 42.31 -8.50 -36.63
CA ARG G 87 42.69 -7.21 -37.19
C ARG G 87 41.84 -6.82 -38.39
N ILE G 88 41.34 -7.82 -39.14
CA ILE G 88 40.58 -7.52 -40.34
C ILE G 88 39.13 -7.20 -39.99
N THR G 89 38.54 -7.99 -39.09
CA THR G 89 37.22 -7.63 -38.57
C THR G 89 37.25 -6.25 -37.92
N ALA G 90 38.37 -5.88 -37.29
CA ALA G 90 38.47 -4.57 -36.65
C ALA G 90 38.42 -3.45 -37.69
N LEU G 91 39.28 -3.54 -38.72
CA LEU G 91 39.27 -2.56 -39.79
C LEU G 91 37.88 -2.43 -40.40
N ARG G 92 37.29 -3.56 -40.81
CA ARG G 92 35.93 -3.54 -41.32
C ARG G 92 35.00 -2.78 -40.38
N GLU G 93 35.00 -3.16 -39.10
CA GLU G 93 34.04 -2.58 -38.16
C GLU G 93 34.25 -1.07 -38.01
N LEU G 94 35.48 -0.66 -37.71
CA LEU G 94 35.79 0.77 -37.65
C LEU G 94 35.23 1.48 -38.87
N GLU G 95 35.62 1.02 -40.05
CA GLU G 95 35.23 1.73 -41.27
C GLU G 95 33.72 1.64 -41.48
N GLU G 96 33.12 0.46 -41.28
CA GLU G 96 31.70 0.29 -41.58
C GLU G 96 30.79 0.85 -40.48
N GLU G 97 31.33 1.19 -39.32
CA GLU G 97 30.53 1.78 -38.26
C GLU G 97 30.71 3.28 -38.14
N THR G 98 31.88 3.78 -38.53
CA THR G 98 32.26 5.16 -38.33
C THR G 98 32.67 5.89 -39.61
N GLY G 99 33.06 5.18 -40.67
CA GLY G 99 33.62 5.78 -41.86
C GLY G 99 35.11 6.08 -41.77
N TYR G 100 35.76 5.79 -40.64
CA TYR G 100 37.18 6.10 -40.47
C TYR G 100 38.11 4.98 -40.91
N GLU G 101 39.40 5.25 -40.68
CA GLU G 101 40.51 4.49 -41.22
C GLU G 101 41.78 4.85 -40.51
N CYS G 102 42.78 4.02 -40.72
CA CYS G 102 43.95 4.14 -39.90
C CYS G 102 45.18 3.71 -40.67
N GLU G 103 46.25 4.44 -40.41
CA GLU G 103 47.58 3.96 -40.75
C GLU G 103 47.89 2.70 -39.97
N GLN G 104 47.50 2.65 -38.70
CA GLN G 104 47.83 1.58 -37.78
C GLN G 104 46.55 1.06 -37.12
N MET G 105 46.58 -0.22 -36.72
CA MET G 105 45.48 -0.94 -36.04
C MET G 105 46.09 -2.06 -35.21
N GLU G 106 46.69 -1.70 -34.08
CA GLU G 106 47.47 -2.63 -33.27
C GLU G 106 46.59 -3.28 -32.19
N TRP G 107 46.86 -4.55 -31.91
CA TRP G 107 46.14 -5.26 -30.84
C TRP G 107 46.64 -4.80 -29.48
N LEU G 108 45.68 -4.57 -28.57
CA LEU G 108 45.98 -4.01 -27.26
C LEU G 108 45.80 -5.01 -26.13
N ILE G 109 44.66 -5.70 -26.08
CA ILE G 109 44.35 -6.55 -24.92
C ILE G 109 43.12 -7.40 -25.23
N SER G 110 43.09 -8.62 -24.67
CA SER G 110 41.95 -9.51 -24.73
C SER G 110 41.51 -9.84 -23.31
N PHE G 111 40.21 -10.03 -23.11
CA PHE G 111 39.69 -10.34 -21.78
C PHE G 111 38.31 -10.95 -21.91
N ALA G 112 37.92 -11.70 -20.87
CA ALA G 112 36.57 -12.23 -20.76
C ALA G 112 35.65 -11.18 -20.13
N THR G 113 34.42 -11.05 -20.65
CA THR G 113 33.52 -10.04 -20.07
C THR G 113 32.95 -10.48 -18.74
N SER G 114 32.48 -11.72 -18.62
CA SER G 114 31.91 -12.22 -17.37
C SER G 114 32.20 -13.70 -17.21
N PRO G 115 33.39 -14.05 -16.73
CA PRO G 115 33.79 -15.48 -16.70
C PRO G 115 33.03 -16.32 -15.70
N GLY G 116 32.25 -15.72 -14.80
CA GLY G 116 31.43 -16.52 -13.90
C GLY G 116 30.34 -17.30 -14.60
N PHE G 117 29.97 -16.92 -15.83
CA PHE G 117 28.92 -17.68 -16.53
C PHE G 117 29.09 -17.70 -18.05
N ALA G 118 29.94 -16.84 -18.60
CA ALA G 118 30.04 -16.70 -20.04
C ALA G 118 31.47 -16.90 -20.52
N ASP G 119 31.61 -17.45 -21.72
CA ASP G 119 32.93 -17.60 -22.32
C ASP G 119 33.20 -16.54 -23.36
N GLU G 120 32.41 -15.47 -23.39
CA GLU G 120 32.65 -14.38 -24.33
C GLU G 120 34.00 -13.75 -24.05
N ILE G 121 34.80 -13.61 -25.10
CA ILE G 121 36.09 -12.92 -25.05
C ILE G 121 36.05 -11.73 -26.00
N ILE G 122 36.56 -10.58 -25.55
CA ILE G 122 36.65 -9.39 -26.37
C ILE G 122 38.13 -9.12 -26.63
N HIS G 123 38.44 -8.75 -27.89
CA HIS G 123 39.80 -8.41 -28.29
C HIS G 123 39.82 -6.95 -28.71
N ILE G 124 40.53 -6.12 -27.95
CA ILE G 124 40.53 -4.68 -28.17
C ILE G 124 41.72 -4.30 -29.04
N TYR G 125 41.45 -3.61 -30.13
CA TYR G 125 42.48 -3.05 -31.00
C TYR G 125 42.48 -1.52 -30.96
N VAL G 126 43.67 -0.95 -31.09
CA VAL G 126 43.87 0.49 -31.13
C VAL G 126 44.09 0.93 -32.58
N ALA G 127 43.28 1.87 -33.04
CA ALA G 127 43.43 2.49 -34.35
C ALA G 127 44.11 3.84 -34.21
N LYS G 128 45.14 4.07 -35.00
CA LYS G 128 45.96 5.27 -34.90
C LYS G 128 46.00 5.98 -36.25
N GLY G 129 45.92 7.31 -36.22
CA GLY G 129 45.99 8.12 -37.42
C GLY G 129 44.84 7.89 -38.37
N LEU G 130 43.69 8.48 -38.08
CA LEU G 130 42.46 8.19 -38.80
C LEU G 130 42.16 9.24 -39.86
N SER G 131 41.24 8.90 -40.77
CA SER G 131 40.82 9.81 -41.83
C SER G 131 39.41 9.45 -42.27
N LYS G 132 38.73 10.42 -42.89
CA LYS G 132 37.42 10.17 -43.49
C LYS G 132 37.33 10.79 -44.88
N VAL G 145 23.83 9.79 -38.01
CA VAL G 145 24.18 8.43 -37.63
C VAL G 145 24.33 8.32 -36.09
N ASP G 146 24.63 7.12 -35.61
CA ASP G 146 24.93 6.90 -34.19
C ASP G 146 26.25 7.51 -33.76
N LEU G 147 27.02 8.05 -34.70
CA LEU G 147 28.41 8.39 -34.45
C LEU G 147 28.55 9.49 -33.41
N ILE G 148 29.57 9.36 -32.57
CA ILE G 148 29.87 10.31 -31.51
C ILE G 148 31.38 10.34 -31.33
N GLU G 149 31.93 11.53 -31.12
CA GLU G 149 33.34 11.68 -30.78
C GLU G 149 33.42 12.58 -29.56
N LEU G 150 34.22 12.17 -28.58
CA LEU G 150 34.26 12.84 -27.30
C LEU G 150 35.70 13.14 -26.91
N THR G 151 35.91 14.33 -26.36
CA THR G 151 37.12 14.58 -25.63
C THR G 151 37.19 13.68 -24.39
N LEU G 152 38.36 13.67 -23.75
CA LEU G 152 38.50 12.91 -22.51
C LEU G 152 37.51 13.40 -21.46
N ASP G 153 37.51 14.71 -21.19
CA ASP G 153 36.64 15.19 -20.13
C ASP G 153 35.18 14.95 -20.46
N GLU G 154 34.82 14.99 -21.75
CA GLU G 154 33.46 14.64 -22.14
C GLU G 154 33.16 13.18 -21.84
N ALA G 155 34.08 12.28 -22.20
CA ALA G 155 33.93 10.87 -21.87
C ALA G 155 33.77 10.65 -20.36
N LEU G 156 34.57 11.34 -19.56
CA LEU G 156 34.45 11.16 -18.11
C LEU G 156 33.11 11.65 -17.60
N GLN G 157 32.57 12.70 -18.21
CA GLN G 157 31.24 13.17 -17.84
C GLN G 157 30.18 12.17 -18.27
N TYR G 158 30.37 11.54 -19.43
CA TYR G 158 29.44 10.50 -19.87
C TYR G 158 29.48 9.32 -18.92
N ILE G 159 30.65 9.00 -18.36
CA ILE G 159 30.70 7.98 -17.30
C ILE G 159 29.94 8.46 -16.06
N LYS G 160 30.19 9.70 -15.63
CA LYS G 160 29.43 10.24 -14.51
C LYS G 160 27.93 10.11 -14.75
N GLU G 161 27.50 10.37 -15.99
CA GLU G 161 26.08 10.30 -16.28
C GLU G 161 25.62 8.88 -16.60
N GLN G 162 26.54 7.91 -16.66
CA GLN G 162 26.26 6.52 -16.99
C GLN G 162 25.65 6.36 -18.39
N ARG G 163 26.02 7.28 -19.31
CA ARG G 163 25.79 7.04 -20.73
C ARG G 163 26.85 6.12 -21.31
N ILE G 164 28.05 6.18 -20.75
CA ILE G 164 29.04 5.13 -20.92
C ILE G 164 28.85 4.16 -19.77
N TYR G 165 28.66 2.88 -20.09
CA TYR G 165 28.12 1.98 -19.09
C TYR G 165 28.45 0.52 -19.42
N ASP G 166 29.57 0.24 -20.06
CA ASP G 166 29.88 -1.17 -20.29
C ASP G 166 31.38 -1.36 -20.24
N SER G 167 31.80 -2.59 -19.92
CA SER G 167 33.18 -2.80 -19.48
C SER G 167 34.20 -2.37 -20.55
N LYS G 168 33.96 -2.73 -21.82
CA LYS G 168 34.94 -2.43 -22.88
C LYS G 168 35.09 -0.93 -23.09
N THR G 169 34.00 -0.17 -23.02
CA THR G 169 34.10 1.27 -23.20
C THR G 169 34.71 1.93 -21.97
N VAL G 170 34.47 1.41 -20.78
CA VAL G 170 35.16 1.92 -19.61
C VAL G 170 36.66 1.69 -19.75
N ILE G 171 37.05 0.49 -20.17
CA ILE G 171 38.47 0.23 -20.38
C ILE G 171 39.05 1.22 -21.40
N ALA G 172 38.29 1.52 -22.46
CA ALA G 172 38.79 2.45 -23.47
C ALA G 172 38.99 3.83 -22.87
N VAL G 173 38.00 4.32 -22.10
CA VAL G 173 38.10 5.65 -21.52
C VAL G 173 39.26 5.71 -20.52
N GLN G 174 39.42 4.66 -19.71
CA GLN G 174 40.55 4.62 -18.79
C GLN G 174 41.87 4.61 -19.55
N TYR G 175 41.90 3.92 -20.69
CA TYR G 175 43.13 3.88 -21.49
C TYR G 175 43.48 5.27 -22.01
N LEU G 176 42.47 5.98 -22.56
CA LEU G 176 42.68 7.37 -22.92
C LEU G 176 43.19 8.16 -21.73
N GLN G 177 42.65 7.91 -20.53
CA GLN G 177 43.13 8.57 -19.33
C GLN G 177 44.62 8.29 -19.11
N LEU G 178 45.01 7.01 -19.17
CA LEU G 178 46.40 6.64 -18.93
C LEU G 178 47.35 7.29 -19.93
N GLN G 179 46.96 7.31 -21.21
CA GLN G 179 47.81 7.95 -22.22
C GLN G 179 48.13 9.38 -21.82
N GLU G 180 47.10 10.22 -21.69
CA GLU G 180 47.29 11.60 -21.27
C GLU G 180 47.94 11.71 -19.89
N ALA G 181 47.80 10.67 -19.06
CA ALA G 181 48.26 10.78 -17.67
C ALA G 181 49.75 11.09 -17.61
N LEU G 182 50.55 10.47 -18.46
CA LEU G 182 52.01 10.61 -18.43
C LEU G 182 52.50 11.11 -19.79
N LYS G 183 52.53 12.44 -19.94
CA LYS G 183 53.03 13.08 -21.15
C LYS G 183 53.64 14.44 -20.84
N GLU H 6 15.05 2.36 -30.13
CA GLU H 6 14.75 1.29 -29.17
C GLU H 6 13.89 0.18 -29.79
N GLU H 7 14.02 -1.02 -29.23
CA GLU H 7 13.51 -2.25 -29.83
C GLU H 7 12.41 -2.82 -28.94
N LYS H 8 11.16 -2.80 -29.44
CA LYS H 8 10.00 -3.13 -28.62
C LYS H 8 9.72 -4.63 -28.64
N THR H 9 9.48 -5.19 -27.46
CA THR H 9 9.18 -6.61 -27.32
C THR H 9 7.74 -6.88 -27.72
N ILE H 10 7.55 -7.65 -28.79
CA ILE H 10 6.21 -8.04 -29.16
C ILE H 10 5.83 -9.39 -28.54
N LYS H 11 6.79 -10.30 -28.40
CA LYS H 11 6.55 -11.64 -27.85
C LYS H 11 7.75 -12.07 -27.02
N THR H 12 7.49 -12.56 -25.81
CA THR H 12 8.51 -13.11 -24.92
C THR H 12 8.37 -14.61 -24.82
N GLU H 13 9.47 -15.29 -24.50
CA GLU H 13 9.45 -16.74 -24.30
C GLU H 13 10.54 -17.14 -23.31
N GLN H 14 10.13 -17.64 -22.15
CA GLN H 14 11.07 -18.15 -21.16
C GLN H 14 11.72 -19.44 -21.66
N ILE H 15 13.04 -19.41 -21.81
CA ILE H 15 13.78 -20.59 -22.24
C ILE H 15 14.29 -21.40 -21.07
N PHE H 16 14.83 -20.73 -20.05
CA PHE H 16 15.48 -21.43 -18.95
C PHE H 16 15.50 -20.49 -17.76
N SER H 17 15.44 -21.06 -16.56
CA SER H 17 15.60 -20.28 -15.33
C SER H 17 16.39 -21.12 -14.34
N GLY H 18 17.64 -20.71 -14.10
CA GLY H 18 18.50 -21.45 -13.21
C GLY H 18 18.84 -20.66 -11.97
N ARG H 19 19.84 -21.12 -11.23
CA ARG H 19 20.25 -20.44 -10.01
C ARG H 19 20.96 -19.13 -10.30
N VAL H 20 21.66 -19.05 -11.43
CA VAL H 20 22.48 -17.90 -11.78
C VAL H 20 22.00 -17.25 -13.06
N VAL H 21 21.60 -18.05 -14.04
CA VAL H 21 21.32 -17.60 -15.39
C VAL H 21 19.84 -17.83 -15.65
N LYS H 22 19.16 -16.79 -16.13
CA LYS H 22 17.81 -16.87 -16.67
C LYS H 22 17.90 -16.45 -18.13
N LEU H 23 17.37 -17.27 -19.02
CA LEU H 23 17.43 -17.00 -20.45
C LEU H 23 16.02 -16.85 -21.01
N GLN H 24 15.85 -15.85 -21.86
CA GLN H 24 14.59 -15.63 -22.56
C GLN H 24 14.91 -15.18 -23.98
N VAL H 25 13.96 -15.41 -24.89
CA VAL H 25 14.04 -14.90 -26.24
C VAL H 25 12.87 -13.95 -26.44
N ASP H 26 13.16 -12.75 -26.94
CA ASP H 26 12.16 -11.73 -27.23
C ASP H 26 12.10 -11.51 -28.72
N ASP H 27 10.90 -11.62 -29.30
CA ASP H 27 10.70 -11.06 -30.63
C ASP H 27 10.54 -9.56 -30.46
N VAL H 28 11.32 -8.79 -31.20
CA VAL H 28 11.25 -7.33 -31.15
C VAL H 28 11.00 -6.82 -32.56
N GLU H 29 10.36 -5.66 -32.64
CA GLU H 29 10.23 -4.97 -33.91
C GLU H 29 11.20 -3.79 -33.90
N LEU H 30 12.14 -3.79 -34.85
CA LEU H 30 13.10 -2.72 -34.96
C LEU H 30 12.38 -1.45 -35.39
N PRO H 31 13.04 -0.30 -35.27
CA PRO H 31 12.42 0.95 -35.74
C PRO H 31 12.02 0.93 -37.21
N ASN H 32 12.81 0.28 -38.07
CA ASN H 32 12.52 0.23 -39.50
C ASN H 32 11.27 -0.59 -39.85
N GLY H 33 10.45 -0.99 -38.87
CA GLY H 33 9.27 -1.79 -39.12
C GLY H 33 9.50 -3.29 -39.23
N GLN H 34 10.75 -3.74 -39.31
CA GLN H 34 11.07 -5.15 -39.45
C GLN H 34 11.06 -5.82 -38.07
N THR H 35 11.26 -7.14 -38.06
CA THR H 35 11.16 -7.96 -36.87
C THR H 35 12.46 -8.73 -36.64
N SER H 36 12.86 -8.86 -35.38
CA SER H 36 14.09 -9.55 -35.03
C SER H 36 13.89 -10.30 -33.73
N LYS H 37 14.87 -11.16 -33.40
CA LYS H 37 14.87 -11.93 -32.17
C LYS H 37 16.06 -11.51 -31.32
N ARG H 38 15.81 -11.30 -30.03
CA ARG H 38 16.84 -10.92 -29.06
C ARG H 38 16.92 -12.00 -27.98
N GLU H 39 18.03 -12.71 -27.95
CA GLU H 39 18.32 -13.67 -26.89
C GLU H 39 18.92 -12.92 -25.69
N ILE H 40 18.26 -12.98 -24.54
CA ILE H 40 18.59 -12.15 -23.38
C ILE H 40 18.86 -13.03 -22.17
N VAL H 41 20.04 -12.88 -21.58
CA VAL H 41 20.40 -13.55 -20.35
C VAL H 41 20.23 -12.58 -19.19
N ARG H 42 19.54 -13.02 -18.15
CA ARG H 42 19.30 -12.17 -16.99
C ARG H 42 20.10 -12.70 -15.81
N HIS H 43 20.67 -11.78 -15.04
CA HIS H 43 21.71 -12.05 -14.08
C HIS H 43 21.54 -11.14 -12.88
N PRO H 44 21.93 -11.61 -11.69
CA PRO H 44 21.68 -10.80 -10.48
C PRO H 44 22.50 -9.52 -10.40
N GLY H 45 23.62 -9.43 -11.07
CA GLY H 45 24.52 -8.34 -10.79
C GLY H 45 25.44 -8.65 -9.63
N ALA H 46 26.56 -7.94 -9.57
CA ALA H 46 27.65 -8.26 -8.67
C ALA H 46 28.27 -7.00 -8.12
N VAL H 47 28.94 -7.15 -6.98
CA VAL H 47 29.85 -6.14 -6.46
C VAL H 47 31.27 -6.69 -6.59
N ALA H 48 32.21 -5.82 -6.88
CA ALA H 48 33.63 -6.13 -6.85
C ALA H 48 34.34 -5.07 -6.04
N VAL H 49 35.43 -5.46 -5.38
CA VAL H 49 36.15 -4.57 -4.48
C VAL H 49 37.58 -4.41 -4.97
N ILE H 50 37.98 -3.16 -5.19
CA ILE H 50 39.40 -2.83 -5.32
C ILE H 50 39.87 -2.51 -3.91
N ALA H 51 40.72 -3.38 -3.36
CA ALA H 51 41.26 -3.22 -2.01
C ALA H 51 42.77 -3.15 -2.12
N ILE H 52 43.35 -2.03 -1.70
CA ILE H 52 44.79 -1.79 -1.80
C ILE H 52 45.38 -1.74 -0.40
N THR H 53 46.39 -2.56 -0.15
CA THR H 53 47.08 -2.54 1.14
C THR H 53 47.98 -1.31 1.22
N ASN H 54 48.19 -0.85 2.46
CA ASN H 54 49.06 0.30 2.68
C ASN H 54 50.45 0.09 2.08
N GLU H 55 50.87 -1.17 1.88
CA GLU H 55 52.10 -1.45 1.16
C GLU H 55 51.97 -1.26 -0.35
N ASN H 56 50.80 -0.82 -0.84
CA ASN H 56 50.60 -0.52 -2.26
C ASN H 56 50.41 -1.76 -3.13
N LYS H 57 49.87 -2.84 -2.55
CA LYS H 57 49.68 -4.09 -3.28
C LYS H 57 48.20 -4.35 -3.45
N ILE H 58 47.80 -4.76 -4.66
CA ILE H 58 46.39 -5.02 -4.95
C ILE H 58 46.03 -6.44 -4.51
N VAL H 59 44.99 -6.57 -3.69
CA VAL H 59 44.50 -7.88 -3.29
C VAL H 59 43.73 -8.52 -4.43
N MET H 60 43.96 -9.82 -4.63
CA MET H 60 43.29 -10.53 -5.70
C MET H 60 43.14 -12.00 -5.28
N VAL H 61 42.31 -12.73 -6.02
CA VAL H 61 42.12 -14.15 -5.77
C VAL H 61 42.10 -14.88 -7.10
N GLU H 62 42.67 -16.08 -7.11
CA GLU H 62 42.62 -16.95 -8.26
C GLU H 62 41.64 -18.09 -8.00
N GLN H 63 40.84 -18.42 -9.01
CA GLN H 63 39.86 -19.49 -8.90
C GLN H 63 39.53 -19.97 -10.30
N TYR H 64 38.86 -21.13 -10.36
CA TYR H 64 38.51 -21.73 -11.63
C TYR H 64 37.22 -21.11 -12.17
N ARG H 65 37.21 -20.84 -13.47
CA ARG H 65 36.04 -20.30 -14.15
C ARG H 65 35.63 -21.30 -15.22
N LYS H 66 34.64 -22.13 -14.91
CA LYS H 66 34.26 -23.22 -15.78
C LYS H 66 33.98 -22.78 -17.21
N PRO H 67 33.31 -21.66 -17.47
CA PRO H 67 33.06 -21.26 -18.86
C PRO H 67 34.32 -21.10 -19.68
N LEU H 68 35.44 -20.75 -19.05
CA LEU H 68 36.70 -20.58 -19.77
C LEU H 68 37.58 -21.82 -19.71
N GLU H 69 37.21 -22.80 -18.87
CA GLU H 69 38.08 -23.94 -18.54
C GLU H 69 39.48 -23.47 -18.19
N LYS H 70 39.54 -22.36 -17.45
CA LYS H 70 40.79 -21.78 -16.97
C LYS H 70 40.57 -21.21 -15.58
N SER H 71 41.66 -21.13 -14.82
CA SER H 71 41.68 -20.34 -13.60
C SER H 71 42.27 -18.98 -13.95
N ILE H 72 41.67 -17.92 -13.40
CA ILE H 72 42.15 -16.57 -13.66
C ILE H 72 42.33 -15.85 -12.33
N VAL H 73 43.08 -14.76 -12.39
CA VAL H 73 43.36 -13.91 -11.24
C VAL H 73 42.43 -12.71 -11.30
N GLU H 74 41.54 -12.58 -10.32
CA GLU H 74 40.54 -11.51 -10.29
C GLU H 74 40.54 -10.79 -8.95
N ILE H 75 39.91 -9.61 -8.93
CA ILE H 75 39.64 -8.93 -7.66
C ILE H 75 38.48 -9.64 -6.97
N PRO H 76 38.29 -9.44 -5.66
CA PRO H 76 37.16 -10.08 -4.97
C PRO H 76 35.82 -9.53 -5.44
N ALA H 77 34.83 -10.42 -5.47
CA ALA H 77 33.51 -10.09 -6.02
C ALA H 77 32.49 -11.08 -5.47
N GLY H 78 31.23 -10.66 -5.49
CA GLY H 78 30.15 -11.52 -5.05
C GLY H 78 28.85 -11.04 -5.64
N LYS H 79 27.84 -11.92 -5.58
CA LYS H 79 26.53 -11.60 -6.15
C LYS H 79 25.77 -10.62 -5.27
N LEU H 80 24.92 -9.82 -5.91
CA LEU H 80 23.96 -8.99 -5.18
C LEU H 80 22.94 -9.86 -4.47
N GLU H 81 22.33 -9.30 -3.43
CA GLU H 81 21.31 -9.98 -2.64
C GLU H 81 20.13 -9.05 -2.44
N LYS H 82 18.96 -9.46 -2.95
CA LYS H 82 17.75 -8.65 -2.96
C LYS H 82 17.51 -7.94 -1.64
N GLY H 83 16.95 -6.73 -1.70
CA GLY H 83 16.63 -5.98 -0.50
C GLY H 83 17.84 -5.49 0.27
N GLU H 84 19.05 -5.67 -0.25
CA GLU H 84 20.28 -5.32 0.44
C GLU H 84 21.03 -4.23 -0.31
N ASP H 85 21.70 -3.38 0.46
CA ASP H 85 22.48 -2.28 -0.10
C ASP H 85 23.76 -2.84 -0.68
N PRO H 86 24.06 -2.61 -1.97
CA PRO H 86 25.28 -3.16 -2.55
C PRO H 86 26.54 -2.86 -1.75
N ARG H 87 26.60 -1.70 -1.09
CA ARG H 87 27.80 -1.34 -0.34
C ARG H 87 27.99 -2.31 0.83
N ILE H 88 26.89 -2.66 1.50
CA ILE H 88 26.94 -3.65 2.57
C ILE H 88 27.47 -4.98 2.02
N THR H 89 26.95 -5.39 0.86
CA THR H 89 27.39 -6.63 0.22
C THR H 89 28.89 -6.65 -0.03
N ALA H 90 29.45 -5.50 -0.43
CA ALA H 90 30.87 -5.45 -0.74
C ALA H 90 31.73 -5.62 0.50
N LEU H 91 31.23 -5.17 1.65
CA LEU H 91 31.98 -5.34 2.90
C LEU H 91 32.12 -6.82 3.25
N ARG H 92 31.00 -7.56 3.23
CA ARG H 92 31.04 -9.01 3.47
C ARG H 92 32.05 -9.72 2.57
N GLU H 93 31.98 -9.46 1.26
CA GLU H 93 32.85 -10.15 0.32
C GLU H 93 34.32 -9.93 0.63
N LEU H 94 34.70 -8.69 0.94
CA LEU H 94 36.10 -8.42 1.28
C LEU H 94 36.52 -9.21 2.51
N GLU H 95 35.72 -9.15 3.58
CA GLU H 95 36.01 -9.87 4.80
C GLU H 95 36.10 -11.36 4.54
N GLU H 96 34.95 -11.99 4.30
CA GLU H 96 34.90 -13.44 4.14
C GLU H 96 35.84 -13.95 3.05
N GLU H 97 36.02 -13.19 1.96
CA GLU H 97 36.95 -13.61 0.91
C GLU H 97 38.39 -13.23 1.20
N THR H 98 38.64 -12.33 2.16
CA THR H 98 39.99 -11.84 2.37
C THR H 98 40.36 -11.62 3.83
N GLY H 99 39.41 -11.66 4.76
CA GLY H 99 39.68 -11.30 6.14
C GLY H 99 39.98 -9.83 6.36
N TYR H 100 40.18 -9.06 5.30
CA TYR H 100 40.48 -7.64 5.44
C TYR H 100 39.24 -6.86 5.83
N GLU H 101 39.48 -5.65 6.31
CA GLU H 101 38.41 -4.71 6.65
C GLU H 101 38.87 -3.33 6.20
N CYS H 102 37.92 -2.40 6.10
CA CYS H 102 38.25 -1.07 5.60
C CYS H 102 37.65 -0.01 6.50
N GLU H 103 38.19 1.20 6.36
CA GLU H 103 37.59 2.38 6.97
C GLU H 103 36.40 2.86 6.14
N GLN H 104 36.61 3.06 4.85
CA GLN H 104 35.58 3.52 3.95
C GLN H 104 35.48 2.58 2.77
N MET H 105 34.26 2.26 2.37
CA MET H 105 33.99 1.40 1.21
C MET H 105 33.23 2.29 0.22
N GLU H 106 33.95 2.83 -0.76
CA GLU H 106 33.49 3.94 -1.58
C GLU H 106 33.17 3.48 -3.01
N TRP H 107 31.93 3.72 -3.43
CA TRP H 107 31.53 3.36 -4.79
C TRP H 107 32.39 4.10 -5.81
N LEU H 108 32.93 3.36 -6.76
CA LEU H 108 33.75 3.94 -7.81
C LEU H 108 32.99 4.04 -9.14
N ILE H 109 32.30 2.99 -9.54
CA ILE H 109 31.70 2.93 -10.87
C ILE H 109 30.82 1.69 -10.98
N SER H 110 29.90 1.71 -11.94
CA SER H 110 29.02 0.60 -12.28
C SER H 110 28.96 0.48 -13.79
N PHE H 111 28.81 -0.74 -14.29
CA PHE H 111 28.74 -0.94 -15.74
C PHE H 111 28.20 -2.32 -16.05
N ALA H 112 27.66 -2.46 -17.25
CA ALA H 112 27.23 -3.75 -17.77
C ALA H 112 28.44 -4.51 -18.31
N THR H 113 28.55 -5.80 -17.93
CA THR H 113 29.68 -6.59 -18.39
C THR H 113 29.56 -6.91 -19.88
N SER H 114 28.35 -7.23 -20.33
CA SER H 114 28.17 -7.62 -21.73
C SER H 114 26.75 -7.32 -22.20
N PRO H 115 26.43 -6.05 -22.43
CA PRO H 115 25.04 -5.67 -22.67
C PRO H 115 24.50 -6.09 -24.04
N GLY H 116 25.31 -6.72 -24.88
CA GLY H 116 24.79 -7.27 -26.11
C GLY H 116 23.85 -8.44 -25.87
N PHE H 117 24.02 -9.17 -24.77
CA PHE H 117 23.09 -10.27 -24.49
C PHE H 117 22.73 -10.45 -23.02
N ALA H 118 23.35 -9.75 -22.10
CA ALA H 118 23.10 -9.96 -20.68
C ALA H 118 22.83 -8.64 -19.98
N ASP H 119 21.99 -8.70 -18.94
CA ASP H 119 21.71 -7.51 -18.15
C ASP H 119 22.59 -7.43 -16.90
N GLU H 120 23.67 -8.21 -16.85
CA GLU H 120 24.51 -8.21 -15.66
C GLU H 120 25.17 -6.86 -15.44
N ILE H 121 25.05 -6.34 -14.22
CA ILE H 121 25.63 -5.07 -13.83
C ILE H 121 26.63 -5.35 -12.72
N ILE H 122 27.82 -4.76 -12.82
CA ILE H 122 28.86 -4.83 -11.80
C ILE H 122 29.03 -3.47 -11.15
N HIS H 123 29.05 -3.45 -9.82
CA HIS H 123 29.32 -2.24 -9.05
C HIS H 123 30.66 -2.43 -8.36
N ILE H 124 31.64 -1.62 -8.76
CA ILE H 124 32.97 -1.68 -8.17
C ILE H 124 33.09 -0.64 -7.07
N TYR H 125 33.51 -1.08 -5.90
CA TYR H 125 33.84 -0.22 -4.78
C TYR H 125 35.35 -0.26 -4.53
N VAL H 126 35.85 0.79 -3.89
CA VAL H 126 37.24 0.90 -3.46
C VAL H 126 37.24 0.92 -1.93
N ALA H 127 37.92 -0.05 -1.34
CA ALA H 127 38.03 -0.13 0.12
C ALA H 127 39.27 0.63 0.57
N LYS H 128 39.08 1.60 1.45
CA LYS H 128 40.17 2.35 2.06
C LYS H 128 40.37 1.89 3.50
N GLY H 129 41.63 1.70 3.89
CA GLY H 129 41.98 1.21 5.22
C GLY H 129 41.83 -0.29 5.37
N PHE H 144 38.22 -23.65 -4.19
CA PHE H 144 38.29 -22.46 -3.34
C PHE H 144 38.95 -21.33 -4.14
N VAL H 145 39.67 -20.44 -3.46
CA VAL H 145 40.32 -19.31 -4.11
C VAL H 145 41.70 -19.11 -3.50
N ASP H 146 42.63 -18.62 -4.32
CA ASP H 146 44.02 -18.37 -3.91
C ASP H 146 44.19 -16.89 -3.62
N LEU H 147 44.41 -16.55 -2.34
CA LEU H 147 44.59 -15.17 -1.94
C LEU H 147 45.99 -14.71 -2.35
N ILE H 148 46.05 -13.68 -3.19
CA ILE H 148 47.29 -13.17 -3.74
C ILE H 148 47.34 -11.66 -3.49
N GLU H 149 48.53 -11.09 -3.64
CA GLU H 149 48.73 -9.65 -3.45
C GLU H 149 49.87 -9.21 -4.35
N LEU H 150 49.59 -8.30 -5.29
CA LEU H 150 50.57 -7.90 -6.30
C LEU H 150 50.87 -6.41 -6.21
N THR H 151 52.06 -6.05 -6.69
CA THR H 151 52.36 -4.67 -6.97
C THR H 151 51.81 -4.31 -8.36
N LEU H 152 51.88 -3.02 -8.68
CA LEU H 152 51.46 -2.61 -10.02
C LEU H 152 52.30 -3.31 -11.08
N ASP H 153 53.61 -3.42 -10.85
CA ASP H 153 54.50 -4.05 -11.82
C ASP H 153 54.09 -5.50 -12.05
N GLU H 154 53.68 -6.18 -10.97
CA GLU H 154 53.32 -7.59 -11.04
C GLU H 154 51.97 -7.78 -11.72
N ALA H 155 50.94 -7.08 -11.24
CA ALA H 155 49.65 -7.09 -11.93
C ALA H 155 49.81 -6.79 -13.41
N LEU H 156 50.74 -5.91 -13.77
CA LEU H 156 50.97 -5.62 -15.18
C LEU H 156 51.49 -6.84 -15.93
N GLN H 157 52.39 -7.60 -15.30
CA GLN H 157 52.87 -8.84 -15.91
C GLN H 157 51.76 -9.90 -15.92
N TYR H 158 50.88 -9.88 -14.91
CA TYR H 158 49.75 -10.81 -14.93
C TYR H 158 48.84 -10.56 -16.13
N ILE H 159 48.68 -9.30 -16.54
CA ILE H 159 47.92 -9.02 -17.76
C ILE H 159 48.71 -9.43 -18.98
N LYS H 160 50.01 -9.14 -19.01
CA LYS H 160 50.84 -9.55 -20.13
C LYS H 160 50.75 -11.07 -20.34
N GLU H 161 50.77 -11.83 -19.26
CA GLU H 161 50.67 -13.29 -19.32
C GLU H 161 49.24 -13.79 -19.40
N GLN H 162 48.26 -12.89 -19.38
CA GLN H 162 46.85 -13.25 -19.46
C GLN H 162 46.42 -14.15 -18.28
N ARG H 163 47.12 -14.05 -17.15
CA ARG H 163 46.56 -14.56 -15.90
C ARG H 163 45.42 -13.67 -15.40
N ILE H 164 45.58 -12.36 -15.53
CA ILE H 164 44.49 -11.41 -15.39
C ILE H 164 43.81 -11.32 -16.75
N TYR H 165 42.52 -11.63 -16.80
CA TYR H 165 41.90 -11.93 -18.09
C TYR H 165 40.39 -11.65 -18.09
N ASP H 166 39.94 -10.61 -17.39
CA ASP H 166 38.51 -10.35 -17.28
C ASP H 166 38.24 -8.88 -16.98
N SER H 167 37.09 -8.40 -17.48
CA SER H 167 36.84 -6.97 -17.60
C SER H 167 37.02 -6.27 -16.26
N LYS H 168 36.39 -6.79 -15.20
CA LYS H 168 36.38 -6.07 -13.94
C LYS H 168 37.77 -5.96 -13.33
N THR H 169 38.62 -6.95 -13.56
CA THR H 169 39.95 -6.90 -12.97
C THR H 169 40.90 -6.06 -13.81
N VAL H 170 40.70 -6.02 -15.14
CA VAL H 170 41.47 -5.09 -15.96
C VAL H 170 41.18 -3.66 -15.54
N ILE H 171 39.89 -3.36 -15.32
CA ILE H 171 39.51 -2.01 -14.91
C ILE H 171 40.21 -1.64 -13.61
N ALA H 172 40.29 -2.56 -12.65
CA ALA H 172 40.88 -2.25 -11.35
C ALA H 172 42.38 -1.98 -11.45
N VAL H 173 43.10 -2.70 -12.30
CA VAL H 173 44.53 -2.45 -12.45
C VAL H 173 44.75 -1.08 -13.06
N GLN H 174 43.95 -0.74 -14.06
CA GLN H 174 43.99 0.59 -14.66
C GLN H 174 43.71 1.67 -13.61
N TYR H 175 42.70 1.46 -12.76
CA TYR H 175 42.46 2.39 -11.67
C TYR H 175 43.69 2.54 -10.79
N LEU H 176 44.27 1.42 -10.34
CA LEU H 176 45.48 1.49 -9.52
C LEU H 176 46.61 2.18 -10.28
N GLN H 177 46.79 1.86 -11.56
CA GLN H 177 47.74 2.57 -12.41
C GLN H 177 47.46 4.07 -12.39
N LEU H 178 46.24 4.46 -12.73
CA LEU H 178 45.84 5.86 -12.64
C LEU H 178 46.24 6.45 -11.30
N GLN H 179 45.97 5.73 -10.20
CA GLN H 179 46.23 6.27 -8.87
C GLN H 179 47.72 6.50 -8.63
N GLU H 180 48.57 5.60 -9.12
CA GLU H 180 50.01 5.79 -8.94
C GLU H 180 50.51 7.03 -9.67
N ALA H 181 50.03 7.26 -10.90
CA ALA H 181 50.40 8.46 -11.66
C ALA H 181 50.33 9.70 -10.75
N LEU H 182 49.13 10.08 -10.34
CA LEU H 182 48.98 11.17 -9.39
C LEU H 182 49.50 10.78 -8.01
C1 PEG I . -9.53 -6.34 2.60
O1 PEG I . -10.51 -6.41 3.63
C2 PEG I . -10.12 -6.35 1.23
O2 PEG I . -10.23 -5.03 0.72
C3 PEG I . -11.27 -4.91 -0.25
C4 PEG I . -11.94 -3.58 -0.10
O4 PEG I . -13.31 -3.64 -0.50
C1 PEG J . -39.09 -4.75 8.65
O1 PEG J . -38.21 -5.83 8.92
C2 PEG J . -38.61 -3.95 7.48
O2 PEG J . -39.59 -2.98 7.12
C3 PEG J . -39.60 -2.71 5.71
C4 PEG J . -38.66 -1.59 5.41
O4 PEG J . -38.39 -1.51 4.01
O1 P6G K . -40.34 22.51 36.36
C2 P6G K . -40.87 22.62 35.04
C3 P6G K . -39.96 23.31 34.10
O4 P6G K . -39.59 22.40 33.08
C5 P6G K . -38.44 22.80 32.36
C6 P6G K . -37.44 21.71 32.32
O7 P6G K . -36.41 22.09 31.42
C8 P6G K . -35.11 21.86 31.96
C9 P6G K . -34.08 22.43 31.02
O10 P6G K . -32.96 21.54 30.93
C11 P6G K . -31.72 22.22 30.71
C12 P6G K . -30.65 21.20 30.45
O13 P6G K . -29.45 21.84 30.02
C14 P6G K . -28.52 20.96 29.40
C15 P6G K . -28.28 19.77 30.27
O16 P6G K . -27.18 19.04 29.78
C17 P6G K . -26.85 17.89 30.56
C18 P6G K . -26.56 18.29 31.96
O19 P6G K . -26.22 17.17 32.77
O1 P6G L . 22.64 0.71 -6.90
C2 P6G L . 23.92 0.12 -7.11
C3 P6G L . 25.01 0.87 -6.44
O4 P6G L . 24.65 2.24 -6.29
C5 P6G L . 25.73 3.13 -6.51
C6 P6G L . 25.27 4.55 -6.36
O7 P6G L . 25.53 5.28 -7.55
C8 P6G L . 24.67 6.41 -7.72
C9 P6G L . 24.54 6.70 -9.18
O10 P6G L . 24.21 8.07 -9.43
C11 P6G L . 23.27 8.26 -10.48
C12 P6G L . 23.97 8.63 -11.74
O13 P6G L . 23.04 8.83 -12.81
C14 P6G L . 22.64 10.20 -12.98
C15 P6G L . 21.56 10.28 -14.02
O16 P6G L . 20.98 11.59 -14.09
C17 P6G L . 19.87 11.76 -13.21
C18 P6G L . 18.60 11.88 -13.99
O19 P6G L . 17.52 11.26 -13.31
H1 P6G L . 22.06 0.50 -7.49
H21 P6G L . 24.09 0.09 -8.07
H22 P6G L . 23.89 -0.78 -6.76
H31 P6G L . 25.82 0.81 -6.97
H32 P6G L . 25.18 0.49 -5.56
H51 P6G L . 26.09 3.00 -7.40
H52 P6G L . 26.43 2.95 -5.86
H61 P6G L . 25.74 4.96 -5.62
H62 P6G L . 24.31 4.54 -6.18
H81 P6G L . 25.05 7.18 -7.27
H82 P6G L . 23.79 6.21 -7.35
H91 P6G L . 23.84 6.14 -9.55
H92 P6G L . 25.38 6.50 -9.62
H111 P6G L . 22.65 8.97 -10.24
H112 P6G L . 22.78 7.44 -10.63
H121 P6G L . 24.58 7.92 -11.99
H122 P6G L . 24.47 9.45 -11.61
H141 P6G L . 23.40 10.72 -13.26
H142 P6G L . 22.30 10.55 -12.14
H151 P6G L . 20.88 9.63 -13.81
H152 P6G L . 21.96 10.07 -14.89
H171 P6G L . 20.00 12.57 -12.69
H172 P6G L . 19.82 10.99 -12.63
H181 P6G L . 18.41 12.81 -14.13
H182 P6G L . 18.72 11.44 -14.85
H19 P6G L . 17.64 10.43 -13.14
#